data_3F52
# 
_entry.id   3F52 
# 
_audit_conform.dict_name       mmcif_pdbx.dic 
_audit_conform.dict_version    5.378 
_audit_conform.dict_location   http://mmcif.pdb.org/dictionaries/ascii/mmcif_pdbx.dic 
# 
loop_
_database_2.database_id 
_database_2.database_code 
_database_2.pdbx_database_accession 
_database_2.pdbx_DOI 
PDB   3F52         pdb_00003f52 10.2210/pdb3f52/pdb 
RCSB  RCSB050156   ?            ?                   
WWPDB D_1000050156 ?            ?                   
# 
_pdbx_database_related.db_name        PDB 
_pdbx_database_related.db_id          3F51 
_pdbx_database_related.details        'The same protein in a different crystal form with a different C-terminal conformation' 
_pdbx_database_related.content_type   unspecified 
# 
_pdbx_database_status.status_code                     REL 
_pdbx_database_status.entry_id                        3F52 
_pdbx_database_status.recvd_initial_deposition_date   2008-11-03 
_pdbx_database_status.deposit_site                    RCSB 
_pdbx_database_status.process_site                    RCSB 
_pdbx_database_status.status_code_sf                  REL 
_pdbx_database_status.status_code_mr                  ? 
_pdbx_database_status.SG_entry                        ? 
_pdbx_database_status.pdb_format_compatible           Y 
_pdbx_database_status.status_code_cs                  ? 
_pdbx_database_status.status_code_nmr_data            ? 
_pdbx_database_status.methods_development_category    ? 
# 
loop_
_audit_author.name 
_audit_author.pdbx_ordinal 
'Russo, S.'        1 
'Schweitzer, J.E.' 2 
'Polen, T.'        3 
'Bott, M.'         4 
'Pohl, E.'         5 
# 
_citation.id                        primary 
_citation.title                     
'Crystal structure of the caseinolytic protease gene regulator, a transcriptional activator in actinomycetes' 
_citation.journal_abbrev            J.Biol.Chem. 
_citation.journal_volume            284 
_citation.page_first                5208 
_citation.page_last                 5216 
_citation.year                      2009 
_citation.journal_id_ASTM           JBCHA3 
_citation.country                   US 
_citation.journal_id_ISSN           0021-9258 
_citation.journal_id_CSD            0071 
_citation.book_publisher            ? 
_citation.pdbx_database_id_PubMed   19019826 
_citation.pdbx_database_id_DOI      10.1074/jbc.M806591200 
# 
loop_
_citation_author.citation_id 
_citation_author.name 
_citation_author.ordinal 
_citation_author.identifier_ORCID 
primary 'Russo, S.'        1 ? 
primary 'Schweitzer, J.E.' 2 ? 
primary 'Polen, T.'        3 ? 
primary 'Bott, M.'         4 ? 
primary 'Pohl, E.'         5 ? 
# 
_cell.entry_id           3F52 
_cell.length_a           55.080 
_cell.length_b           55.080 
_cell.length_c           129.610 
_cell.angle_alpha        90.00 
_cell.angle_beta         90.00 
_cell.angle_gamma        90.00 
_cell.Z_PDB              16 
_cell.pdbx_unique_axis   ? 
_cell.length_a_esd       ? 
_cell.length_b_esd       ? 
_cell.length_c_esd       ? 
_cell.angle_alpha_esd    ? 
_cell.angle_beta_esd     ? 
_cell.angle_gamma_esd    ? 
# 
_symmetry.entry_id                         3F52 
_symmetry.space_group_name_H-M             'P 43 21 2' 
_symmetry.pdbx_full_space_group_name_H-M   ? 
_symmetry.cell_setting                     ? 
_symmetry.Int_Tables_number                96 
_symmetry.space_group_name_Hall            ? 
# 
loop_
_entity.id 
_entity.type 
_entity.src_method 
_entity.pdbx_description 
_entity.formula_weight 
_entity.pdbx_number_of_molecules 
_entity.pdbx_ec 
_entity.pdbx_mutation 
_entity.pdbx_fragment 
_entity.details 
1 polymer     man 'clp gene regulator (ClgR)' 12647.396 2   ? ? clgr_c ? 
2 non-polymer syn GLYCEROL                    92.094    5   ? ? ?      ? 
3 water       nat water                       18.015    156 ? ? ?      ? 
# 
_entity_poly.entity_id                      1 
_entity_poly.type                           'polypeptide(L)' 
_entity_poly.nstd_linkage                   no 
_entity_poly.nstd_monomer                   no 
_entity_poly.pdbx_seq_one_letter_code       
;MVTYTTLLDKPISESAPRKAPEPLLREALGAALRSFRADKGVTLRELAEASRVSPGYLSELERGRKEVSSELLASVCHAL
GASVADVLIEAAGSMALQAAQEDLARVLEWSHPQFEK
;
_entity_poly.pdbx_seq_one_letter_code_can   
;MVTYTTLLDKPISESAPRKAPEPLLREALGAALRSFRADKGVTLRELAEASRVSPGYLSELERGRKEVSSELLASVCHAL
GASVADVLIEAAGSMALQAAQEDLARVLEWSHPQFEK
;
_entity_poly.pdbx_strand_id                 A,E 
_entity_poly.pdbx_target_identifier         ? 
# 
loop_
_entity_poly_seq.entity_id 
_entity_poly_seq.num 
_entity_poly_seq.mon_id 
_entity_poly_seq.hetero 
1 1   MET n 
1 2   VAL n 
1 3   THR n 
1 4   TYR n 
1 5   THR n 
1 6   THR n 
1 7   LEU n 
1 8   LEU n 
1 9   ASP n 
1 10  LYS n 
1 11  PRO n 
1 12  ILE n 
1 13  SER n 
1 14  GLU n 
1 15  SER n 
1 16  ALA n 
1 17  PRO n 
1 18  ARG n 
1 19  LYS n 
1 20  ALA n 
1 21  PRO n 
1 22  GLU n 
1 23  PRO n 
1 24  LEU n 
1 25  LEU n 
1 26  ARG n 
1 27  GLU n 
1 28  ALA n 
1 29  LEU n 
1 30  GLY n 
1 31  ALA n 
1 32  ALA n 
1 33  LEU n 
1 34  ARG n 
1 35  SER n 
1 36  PHE n 
1 37  ARG n 
1 38  ALA n 
1 39  ASP n 
1 40  LYS n 
1 41  GLY n 
1 42  VAL n 
1 43  THR n 
1 44  LEU n 
1 45  ARG n 
1 46  GLU n 
1 47  LEU n 
1 48  ALA n 
1 49  GLU n 
1 50  ALA n 
1 51  SER n 
1 52  ARG n 
1 53  VAL n 
1 54  SER n 
1 55  PRO n 
1 56  GLY n 
1 57  TYR n 
1 58  LEU n 
1 59  SER n 
1 60  GLU n 
1 61  LEU n 
1 62  GLU n 
1 63  ARG n 
1 64  GLY n 
1 65  ARG n 
1 66  LYS n 
1 67  GLU n 
1 68  VAL n 
1 69  SER n 
1 70  SER n 
1 71  GLU n 
1 72  LEU n 
1 73  LEU n 
1 74  ALA n 
1 75  SER n 
1 76  VAL n 
1 77  CYS n 
1 78  HIS n 
1 79  ALA n 
1 80  LEU n 
1 81  GLY n 
1 82  ALA n 
1 83  SER n 
1 84  VAL n 
1 85  ALA n 
1 86  ASP n 
1 87  VAL n 
1 88  LEU n 
1 89  ILE n 
1 90  GLU n 
1 91  ALA n 
1 92  ALA n 
1 93  GLY n 
1 94  SER n 
1 95  MET n 
1 96  ALA n 
1 97  LEU n 
1 98  GLN n 
1 99  ALA n 
1 100 ALA n 
1 101 GLN n 
1 102 GLU n 
1 103 ASP n 
1 104 LEU n 
1 105 ALA n 
1 106 ARG n 
1 107 VAL n 
1 108 LEU n 
1 109 GLU n 
1 110 TRP n 
1 111 SER n 
1 112 HIS n 
1 113 PRO n 
1 114 GLN n 
1 115 PHE n 
1 116 GLU n 
1 117 LYS n 
# 
_entity_src_gen.entity_id                          1 
_entity_src_gen.pdbx_src_id                        1 
_entity_src_gen.pdbx_alt_source_flag               sample 
_entity_src_gen.pdbx_seq_type                      ? 
_entity_src_gen.pdbx_beg_seq_num                   ? 
_entity_src_gen.pdbx_end_seq_num                   ? 
_entity_src_gen.gene_src_common_name               'Brevibacterium flavum' 
_entity_src_gen.gene_src_genus                     ? 
_entity_src_gen.pdbx_gene_src_gene                 'cg2152, Cgl1962' 
_entity_src_gen.gene_src_species                   ? 
_entity_src_gen.gene_src_strain                    ? 
_entity_src_gen.gene_src_tissue                    ? 
_entity_src_gen.gene_src_tissue_fraction           ? 
_entity_src_gen.gene_src_details                   ? 
_entity_src_gen.pdbx_gene_src_fragment             ? 
_entity_src_gen.pdbx_gene_src_scientific_name      'Corynebacterium glutamicum' 
_entity_src_gen.pdbx_gene_src_ncbi_taxonomy_id     1718 
_entity_src_gen.pdbx_gene_src_variant              ? 
_entity_src_gen.pdbx_gene_src_cell_line            ? 
_entity_src_gen.pdbx_gene_src_atcc                 ? 
_entity_src_gen.pdbx_gene_src_organ                ? 
_entity_src_gen.pdbx_gene_src_organelle            ? 
_entity_src_gen.pdbx_gene_src_cell                 ? 
_entity_src_gen.pdbx_gene_src_cellular_location    ? 
_entity_src_gen.host_org_common_name               ? 
_entity_src_gen.pdbx_host_org_scientific_name      'Escherichia coli' 
_entity_src_gen.pdbx_host_org_ncbi_taxonomy_id     562 
_entity_src_gen.host_org_genus                     ? 
_entity_src_gen.pdbx_host_org_gene                 ? 
_entity_src_gen.pdbx_host_org_organ                ? 
_entity_src_gen.host_org_species                   ? 
_entity_src_gen.pdbx_host_org_tissue               ? 
_entity_src_gen.pdbx_host_org_tissue_fraction      ? 
_entity_src_gen.pdbx_host_org_strain               BB1553 
_entity_src_gen.pdbx_host_org_variant              ? 
_entity_src_gen.pdbx_host_org_cell_line            ? 
_entity_src_gen.pdbx_host_org_atcc                 ? 
_entity_src_gen.pdbx_host_org_culture_collection   ? 
_entity_src_gen.pdbx_host_org_cell                 ? 
_entity_src_gen.pdbx_host_org_organelle            ? 
_entity_src_gen.pdbx_host_org_cellular_location    ? 
_entity_src_gen.pdbx_host_org_vector_type          plasmid 
_entity_src_gen.pdbx_host_org_vector               ? 
_entity_src_gen.host_org_details                   ? 
_entity_src_gen.expression_system_id               ? 
_entity_src_gen.plasmid_name                       pEKEx1 
_entity_src_gen.plasmid_details                    ? 
_entity_src_gen.pdbx_description                   ? 
# 
_struct_ref.id                         1 
_struct_ref.db_name                    UNP 
_struct_ref.db_code                    Q8NP59_CORGL 
_struct_ref.pdbx_db_accession          Q8NP59 
_struct_ref.entity_id                  1 
_struct_ref.pdbx_seq_one_letter_code   
;MVTYTTLLDKPISESAPRKAPEPLLREALGAALRSFRADKGVTLRELAEASRVSPGYLSELERGRKEVSSELLASVCHAL
GASVADVLIEAAGSMALQAAQEDLARV
;
_struct_ref.pdbx_align_begin           1 
_struct_ref.pdbx_db_isoform            ? 
# 
loop_
_struct_ref_seq.align_id 
_struct_ref_seq.ref_id 
_struct_ref_seq.pdbx_PDB_id_code 
_struct_ref_seq.pdbx_strand_id 
_struct_ref_seq.seq_align_beg 
_struct_ref_seq.pdbx_seq_align_beg_ins_code 
_struct_ref_seq.seq_align_end 
_struct_ref_seq.pdbx_seq_align_end_ins_code 
_struct_ref_seq.pdbx_db_accession 
_struct_ref_seq.db_align_beg 
_struct_ref_seq.pdbx_db_align_beg_ins_code 
_struct_ref_seq.db_align_end 
_struct_ref_seq.pdbx_db_align_end_ins_code 
_struct_ref_seq.pdbx_auth_seq_align_beg 
_struct_ref_seq.pdbx_auth_seq_align_end 
1 1 3F52 A 1 ? 107 ? Q8NP59 1 ? 107 ? 1 107 
2 1 3F52 E 1 ? 107 ? Q8NP59 1 ? 107 ? 1 107 
# 
loop_
_struct_ref_seq_dif.align_id 
_struct_ref_seq_dif.pdbx_pdb_id_code 
_struct_ref_seq_dif.mon_id 
_struct_ref_seq_dif.pdbx_pdb_strand_id 
_struct_ref_seq_dif.seq_num 
_struct_ref_seq_dif.pdbx_pdb_ins_code 
_struct_ref_seq_dif.pdbx_seq_db_name 
_struct_ref_seq_dif.pdbx_seq_db_accession_code 
_struct_ref_seq_dif.db_mon_id 
_struct_ref_seq_dif.pdbx_seq_db_seq_num 
_struct_ref_seq_dif.details 
_struct_ref_seq_dif.pdbx_auth_seq_num 
_struct_ref_seq_dif.pdbx_ordinal 
1 3F52 LEU A 108 ? UNP Q8NP59 ? ? 'expression tag' 108 1  
1 3F52 GLU A 109 ? UNP Q8NP59 ? ? 'expression tag' 109 2  
1 3F52 TRP A 110 ? UNP Q8NP59 ? ? 'expression tag' 110 3  
1 3F52 SER A 111 ? UNP Q8NP59 ? ? 'expression tag' 111 4  
1 3F52 HIS A 112 ? UNP Q8NP59 ? ? 'expression tag' 112 5  
1 3F52 PRO A 113 ? UNP Q8NP59 ? ? 'expression tag' 113 6  
1 3F52 GLN A 114 ? UNP Q8NP59 ? ? 'expression tag' 114 7  
1 3F52 PHE A 115 ? UNP Q8NP59 ? ? 'expression tag' 115 8  
1 3F52 GLU A 116 ? UNP Q8NP59 ? ? 'expression tag' 116 9  
1 3F52 LYS A 117 ? UNP Q8NP59 ? ? 'expression tag' 117 10 
2 3F52 LEU E 108 ? UNP Q8NP59 ? ? 'expression tag' 108 11 
2 3F52 GLU E 109 ? UNP Q8NP59 ? ? 'expression tag' 109 12 
2 3F52 TRP E 110 ? UNP Q8NP59 ? ? 'expression tag' 110 13 
2 3F52 SER E 111 ? UNP Q8NP59 ? ? 'expression tag' 111 14 
2 3F52 HIS E 112 ? UNP Q8NP59 ? ? 'expression tag' 112 15 
2 3F52 PRO E 113 ? UNP Q8NP59 ? ? 'expression tag' 113 16 
2 3F52 GLN E 114 ? UNP Q8NP59 ? ? 'expression tag' 114 17 
2 3F52 PHE E 115 ? UNP Q8NP59 ? ? 'expression tag' 115 18 
2 3F52 GLU E 116 ? UNP Q8NP59 ? ? 'expression tag' 116 19 
2 3F52 LYS E 117 ? UNP Q8NP59 ? ? 'expression tag' 117 20 
# 
loop_
_chem_comp.id 
_chem_comp.type 
_chem_comp.mon_nstd_flag 
_chem_comp.name 
_chem_comp.pdbx_synonyms 
_chem_comp.formula 
_chem_comp.formula_weight 
ALA 'L-peptide linking' y ALANINE         ?                               'C3 H7 N O2'     89.093  
ARG 'L-peptide linking' y ARGININE        ?                               'C6 H15 N4 O2 1' 175.209 
ASP 'L-peptide linking' y 'ASPARTIC ACID' ?                               'C4 H7 N O4'     133.103 
CYS 'L-peptide linking' y CYSTEINE        ?                               'C3 H7 N O2 S'   121.158 
GLN 'L-peptide linking' y GLUTAMINE       ?                               'C5 H10 N2 O3'   146.144 
GLU 'L-peptide linking' y 'GLUTAMIC ACID' ?                               'C5 H9 N O4'     147.129 
GLY 'peptide linking'   y GLYCINE         ?                               'C2 H5 N O2'     75.067  
GOL non-polymer         . GLYCEROL        'GLYCERIN; PROPANE-1,2,3-TRIOL' 'C3 H8 O3'       92.094  
HIS 'L-peptide linking' y HISTIDINE       ?                               'C6 H10 N3 O2 1' 156.162 
HOH non-polymer         . WATER           ?                               'H2 O'           18.015  
ILE 'L-peptide linking' y ISOLEUCINE      ?                               'C6 H13 N O2'    131.173 
LEU 'L-peptide linking' y LEUCINE         ?                               'C6 H13 N O2'    131.173 
LYS 'L-peptide linking' y LYSINE          ?                               'C6 H15 N2 O2 1' 147.195 
MET 'L-peptide linking' y METHIONINE      ?                               'C5 H11 N O2 S'  149.211 
PHE 'L-peptide linking' y PHENYLALANINE   ?                               'C9 H11 N O2'    165.189 
PRO 'L-peptide linking' y PROLINE         ?                               'C5 H9 N O2'     115.130 
SER 'L-peptide linking' y SERINE          ?                               'C3 H7 N O3'     105.093 
THR 'L-peptide linking' y THREONINE       ?                               'C4 H9 N O3'     119.119 
TRP 'L-peptide linking' y TRYPTOPHAN      ?                               'C11 H12 N2 O2'  204.225 
TYR 'L-peptide linking' y TYROSINE        ?                               'C9 H11 N O3'    181.189 
VAL 'L-peptide linking' y VALINE          ?                               'C5 H11 N O2'    117.146 
# 
_exptl.entry_id          3F52 
_exptl.method            'X-RAY DIFFRACTION' 
_exptl.crystals_number   1 
# 
_exptl_crystal.id                    1 
_exptl_crystal.density_meas          ? 
_exptl_crystal.density_Matthews      1.94 
_exptl_crystal.density_percent_sol   36.70 
_exptl_crystal.description           ? 
_exptl_crystal.F_000                 ? 
_exptl_crystal.preparation           ? 
# 
_exptl_crystal_grow.crystal_id      1 
_exptl_crystal_grow.method          'VAPOR DIFFUSION, SITTING DROP' 
_exptl_crystal_grow.temp            298 
_exptl_crystal_grow.temp_details    ? 
_exptl_crystal_grow.pH              7.5 
_exptl_crystal_grow.pdbx_details    
'0.085 M HEPES, 8.5% PEG 8000, 15% glycerol, pH 7.5, VAPOR DIFFUSION, SITTING DROP, temperature 298K' 
_exptl_crystal_grow.pdbx_pH_range   ? 
# 
_diffrn.id                     1 
_diffrn.ambient_temp           100 
_diffrn.ambient_temp_details   ? 
_diffrn.crystal_id             1 
# 
_diffrn_detector.diffrn_id              1 
_diffrn_detector.detector               CCD 
_diffrn_detector.type                   'MARMOSAIC 225 mm CCD' 
_diffrn_detector.pdbx_collection_date   2008-04-16 
_diffrn_detector.details                ? 
# 
_diffrn_radiation.diffrn_id                        1 
_diffrn_radiation.wavelength_id                    1 
_diffrn_radiation.pdbx_monochromatic_or_laue_m_l   M 
_diffrn_radiation.monochromator                    
'sagitally focused Si(111), bending mirror for vertical focusing, spot size 20x50um' 
_diffrn_radiation.pdbx_diffrn_protocol             'SINGLE WAVELENGTH' 
_diffrn_radiation.pdbx_scattering_type             x-ray 
# 
_diffrn_radiation_wavelength.id           1 
_diffrn_radiation_wavelength.wavelength   1.0685 
_diffrn_radiation_wavelength.wt           1.0 
# 
_diffrn_source.diffrn_id                   1 
_diffrn_source.source                      SYNCHROTRON 
_diffrn_source.type                        'SLS BEAMLINE X10SA' 
_diffrn_source.pdbx_synchrotron_site       SLS 
_diffrn_source.pdbx_synchrotron_beamline   X10SA 
_diffrn_source.pdbx_wavelength             ? 
_diffrn_source.pdbx_wavelength_list        1.0685 
# 
_reflns.entry_id                     3F52 
_reflns.observed_criterion_sigma_I   3.0 
_reflns.observed_criterion_sigma_F   1.7 
_reflns.d_resolution_low             42 
_reflns.d_resolution_high            1.75 
_reflns.number_obs                   20938 
_reflns.number_all                   20944 
_reflns.percent_possible_obs         100.00 
_reflns.pdbx_Rmerge_I_obs            ? 
_reflns.pdbx_Rsym_value              0.057 
_reflns.pdbx_netI_over_sigmaI        24.56 
_reflns.B_iso_Wilson_estimate        ? 
_reflns.pdbx_redundancy              10 
_reflns.R_free_details               ? 
_reflns.limit_h_max                  ? 
_reflns.limit_h_min                  ? 
_reflns.limit_k_max                  ? 
_reflns.limit_k_min                  ? 
_reflns.limit_l_max                  ? 
_reflns.limit_l_min                  ? 
_reflns.observed_criterion_F_max     ? 
_reflns.observed_criterion_F_min     ? 
_reflns.pdbx_chi_squared             ? 
_reflns.pdbx_scaling_rejects         ? 
_reflns.pdbx_ordinal                 1 
_reflns.pdbx_diffrn_id               1 
# 
_reflns_shell.d_res_high             1.75 
_reflns_shell.d_res_low              1.85 
_reflns_shell.percent_possible_all   100 
_reflns_shell.Rmerge_I_obs           ? 
_reflns_shell.pdbx_Rsym_value        0.799 
_reflns_shell.meanI_over_sigI_obs    2.56 
_reflns_shell.pdbx_redundancy        8.5 
_reflns_shell.percent_possible_obs   ? 
_reflns_shell.number_unique_all      3143 
_reflns_shell.number_measured_all    ? 
_reflns_shell.number_measured_obs    ? 
_reflns_shell.number_unique_obs      ? 
_reflns_shell.pdbx_chi_squared       ? 
_reflns_shell.pdbx_ordinal           1 
_reflns_shell.pdbx_diffrn_id         1 
# 
_refine.entry_id                                 3F52 
_refine.ls_number_reflns_obs                     19890 
_refine.ls_number_reflns_all                     19890 
_refine.pdbx_ls_sigma_I                          3.0 
_refine.pdbx_ls_sigma_F                          1.7 
_refine.pdbx_data_cutoff_high_absF               ? 
_refine.pdbx_data_cutoff_low_absF                ? 
_refine.pdbx_data_cutoff_high_rms_absF           ? 
_refine.ls_d_res_low                             41.96 
_refine.ls_d_res_high                            1.75 
_refine.ls_percent_reflns_obs                    100.00 
_refine.ls_R_factor_obs                          0.18449 
_refine.ls_R_factor_all                          ? 
_refine.ls_R_factor_R_work                       0.18307 
_refine.ls_R_factor_R_free                       0.21254 
_refine.ls_R_factor_R_free_error                 ? 
_refine.ls_R_factor_R_free_error_details         ? 
_refine.ls_percent_reflns_R_free                 5.0 
_refine.ls_number_reflns_R_free                  1047 
_refine.ls_number_parameters                     ? 
_refine.ls_number_restraints                     ? 
_refine.occupancy_min                            ? 
_refine.occupancy_max                            ? 
_refine.correlation_coeff_Fo_to_Fc               0.962 
_refine.correlation_coeff_Fo_to_Fc_free          0.957 
_refine.B_iso_mean                               33.788 
_refine.aniso_B[1][1]                            0.82 
_refine.aniso_B[2][2]                            0.82 
_refine.aniso_B[3][3]                            -1.64 
_refine.aniso_B[1][2]                            0.00 
_refine.aniso_B[1][3]                            0.00 
_refine.aniso_B[2][3]                            0.00 
_refine.solvent_model_details                    MASK 
_refine.solvent_model_param_ksol                 ? 
_refine.solvent_model_param_bsol                 ? 
_refine.pdbx_solvent_vdw_probe_radii             1.20 
_refine.pdbx_solvent_ion_probe_radii             0.80 
_refine.pdbx_solvent_shrinkage_radii             0.80 
_refine.pdbx_ls_cross_valid_method               THROUGHOUT 
_refine.details                                  'HYDROGENS HAVE BEEN ADDED IN THE RIDING POSITIONS' 
_refine.pdbx_starting_model                      'PDB entry 3F51' 
_refine.pdbx_method_to_determine_struct          'MOLECULAR REPLACEMENT' 
_refine.pdbx_isotropic_thermal_model             ? 
_refine.pdbx_stereochemistry_target_values       'MAXIMUM LIKELIHOOD' 
_refine.pdbx_stereochem_target_val_spec_case     ? 
_refine.pdbx_R_Free_selection_details            RANDOM 
_refine.pdbx_overall_ESU_R                       0.098 
_refine.pdbx_overall_ESU_R_Free                  0.097 
_refine.overall_SU_ML                            0.069 
_refine.overall_SU_B                             4.273 
_refine.ls_redundancy_reflns_obs                 ? 
_refine.B_iso_min                                ? 
_refine.B_iso_max                                ? 
_refine.overall_SU_R_Cruickshank_DPI             ? 
_refine.overall_SU_R_free                        ? 
_refine.ls_wR_factor_R_free                      ? 
_refine.ls_wR_factor_R_work                      ? 
_refine.overall_FOM_free_R_set                   ? 
_refine.overall_FOM_work_R_set                   ? 
_refine.pdbx_overall_phase_error                 ? 
_refine.pdbx_refine_id                           'X-RAY DIFFRACTION' 
_refine.pdbx_TLS_residual_ADP_flag               'LIKELY RESIDUAL' 
_refine.pdbx_diffrn_id                           1 
_refine.pdbx_overall_SU_R_free_Cruickshank_DPI   ? 
_refine.pdbx_overall_SU_R_Blow_DPI               ? 
_refine.pdbx_overall_SU_R_free_Blow_DPI          ? 
# 
_refine_hist.pdbx_refine_id                   'X-RAY DIFFRACTION' 
_refine_hist.cycle_id                         LAST 
_refine_hist.pdbx_number_atoms_protein        1132 
_refine_hist.pdbx_number_atoms_nucleic_acid   0 
_refine_hist.pdbx_number_atoms_ligand         30 
_refine_hist.number_atoms_solvent             156 
_refine_hist.number_atoms_total               1318 
_refine_hist.d_res_high                       1.75 
_refine_hist.d_res_low                        41.96 
# 
loop_
_refine_ls_restr.type 
_refine_ls_restr.dev_ideal 
_refine_ls_restr.dev_ideal_target 
_refine_ls_restr.weight 
_refine_ls_restr.number 
_refine_ls_restr.pdbx_refine_id 
_refine_ls_restr.pdbx_restraint_function 
r_bond_refined_d         0.014  0.021  ? 1168 'X-RAY DIFFRACTION' ? 
r_angle_refined_deg      1.361  2.032  ? 1566 'X-RAY DIFFRACTION' ? 
r_dihedral_angle_1_deg   4.550  5.000  ? 153  'X-RAY DIFFRACTION' ? 
r_dihedral_angle_2_deg   20.770 22.093 ? 43   'X-RAY DIFFRACTION' ? 
r_dihedral_angle_3_deg   13.733 15.000 ? 200  'X-RAY DIFFRACTION' ? 
r_dihedral_angle_4_deg   18.012 15.000 ? 14   'X-RAY DIFFRACTION' ? 
r_chiral_restr           0.087  0.200  ? 184  'X-RAY DIFFRACTION' ? 
r_gen_planes_refined     0.005  0.020  ? 844  'X-RAY DIFFRACTION' ? 
r_nbd_refined            0.211  0.200  ? 567  'X-RAY DIFFRACTION' ? 
r_nbtor_refined          0.296  0.200  ? 825  'X-RAY DIFFRACTION' ? 
r_xyhbond_nbd_refined    0.107  0.200  ? 91   'X-RAY DIFFRACTION' ? 
r_symmetry_vdw_refined   0.196  0.200  ? 45   'X-RAY DIFFRACTION' ? 
r_symmetry_hbond_refined 0.177  0.200  ? 17   'X-RAY DIFFRACTION' ? 
r_mcbond_it              0.873  1.500  ? 787  'X-RAY DIFFRACTION' ? 
r_mcangle_it             1.578  2.000  ? 1205 'X-RAY DIFFRACTION' ? 
r_scbond_it              2.593  3.000  ? 408  'X-RAY DIFFRACTION' ? 
r_scangle_it             4.014  4.500  ? 361  'X-RAY DIFFRACTION' ? 
# 
_refine_ls_shell.pdbx_total_number_of_bins_used   20 
_refine_ls_shell.d_res_high                       1.750 
_refine_ls_shell.d_res_low                        1.795 
_refine_ls_shell.number_reflns_R_work             1433 
_refine_ls_shell.R_factor_R_work                  0.254 
_refine_ls_shell.percent_reflns_obs               100.00 
_refine_ls_shell.R_factor_R_free                  0.334 
_refine_ls_shell.R_factor_R_free_error            ? 
_refine_ls_shell.percent_reflns_R_free            ? 
_refine_ls_shell.number_reflns_R_free             75 
_refine_ls_shell.number_reflns_all                ? 
_refine_ls_shell.R_factor_all                     ? 
_refine_ls_shell.number_reflns_obs                ? 
_refine_ls_shell.redundancy_reflns_obs            ? 
_refine_ls_shell.pdbx_refine_id                   'X-RAY DIFFRACTION' 
# 
_struct.entry_id                  3F52 
_struct.title                     'Crystal structure of the clp gene regulator ClgR from C. glutamicum' 
_struct.pdbx_model_details        ? 
_struct.pdbx_CASP_flag            ? 
_struct.pdbx_model_type_details   ? 
# 
_struct_keywords.entry_id        3F52 
_struct_keywords.pdbx_keywords   'TRANSCRIPTION ACTIVATOR' 
_struct_keywords.text            
'gene regulator, helix-turn-helix motif, transcriptional activator, human pathogen, TRANSCRIPTION ACTIVATOR' 
# 
loop_
_struct_asym.id 
_struct_asym.pdbx_blank_PDB_chainid_flag 
_struct_asym.pdbx_modified 
_struct_asym.entity_id 
_struct_asym.details 
A N N 1 ? 
B N N 1 ? 
C N N 2 ? 
D N N 2 ? 
E N N 2 ? 
F N N 2 ? 
G N N 2 ? 
H N N 3 ? 
I N N 3 ? 
# 
_struct_biol.id        1 
_struct_biol.details   ? 
# 
loop_
_struct_conf.conf_type_id 
_struct_conf.id 
_struct_conf.pdbx_PDB_helix_id 
_struct_conf.beg_label_comp_id 
_struct_conf.beg_label_asym_id 
_struct_conf.beg_label_seq_id 
_struct_conf.pdbx_beg_PDB_ins_code 
_struct_conf.end_label_comp_id 
_struct_conf.end_label_asym_id 
_struct_conf.end_label_seq_id 
_struct_conf.pdbx_end_PDB_ins_code 
_struct_conf.beg_auth_comp_id 
_struct_conf.beg_auth_asym_id 
_struct_conf.beg_auth_seq_id 
_struct_conf.end_auth_comp_id 
_struct_conf.end_auth_asym_id 
_struct_conf.end_auth_seq_id 
_struct_conf.pdbx_PDB_helix_class 
_struct_conf.details 
_struct_conf.pdbx_PDB_helix_length 
HELX_P HELX_P1  1  LEU A 24 ? GLY A 41 ? LEU A 24 GLY A 41 1 ? 18 
HELX_P HELX_P2  2  THR A 43 ? SER A 51 ? THR A 43 SER A 51 1 ? 9  
HELX_P HELX_P3  3  SER A 54 ? ARG A 63 ? SER A 54 ARG A 63 1 ? 10 
HELX_P HELX_P4  4  SER A 69 ? GLY A 81 ? SER A 69 GLY A 81 1 ? 13 
HELX_P HELX_P5  5  SER A 83 ? ALA A 96 ? SER A 83 ALA A 96 1 ? 14 
HELX_P HELX_P6  6  LEU B 24 ? GLY B 41 ? LEU E 24 GLY E 41 1 ? 18 
HELX_P HELX_P7  7  THR B 43 ? ARG B 52 ? THR E 43 ARG E 52 1 ? 10 
HELX_P HELX_P8  8  SER B 54 ? ARG B 63 ? SER E 54 ARG E 63 1 ? 10 
HELX_P HELX_P9  9  SER B 69 ? GLY B 81 ? SER E 69 GLY E 81 1 ? 13 
HELX_P HELX_P10 10 SER B 83 ? GLY B 93 ? SER E 83 GLY E 93 1 ? 11 
# 
_struct_conf_type.id          HELX_P 
_struct_conf_type.criteria    ? 
_struct_conf_type.reference   ? 
# 
loop_
_struct_site.id 
_struct_site.pdbx_evidence_code 
_struct_site.pdbx_auth_asym_id 
_struct_site.pdbx_auth_comp_id 
_struct_site.pdbx_auth_seq_id 
_struct_site.pdbx_auth_ins_code 
_struct_site.pdbx_num_residues 
_struct_site.details 
AC1 Software A GOL 500 ? 8 'BINDING SITE FOR RESIDUE GOL A 500' 
AC2 Software A GOL 501 ? 5 'BINDING SITE FOR RESIDUE GOL A 501' 
AC3 Software E GOL 502 ? 1 'BINDING SITE FOR RESIDUE GOL E 502' 
AC4 Software E GOL 503 ? 2 'BINDING SITE FOR RESIDUE GOL E 503' 
# 
loop_
_struct_site_gen.id 
_struct_site_gen.site_id 
_struct_site_gen.pdbx_num_res 
_struct_site_gen.label_comp_id 
_struct_site_gen.label_asym_id 
_struct_site_gen.label_seq_id 
_struct_site_gen.pdbx_auth_ins_code 
_struct_site_gen.auth_comp_id 
_struct_site_gen.auth_asym_id 
_struct_site_gen.auth_seq_id 
_struct_site_gen.label_atom_id 
_struct_site_gen.label_alt_id 
_struct_site_gen.symmetry 
_struct_site_gen.details 
1  AC1 8 ARG A 45 ? ARG A 45  . ? 1_555 ? 
2  AC1 8 PRO A 55 ? PRO A 55  . ? 1_555 ? 
3  AC1 8 HOH H .  ? HOH A 127 . ? 1_555 ? 
4  AC1 8 GLU B 60 ? GLU E 60  . ? 7_555 ? 
5  AC1 8 ARG B 63 ? ARG E 63  . ? 7_555 ? 
6  AC1 8 ASP B 86 ? ASP E 86  . ? 5_444 ? 
7  AC1 8 ILE B 89 ? ILE E 89  . ? 5_444 ? 
8  AC1 8 HOH I .  ? HOH E 119 . ? 7_555 ? 
9  AC2 5 GLU A 27 ? GLU A 27  . ? 1_555 ? 
10 AC2 5 ALA A 28 ? ALA A 28  . ? 1_555 ? 
11 AC2 5 ALA A 31 ? ALA A 31  . ? 1_555 ? 
12 AC2 5 SER A 94 ? SER A 94  . ? 1_555 ? 
13 AC2 5 HOH H .  ? HOH A 203 . ? 1_555 ? 
14 AC3 1 HOH I .  ? HOH E 201 . ? 1_555 ? 
15 AC4 2 GLU A 60 ? GLU A 60  . ? 7_555 ? 
16 AC4 2 LYS A 66 ? LYS A 66  . ? 7_555 ? 
# 
_atom_sites.entry_id                    3F52 
_atom_sites.fract_transf_matrix[1][1]   0.01572340 
_atom_sites.fract_transf_matrix[1][2]   0.00686127 
_atom_sites.fract_transf_matrix[1][3]   -0.00594153 
_atom_sites.fract_transf_matrix[2][1]   0.00844601 
_atom_sites.fract_transf_matrix[2][2]   -0.00670932 
_atom_sites.fract_transf_matrix[2][3]   0.01460322 
_atom_sites.fract_transf_matrix[3][1]   0.00141221 
_atom_sites.fract_transf_matrix[3][2]   -0.00654911 
_atom_sites.fract_transf_matrix[3][3]   -0.00382570 
_atom_sites.fract_transf_vector[1]      -0.369551 
_atom_sites.fract_transf_vector[2]      -0.131247 
_atom_sites.fract_transf_vector[3]      -0.078665 
# 
loop_
_atom_type.symbol 
C 
N 
O 
S 
# 
loop_
_atom_site.group_PDB 
_atom_site.id 
_atom_site.type_symbol 
_atom_site.label_atom_id 
_atom_site.label_alt_id 
_atom_site.label_comp_id 
_atom_site.label_asym_id 
_atom_site.label_entity_id 
_atom_site.label_seq_id 
_atom_site.pdbx_PDB_ins_code 
_atom_site.Cartn_x 
_atom_site.Cartn_y 
_atom_site.Cartn_z 
_atom_site.occupancy 
_atom_site.B_iso_or_equiv 
_atom_site.pdbx_formal_charge 
_atom_site.auth_seq_id 
_atom_site.auth_comp_id 
_atom_site.auth_asym_id 
_atom_site.auth_atom_id 
_atom_site.pdbx_PDB_model_num 
ATOM   1    N N   . GLU A 1 22 ? -13.719 6.023   3.498   1.00 35.24 ? 22  GLU A N   1 
ATOM   2    C CA  . GLU A 1 22 ? -12.239 5.968   3.596   1.00 35.11 ? 22  GLU A CA  1 
ATOM   3    C C   . GLU A 1 22 ? -11.691 6.167   2.187   1.00 34.39 ? 22  GLU A C   1 
ATOM   4    O O   . GLU A 1 22 ? -12.215 5.567   1.246   1.00 34.70 ? 22  GLU A O   1 
ATOM   5    C CB  . GLU A 1 22 ? -11.799 4.604   4.162   1.00 35.80 ? 22  GLU A CB  1 
ATOM   6    C CG  . GLU A 1 22 ? -10.305 4.458   4.488   1.00 36.38 ? 22  GLU A CG  1 
ATOM   7    C CD  . GLU A 1 22 ? -10.015 3.479   5.657   1.00 36.21 ? 22  GLU A CD  1 
ATOM   8    O OE1 . GLU A 1 22 ? -10.698 2.426   5.777   1.00 36.04 ? 22  GLU A OE1 1 
ATOM   9    O OE2 . GLU A 1 22 ? -9.094  3.771   6.467   1.00 37.46 ? 22  GLU A OE2 1 
ATOM   10   N N   . PRO A 1 23 ? -10.661 7.025   2.019   1.00 33.23 ? 23  PRO A N   1 
ATOM   11   C CA  . PRO A 1 23 ? -10.054 7.066   0.687   1.00 31.90 ? 23  PRO A CA  1 
ATOM   12   C C   . PRO A 1 23 ? -9.544  5.677   0.285   1.00 29.97 ? 23  PRO A C   1 
ATOM   13   O O   . PRO A 1 23 ? -9.282  4.822   1.154   1.00 29.96 ? 23  PRO A O   1 
ATOM   14   C CB  . PRO A 1 23 ? -8.852  8.016   0.873   1.00 31.92 ? 23  PRO A CB  1 
ATOM   15   C CG  . PRO A 1 23 ? -9.210  8.865   2.055   1.00 32.65 ? 23  PRO A CG  1 
ATOM   16   C CD  . PRO A 1 23 ? -10.007 7.962   2.959   1.00 33.49 ? 23  PRO A CD  1 
ATOM   17   N N   . LEU A 1 24 ? -9.412  5.456   -1.015  1.00 27.77 ? 24  LEU A N   1 
ATOM   18   C CA  . LEU A 1 24 ? -8.742  4.263   -1.520  1.00 26.40 ? 24  LEU A CA  1 
ATOM   19   C C   . LEU A 1 24 ? -7.249  4.312   -1.237  1.00 25.52 ? 24  LEU A C   1 
ATOM   20   O O   . LEU A 1 24 ? -6.632  5.384   -1.279  1.00 25.02 ? 24  LEU A O   1 
ATOM   21   C CB  . LEU A 1 24 ? -8.944  4.144   -3.034  1.00 25.32 ? 24  LEU A CB  1 
ATOM   22   C CG  . LEU A 1 24 ? -10.414 3.995   -3.430  1.00 26.48 ? 24  LEU A CG  1 
ATOM   23   C CD1 . LEU A 1 24 ? -10.548 4.205   -4.918  1.00 29.28 ? 24  LEU A CD1 1 
ATOM   24   C CD2 . LEU A 1 24 ? -10.908 2.608   -3.040  1.00 27.15 ? 24  LEU A CD2 1 
ATOM   25   N N   . LEU A 1 25 ? -6.658  3.137   -1.002  1.00 25.42 ? 25  LEU A N   1 
ATOM   26   C CA  . LEU A 1 25 ? -5.220  3.042   -0.842  1.00 25.34 ? 25  LEU A CA  1 
ATOM   27   C C   . LEU A 1 25 ? -4.449  3.796   -1.932  1.00 25.63 ? 25  LEU A C   1 
ATOM   28   O O   . LEU A 1 25 ? -3.499  4.559   -1.619  1.00 26.06 ? 25  LEU A O   1 
ATOM   29   C CB  . LEU A 1 25 ? -4.781  1.589   -0.797  1.00 26.37 ? 25  LEU A CB  1 
ATOM   30   C CG  . LEU A 1 25 ? -3.251  1.395   -0.677  1.00 27.57 ? 25  LEU A CG  1 
ATOM   31   C CD1 . LEU A 1 25 ? -2.669  1.929   0.667   1.00 29.38 ? 25  LEU A CD1 1 
ATOM   32   C CD2 . LEU A 1 25 ? -2.944  -0.078  -0.888  1.00 30.98 ? 25  LEU A CD2 1 
ATOM   33   N N   . ARG A 1 26 ? -4.816  3.590   -3.212  1.00 24.06 ? 26  ARG A N   1 
ATOM   34   C CA  . ARG A 1 26 ? -4.061  4.247   -4.274  1.00 24.27 ? 26  ARG A CA  1 
ATOM   35   C C   . ARG A 1 26 ? -4.131  5.778   -4.142  1.00 24.33 ? 26  ARG A C   1 
ATOM   36   O O   . ARG A 1 26 ? -3.162  6.463   -4.470  1.00 24.90 ? 26  ARG A O   1 
ATOM   37   C CB  . ARG A 1 26 ? -4.511  3.745   -5.667  1.00 23.58 ? 26  ARG A CB  1 
ATOM   38   C CG  . ARG A 1 26 ? -5.957  4.085   -6.051  1.00 23.25 ? 26  ARG A CG  1 
ATOM   39   C CD  . ARG A 1 26 ? -6.192  3.569   -7.481  1.00 24.35 ? 26  ARG A CD  1 
ATOM   40   N NE  . ARG A 1 26 ? -7.576  3.792   -7.894  1.00 23.93 ? 26  ARG A NE  1 
ATOM   41   C CZ  . ARG A 1 26 ? -8.562  2.911   -7.769  1.00 26.28 ? 26  ARG A CZ  1 
ATOM   42   N NH1 . ARG A 1 26 ? -9.778  3.245   -8.145  1.00 26.07 ? 26  ARG A NH1 1 
ATOM   43   N NH2 . ARG A 1 26 ? -8.361  1.707   -7.247  1.00 27.79 ? 26  ARG A NH2 1 
ATOM   44   N N   . GLU A 1 27 ? -5.271  6.296   -3.667  1.00 24.45 ? 27  GLU A N   1 
ATOM   45   C CA  . GLU A 1 27 ? -5.442  7.742   -3.502  1.00 25.60 ? 27  GLU A CA  1 
ATOM   46   C C   . GLU A 1 27 ? -4.515  8.258   -2.400  1.00 24.83 ? 27  GLU A C   1 
ATOM   47   O O   . GLU A 1 27 ? -3.847  9.297   -2.562  1.00 25.80 ? 27  GLU A O   1 
ATOM   48   C CB  . GLU A 1 27 ? -6.902  8.096   -3.226  1.00 25.41 ? 27  GLU A CB  1 
ATOM   49   C CG  . GLU A 1 27 ? -7.793  7.912   -4.492  1.00 27.27 ? 27  GLU A CG  1 
ATOM   50   C CD  . GLU A 1 27 ? -9.269  7.927   -4.199  1.00 30.63 ? 27  GLU A CD  1 
ATOM   51   O OE1 . GLU A 1 27 ? -9.686  7.776   -3.038  1.00 30.43 ? 27  GLU A OE1 1 
ATOM   52   O OE2 . GLU A 1 27 ? -10.030 8.065   -5.173  1.00 34.44 ? 27  GLU A OE2 1 
ATOM   53   N N   . ALA A 1 28 ? -4.438  7.491   -1.320  1.00 25.57 ? 28  ALA A N   1 
ATOM   54   C CA  . ALA A 1 28 ? -3.619  7.848   -0.170  1.00 25.08 ? 28  ALA A CA  1 
ATOM   55   C C   . ALA A 1 28 ? -2.123  7.791   -0.523  1.00 24.87 ? 28  ALA A C   1 
ATOM   56   O O   . ALA A 1 28 ? -1.350  8.711   -0.191  1.00 24.69 ? 28  ALA A O   1 
ATOM   57   C CB  . ALA A 1 28 ? -3.935  6.923   1.014   1.00 25.47 ? 28  ALA A CB  1 
ATOM   58   N N   . LEU A 1 29 ? -1.712  6.707   -1.182  1.00 24.16 ? 29  LEU A N   1 
ATOM   59   C CA  . LEU A 1 29 ? -0.329  6.534   -1.575  1.00 24.29 ? 29  LEU A CA  1 
ATOM   60   C C   . LEU A 1 29 ? 0.109   7.608   -2.546  1.00 25.16 ? 29  LEU A C   1 
ATOM   61   O O   . LEU A 1 29 ? 1.187   8.192   -2.423  1.00 25.54 ? 29  LEU A O   1 
ATOM   62   C CB  . LEU A 1 29 ? -0.131  5.147   -2.213  1.00 25.02 ? 29  LEU A CB  1 
ATOM   63   C CG  . LEU A 1 29 ? -0.191  3.927   -1.294  1.00 25.88 ? 29  LEU A CG  1 
ATOM   64   C CD1 . LEU A 1 29 ? -0.015  2.660   -2.150  1.00 28.15 ? 29  LEU A CD1 1 
ATOM   65   C CD2 . LEU A 1 29 ? 0.891   3.994   -0.191  1.00 25.34 ? 29  LEU A CD2 1 
ATOM   66   N N   . GLY A 1 30 ? -0.755  7.907   -3.500  1.00 26.03 ? 30  GLY A N   1 
ATOM   67   C CA  . GLY A 1 30 ? -0.408  8.888   -4.513  1.00 26.42 ? 30  GLY A CA  1 
ATOM   68   C C   . GLY A 1 30 ? -0.280  10.296  -3.928  1.00 26.05 ? 30  GLY A C   1 
ATOM   69   O O   . GLY A 1 30 ? 0.632   11.052  -4.281  1.00 26.10 ? 30  GLY A O   1 
ATOM   70   N N   . ALA A 1 31 ? -1.199  10.642  -3.050  1.00 25.60 ? 31  ALA A N   1 
ATOM   71   C CA  . ALA A 1 31 ? -1.139  11.937  -2.374  1.00 26.58 ? 31  ALA A CA  1 
ATOM   72   C C   . ALA A 1 31 ? 0.117   12.054  -1.504  1.00 26.73 ? 31  ALA A C   1 
ATOM   73   O O   . ALA A 1 31 ? 0.707   13.131  -1.410  1.00 26.35 ? 31  ALA A O   1 
ATOM   74   C CB  . ALA A 1 31 ? -2.379  12.148  -1.567  1.00 26.44 ? 31  ALA A CB  1 
ATOM   75   N N   . ALA A 1 32 ? 0.529   10.943  -0.875  1.00 25.98 ? 32  ALA A N   1 
ATOM   76   C CA  . ALA A 1 32 ? 1.764   10.929  -0.071  1.00 26.81 ? 32  ALA A CA  1 
ATOM   77   C C   . ALA A 1 32 ? 2.988   11.139  -0.980  1.00 25.86 ? 32  ALA A C   1 
ATOM   78   O O   . ALA A 1 32 ? 3.899   11.927  -0.661  1.00 25.91 ? 32  ALA A O   1 
ATOM   79   C CB  . ALA A 1 32 ? 1.887   9.626   0.730   1.00 26.86 ? 32  ALA A CB  1 
ATOM   80   N N   . LEU A 1 33 ? 3.018   10.436  -2.110  1.00 25.63 ? 33  LEU A N   1 
ATOM   81   C CA  . LEU A 1 33 ? 4.117   10.632  -3.069  1.00 26.73 ? 33  LEU A CA  1 
ATOM   82   C C   . LEU A 1 33 ? 4.190   12.087  -3.557  1.00 27.01 ? 33  LEU A C   1 
ATOM   83   O O   . LEU A 1 33 ? 5.283   12.648  -3.652  1.00 28.28 ? 33  LEU A O   1 
ATOM   84   C CB  . LEU A 1 33 ? 3.975   9.694   -4.269  1.00 26.60 ? 33  LEU A CB  1 
ATOM   85   C CG  . LEU A 1 33 ? 4.300   8.227   -3.938  1.00 27.48 ? 33  LEU A CG  1 
ATOM   86   C CD1 . LEU A 1 33 ? 3.814   7.375   -5.124  1.00 30.17 ? 33  LEU A CD1 1 
ATOM   87   C CD2 . LEU A 1 33 ? 5.814   8.025   -3.675  1.00 29.50 ? 33  LEU A CD2 1 
ATOM   88   N N   . ARG A 1 34 ? 3.027   12.678  -3.824  1.00 27.58 ? 34  ARG A N   1 
ATOM   89   C CA  . ARG A 1 34 ? 2.933   14.065  -4.270  1.00 27.97 ? 34  ARG A CA  1 
ATOM   90   C C   . ARG A 1 34 ? 3.497   14.963  -3.178  1.00 27.71 ? 34  ARG A C   1 
ATOM   91   O O   . ARG A 1 34 ? 4.296   15.872  -3.451  1.00 27.51 ? 34  ARG A O   1 
ATOM   92   C CB  . ARG A 1 34 ? 1.465   14.451  -4.538  1.00 28.36 ? 34  ARG A CB  1 
ATOM   93   C CG  . ARG A 1 34 ? 1.207   15.962  -4.822  1.00 31.55 ? 34  ARG A CG  1 
ATOM   94   C CD  . ARG A 1 34 ? 1.895   16.309  -6.073  1.00 34.61 ? 34  ARG A CD  1 
ATOM   95   N NE  . ARG A 1 34 ? 1.881   17.734  -6.450  1.00 41.98 ? 34  ARG A NE  1 
ATOM   96   C CZ  . ARG A 1 34 ? 2.898   18.569  -6.230  1.00 43.60 ? 34  ARG A CZ  1 
ATOM   97   N NH1 . ARG A 1 34 ? 2.827   19.825  -6.662  1.00 41.53 ? 34  ARG A NH1 1 
ATOM   98   N NH2 . ARG A 1 34 ? 4.001   18.132  -5.594  1.00 41.72 ? 34  ARG A NH2 1 
ATOM   99   N N   . SER A 1 35 ? 3.072   14.713  -1.947  1.00 27.52 ? 35  SER A N   1 
ATOM   100  C CA  . SER A 1 35 ? 3.551   15.512  -0.786  1.00 28.75 ? 35  SER A CA  1 
ATOM   101  C C   . SER A 1 35 ? 5.063   15.440  -0.638  1.00 28.71 ? 35  SER A C   1 
ATOM   102  O O   . SER A 1 35 ? 5.727   16.469  -0.438  1.00 28.56 ? 35  SER A O   1 
ATOM   103  C CB  . SER A 1 35 ? 2.892   15.017  0.505   1.00 29.74 ? 35  SER A CB  1 
ATOM   104  O OG  . SER A 1 35 ? 1.518   15.369  0.467   1.00 34.97 ? 35  SER A OG  1 
ATOM   105  N N   . PHE A 1 36 ? 5.618   14.232  -0.737  1.00 28.13 ? 36  PHE A N   1 
ATOM   106  C CA  . PHE A 1 36 ? 7.064   14.058  -0.593  1.00 28.36 ? 36  PHE A CA  1 
ATOM   107  C C   . PHE A 1 36 ? 7.803   14.717  -1.742  1.00 28.15 ? 36  PHE A C   1 
ATOM   108  O O   . PHE A 1 36 ? 8.890   15.267  -1.541  1.00 28.38 ? 36  PHE A O   1 
ATOM   109  C CB  . PHE A 1 36 ? 7.450   12.578  -0.500  1.00 28.31 ? 36  PHE A CB  1 
ATOM   110  C CG  . PHE A 1 36 ? 7.345   12.000  0.889   1.00 29.70 ? 36  PHE A CG  1 
ATOM   111  C CD1 . PHE A 1 36 ? 6.118   11.937  1.541   1.00 30.11 ? 36  PHE A CD1 1 
ATOM   112  C CD2 . PHE A 1 36 ? 8.490   11.482  1.531   1.00 32.74 ? 36  PHE A CD2 1 
ATOM   113  C CE1 . PHE A 1 36 ? 6.023   11.401  2.845   1.00 33.19 ? 36  PHE A CE1 1 
ATOM   114  C CE2 . PHE A 1 36 ? 8.410   10.949  2.832   1.00 32.89 ? 36  PHE A CE2 1 
ATOM   115  C CZ  . PHE A 1 36 ? 7.162   10.896  3.475   1.00 30.97 ? 36  PHE A CZ  1 
ATOM   116  N N   . ARG A 1 37 ? 7.238   14.648  -2.948  1.00 27.79 ? 37  ARG A N   1 
ATOM   117  C CA  . ARG A 1 37 ? 7.841   15.331  -4.090  1.00 27.95 ? 37  ARG A CA  1 
ATOM   118  C C   . ARG A 1 37 ? 7.839   16.853  -3.869  1.00 28.45 ? 37  ARG A C   1 
ATOM   119  O O   . ARG A 1 37 ? 8.842   17.498  -4.101  1.00 28.66 ? 37  ARG A O   1 
ATOM   120  C CB  . ARG A 1 37 ? 7.113   14.976  -5.398  1.00 27.33 ? 37  ARG A CB  1 
ATOM   121  C CG  . ARG A 1 37 ? 7.749   15.639  -6.554  1.00 27.01 ? 37  ARG A CG  1 
ATOM   122  C CD  . ARG A 1 37 ? 7.160   15.169  -7.886  1.00 25.42 ? 37  ARG A CD  1 
ATOM   123  N NE  . ARG A 1 37 ? 5.734   15.454  -8.112  1.00 25.93 ? 37  ARG A NE  1 
ATOM   124  C CZ  . ARG A 1 37 ? 5.213   16.630  -8.488  1.00 29.07 ? 37  ARG A CZ  1 
ATOM   125  N NH1 . ARG A 1 37 ? 5.959   17.740  -8.626  1.00 28.64 ? 37  ARG A NH1 1 
ATOM   126  N NH2 . ARG A 1 37 ? 3.909   16.699  -8.709  1.00 28.18 ? 37  ARG A NH2 1 
ATOM   127  N N   . ALA A 1 38 ? 6.717   17.392  -3.392  1.00 29.85 ? 38  ALA A N   1 
ATOM   128  C CA  . ALA A 1 38 ? 6.555   18.842  -3.081  1.00 31.51 ? 38  ALA A CA  1 
ATOM   129  C C   . ALA A 1 38 ? 7.578   19.306  -2.053  1.00 32.59 ? 38  ALA A C   1 
ATOM   130  O O   . ALA A 1 38 ? 8.246   20.338  -2.227  1.00 33.16 ? 38  ALA A O   1 
ATOM   131  C CB  . ALA A 1 38 ? 5.165   19.097  -2.529  1.00 31.93 ? 38  ALA A CB  1 
ATOM   132  N N   . ASP A 1 39 ? 7.686   18.534  -0.979  1.00 33.61 ? 39  ASP A N   1 
ATOM   133  C CA  . ASP A 1 39 ? 8.595   18.829  0.124   1.00 35.41 ? 39  ASP A CA  1 
ATOM   134  C C   . ASP A 1 39 ? 10.049  18.914  -0.319  1.00 35.71 ? 39  ASP A C   1 
ATOM   135  O O   . ASP A 1 39 ? 10.820  19.718  0.221   1.00 35.36 ? 39  ASP A O   1 
ATOM   136  C CB  . ASP A 1 39 ? 8.460   17.765  1.194   1.00 36.14 ? 39  ASP A CB  1 
ATOM   137  C CG  . ASP A 1 39 ? 7.169   17.891  1.998   1.00 40.31 ? 39  ASP A CG  1 
ATOM   138  O OD1 . ASP A 1 39 ? 6.407   18.866  1.800   1.00 44.51 ? 39  ASP A OD1 1 
ATOM   139  O OD2 . ASP A 1 39 ? 6.915   16.983  2.828   1.00 46.48 ? 39  ASP A OD2 1 
ATOM   140  N N   . LYS A 1 40 ? 10.421  18.079  -1.286  1.00 35.71 ? 40  LYS A N   1 
ATOM   141  C CA  . LYS A 1 40 ? 11.778  18.072  -1.828  1.00 36.24 ? 40  LYS A CA  1 
ATOM   142  C C   . LYS A 1 40 ? 12.002  19.090  -2.956  1.00 34.71 ? 40  LYS A C   1 
ATOM   143  O O   . LYS A 1 40 ? 13.130  19.275  -3.411  1.00 34.98 ? 40  LYS A O   1 
ATOM   144  C CB  . LYS A 1 40 ? 12.141  16.671  -2.311  1.00 36.60 ? 40  LYS A CB  1 
ATOM   145  C CG  . LYS A 1 40 ? 12.531  15.732  -1.198  1.00 42.25 ? 40  LYS A CG  1 
ATOM   146  C CD  . LYS A 1 40 ? 13.347  14.583  -1.763  1.00 47.92 ? 40  LYS A CD  1 
ATOM   147  C CE  . LYS A 1 40 ? 14.675  15.080  -2.378  1.00 50.83 ? 40  LYS A CE  1 
ATOM   148  N NZ  . LYS A 1 40 ? 15.644  13.958  -2.580  1.00 52.53 ? 40  LYS A NZ  1 
ATOM   149  N N   . GLY A 1 41 ? 10.934  19.743  -3.405  1.00 33.73 ? 41  GLY A N   1 
ATOM   150  C CA  . GLY A 1 41 ? 11.013  20.729  -4.474  1.00 31.63 ? 41  GLY A CA  1 
ATOM   151  C C   . GLY A 1 41 ? 11.389  20.126  -5.817  1.00 31.26 ? 41  GLY A C   1 
ATOM   152  O O   . GLY A 1 41 ? 11.999  20.789  -6.656  1.00 30.82 ? 41  GLY A O   1 
ATOM   153  N N   . VAL A 1 42 ? 10.995  18.872  -6.018  1.00 29.52 ? 42  VAL A N   1 
ATOM   154  C CA  . VAL A 1 42 ? 11.286  18.127  -7.242  1.00 28.82 ? 42  VAL A CA  1 
ATOM   155  C C   . VAL A 1 42 ? 10.128  18.238  -8.241  1.00 27.31 ? 42  VAL A C   1 
ATOM   156  O O   . VAL A 1 42 ? 8.954   18.156  -7.860  1.00 27.15 ? 42  VAL A O   1 
ATOM   157  C CB  . VAL A 1 42 ? 11.605  16.647  -6.893  1.00 29.02 ? 42  VAL A CB  1 
ATOM   158  C CG1 . VAL A 1 42 ? 11.766  15.780  -8.133  1.00 29.34 ? 42  VAL A CG1 1 
ATOM   159  C CG2 . VAL A 1 42 ? 12.885  16.595  -6.056  1.00 30.13 ? 42  VAL A CG2 1 
ATOM   160  N N   . THR A 1 43 ? 10.465  18.429  -9.514  1.00 26.09 ? 43  THR A N   1 
ATOM   161  C CA  . THR A 1 43 ? 9.440   18.590  -10.564 1.00 25.11 ? 43  THR A CA  1 
ATOM   162  C C   . THR A 1 43 ? 8.841   17.219  -10.932 1.00 24.85 ? 43  THR A C   1 
ATOM   163  O O   . THR A 1 43 ? 9.455   16.161  -10.683 1.00 24.53 ? 43  THR A O   1 
ATOM   164  C CB  . THR A 1 43 ? 10.012  19.219  -11.860 1.00 26.42 ? 43  THR A CB  1 
ATOM   165  O OG1 . THR A 1 43 ? 10.952  18.307  -12.432 1.00 27.62 ? 43  THR A OG1 1 
ATOM   166  C CG2 . THR A 1 43 ? 10.703  20.581  -11.581 1.00 26.07 ? 43  THR A CG2 1 
ATOM   167  N N   . LEU A 1 44 ? 7.632   17.224  -11.484 1.00 24.36 ? 44  LEU A N   1 
ATOM   168  C CA  . LEU A 1 44 ? 6.997   15.989  -11.929 1.00 24.99 ? 44  LEU A CA  1 
ATOM   169  C C   . LEU A 1 44 ? 7.895   15.345  -12.995 1.00 25.72 ? 44  LEU A C   1 
ATOM   170  O O   . LEU A 1 44 ? 8.143   14.122  -12.977 1.00 25.79 ? 44  LEU A O   1 
ATOM   171  C CB  . LEU A 1 44 ? 5.631   16.323  -12.553 1.00 24.56 ? 44  LEU A CB  1 
ATOM   172  C CG  . LEU A 1 44 ? 4.784   15.124  -13.018 1.00 25.16 ? 44  LEU A CG  1 
ATOM   173  C CD1 . LEU A 1 44 ? 4.181   14.376  -11.841 1.00 28.21 ? 44  LEU A CD1 1 
ATOM   174  C CD2 . LEU A 1 44 ? 3.722   15.579  -14.036 1.00 25.20 ? 44  LEU A CD2 1 
ATOM   175  N N   . ARG A 1 45 ? 8.378   16.172  -13.927 1.00 26.20 ? 45  ARG A N   1 
ATOM   176  C CA  . ARG A 1 45 ? 9.129   15.603  -15.081 1.00 25.56 ? 45  ARG A CA  1 
ATOM   177  C C   . ARG A 1 45 ? 10.457  14.985  -14.621 1.00 25.63 ? 45  ARG A C   1 
ATOM   178  O O   . ARG A 1 45 ? 10.859  13.930  -15.085 1.00 25.03 ? 45  ARG A O   1 
ATOM   179  C CB  . ARG A 1 45 ? 9.348   16.665  -16.141 1.00 25.78 ? 45  ARG A CB  1 
ATOM   180  C CG  . ARG A 1 45 ? 8.066   16.987  -16.885 1.00 26.03 ? 45  ARG A CG  1 
ATOM   181  C CD  . ARG A 1 45 ? 8.258   18.121  -17.861 1.00 28.46 ? 45  ARG A CD  1 
ATOM   182  N NE  . ARG A 1 45 ? 9.237   17.813  -18.912 1.00 27.95 ? 45  ARG A NE  1 
ATOM   183  C CZ  . ARG A 1 45 ? 10.442  18.373  -18.996 1.00 28.75 ? 45  ARG A CZ  1 
ATOM   184  N NH1 . ARG A 1 45 ? 10.852  19.265  -18.090 1.00 27.91 ? 45  ARG A NH1 1 
ATOM   185  N NH2 . ARG A 1 45 ? 11.251  18.029  -19.997 1.00 28.69 ? 45  ARG A NH2 1 
ATOM   186  N N   . GLU A 1 46 ? 11.109  15.637  -13.672 1.00 26.07 ? 46  GLU A N   1 
ATOM   187  C CA  . GLU A 1 46 ? 12.368  15.126  -13.099 1.00 27.62 ? 46  GLU A CA  1 
ATOM   188  C C   . GLU A 1 46 ? 12.177  13.786  -12.400 1.00 26.80 ? 46  GLU A C   1 
ATOM   189  O O   . GLU A 1 46 ? 12.919  12.819  -12.667 1.00 25.94 ? 46  GLU A O   1 
ATOM   190  C CB  . GLU A 1 46 ? 12.856  16.159  -12.084 1.00 29.32 ? 46  GLU A CB  1 
ATOM   191  C CG  . GLU A 1 46 ? 14.209  16.046  -11.551 1.00 36.47 ? 46  GLU A CG  1 
ATOM   192  C CD  . GLU A 1 46 ? 14.637  17.413  -10.988 1.00 42.18 ? 46  GLU A CD  1 
ATOM   193  O OE1 . GLU A 1 46 ? 13.872  18.057  -10.175 1.00 43.09 ? 46  GLU A OE1 1 
ATOM   194  O OE2 . GLU A 1 46 ? 15.716  17.869  -11.428 1.00 45.28 ? 46  GLU A OE2 1 
ATOM   195  N N   . LEU A 1 47 ? 11.198  13.718  -11.490 1.00 26.36 ? 47  LEU A N   1 
ATOM   196  C CA  . LEU A 1 47 ? 10.940  12.478  -10.743 1.00 26.75 ? 47  LEU A CA  1 
ATOM   197  C C   . LEU A 1 47 ? 10.482  11.380  -11.678 1.00 25.87 ? 47  LEU A C   1 
ATOM   198  O O   . LEU A 1 47 ? 10.915  10.212  -11.533 1.00 26.32 ? 47  LEU A O   1 
ATOM   199  C CB  . LEU A 1 47 ? 9.909   12.691  -9.626  1.00 27.20 ? 47  LEU A CB  1 
ATOM   200  C CG  . LEU A 1 47 ? 9.706   11.435  -8.745  1.00 29.27 ? 47  LEU A CG  1 
ATOM   201  C CD1 . LEU A 1 47 ? 10.988  10.920  -8.089  1.00 32.50 ? 47  LEU A CD1 1 
ATOM   202  C CD2 . LEU A 1 47 ? 8.703   11.730  -7.655  1.00 28.14 ? 47  LEU A CD2 1 
ATOM   203  N N   . ALA A 1 48 ? 9.622   11.721  -12.642 1.00 25.18 ? 48  ALA A N   1 
ATOM   204  C CA  . ALA A 1 48 ? 9.190   10.692  -13.588 1.00 25.04 ? 48  ALA A CA  1 
ATOM   205  C C   . ALA A 1 48 ? 10.370  10.094  -14.339 1.00 25.17 ? 48  ALA A C   1 
ATOM   206  O O   . ALA A 1 48 ? 10.500  8.862   -14.453 1.00 24.98 ? 48  ALA A O   1 
ATOM   207  C CB  . ALA A 1 48 ? 8.176   11.220  -14.550 1.00 25.21 ? 48  ALA A CB  1 
ATOM   208  N N   . GLU A 1 49 ? 11.233  10.953  -14.835 1.00 25.37 ? 49  GLU A N   1 
ATOM   209  C CA  . GLU A 1 49 ? 12.375  10.480  -15.639 1.00 25.62 ? 49  GLU A CA  1 
ATOM   210  C C   . GLU A 1 49 ? 13.342  9.675   -14.779 1.00 25.49 ? 49  GLU A C   1 
ATOM   211  O O   . GLU A 1 49 ? 13.861  8.637   -15.217 1.00 25.54 ? 49  GLU A O   1 
ATOM   212  C CB  . GLU A 1 49 ? 13.060  11.645  -16.348 1.00 25.86 ? 49  GLU A CB  1 
ATOM   213  C CG  . GLU A 1 49 ? 14.272  11.244  -17.216 1.00 27.74 ? 49  GLU A CG  1 
ATOM   214  C CD  . GLU A 1 49 ? 13.918  10.279  -18.373 1.00 30.63 ? 49  GLU A CD  1 
ATOM   215  O OE1 . GLU A 1 49 ? 12.718  10.125  -18.731 1.00 27.59 ? 49  GLU A OE1 1 
ATOM   216  O OE2 . GLU A 1 49 ? 14.871  9.689   -18.936 1.00 30.17 ? 49  GLU A OE2 1 
ATOM   217  N N   . ALA A 1 50 ? 13.571  10.130  -13.558 1.00 25.40 ? 50  ALA A N   1 
ATOM   218  C CA  . ALA A 1 50 ? 14.455  9.391   -12.625 1.00 25.78 ? 50  ALA A CA  1 
ATOM   219  C C   . ALA A 1 50 ? 13.877  8.014   -12.354 1.00 26.10 ? 50  ALA A C   1 
ATOM   220  O O   . ALA A 1 50 ? 14.638  7.028   -12.102 1.00 26.54 ? 50  ALA A O   1 
ATOM   221  C CB  . ALA A 1 50 ? 14.606  10.168  -11.303 1.00 25.69 ? 50  ALA A CB  1 
ATOM   222  N N   . SER A 1 51 ? 12.547  7.935   -12.402 1.00 24.98 ? 51  SER A N   1 
ATOM   223  C CA  . SER A 1 51 ? 11.802  6.673   -12.177 1.00 25.43 ? 51  SER A CA  1 
ATOM   224  C C   . SER A 1 51 ? 11.585  5.837   -13.437 1.00 25.60 ? 51  SER A C   1 
ATOM   225  O O   . SER A 1 51 ? 10.987  4.740   -13.365 1.00 25.77 ? 51  SER A O   1 
ATOM   226  C CB  . SER A 1 51 ? 10.448  6.939   -11.499 1.00 26.67 ? 51  SER A CB  1 
ATOM   227  O OG  . SER A 1 51 ? 10.600  7.642   -10.265 1.00 28.60 ? 51  SER A OG  1 
ATOM   228  N N   . ARG A 1 52 ? 12.072  6.352   -14.564 1.00 24.12 ? 52  ARG A N   1 
ATOM   229  C CA  . ARG A 1 52 ? 11.981  5.725   -15.873 1.00 24.17 ? 52  ARG A CA  1 
ATOM   230  C C   . ARG A 1 52 ? 10.532  5.517   -16.328 1.00 24.38 ? 52  ARG A C   1 
ATOM   231  O O   . ARG A 1 52 ? 10.231  4.557   -17.052 1.00 23.47 ? 52  ARG A O   1 
ATOM   232  C CB  . ARG A 1 52 ? 12.837  4.416   -15.903 1.00 23.42 ? 52  ARG A CB  1 
ATOM   233  C CG  . ARG A 1 52 ? 14.295  4.801   -15.800 1.00 26.41 ? 52  ARG A CG  1 
ATOM   234  C CD  . ARG A 1 52 ? 15.215  3.690   -16.206 1.00 32.02 ? 52  ARG A CD  1 
ATOM   235  N NE  . ARG A 1 52 ? 15.204  2.582   -15.283 1.00 33.36 ? 52  ARG A NE  1 
ATOM   236  C CZ  . ARG A 1 52 ? 15.897  1.444   -15.506 1.00 33.34 ? 52  ARG A CZ  1 
ATOM   237  N NH1 . ARG A 1 52 ? 16.624  1.248   -16.631 1.00 36.60 ? 52  ARG A NH1 1 
ATOM   238  N NH2 . ARG A 1 52 ? 15.841  0.491   -14.622 1.00 31.68 ? 52  ARG A NH2 1 
ATOM   239  N N   . VAL A 1 53 ? 9.646   6.430   -15.909 1.00 23.98 ? 53  VAL A N   1 
ATOM   240  C CA  . VAL A 1 53 ? 8.238   6.368   -16.327 1.00 24.93 ? 53  VAL A CA  1 
ATOM   241  C C   . VAL A 1 53 ? 7.839   7.675   -16.985 1.00 25.45 ? 53  VAL A C   1 
ATOM   242  O O   . VAL A 1 53 ? 8.608   8.634   -16.959 1.00 25.02 ? 53  VAL A O   1 
ATOM   243  C CB  . VAL A 1 53 ? 7.259   6.044   -15.150 1.00 25.53 ? 53  VAL A CB  1 
ATOM   244  C CG1 . VAL A 1 53 ? 7.566   4.652   -14.547 1.00 25.88 ? 53  VAL A CG1 1 
ATOM   245  C CG2 . VAL A 1 53 ? 7.199   7.213   -14.082 1.00 25.97 ? 53  VAL A CG2 1 
ATOM   246  N N   . SER A 1 54 ? 6.648   7.737   -17.586 1.00 25.77 ? 54  SER A N   1 
ATOM   247  C CA  . SER A 1 54 ? 6.241   9.002   -18.213 1.00 26.80 ? 54  SER A CA  1 
ATOM   248  C C   . SER A 1 54 ? 5.659   9.934   -17.138 1.00 26.49 ? 54  SER A C   1 
ATOM   249  O O   . SER A 1 54 ? 5.157   9.472   -16.107 1.00 26.89 ? 54  SER A O   1 
ATOM   250  C CB  . SER A 1 54 ? 5.229   8.795   -19.337 1.00 28.44 ? 54  SER A CB  1 
ATOM   251  O OG  . SER A 1 54 ? 3.969   8.476   -18.798 1.00 32.13 ? 54  SER A OG  1 
ATOM   252  N N   . PRO A 1 55 ? 5.782   11.239  -17.364 1.00 25.63 ? 55  PRO A N   1 
ATOM   253  C CA  . PRO A 1 55 ? 5.278   12.169  -16.337 1.00 26.05 ? 55  PRO A CA  1 
ATOM   254  C C   . PRO A 1 55 ? 3.746   12.114  -16.242 1.00 25.51 ? 55  PRO A C   1 
ATOM   255  O O   . PRO A 1 55 ? 3.219   12.338  -15.173 1.00 25.49 ? 55  PRO A O   1 
ATOM   256  C CB  . PRO A 1 55 ? 5.772   13.547  -16.815 1.00 26.29 ? 55  PRO A CB  1 
ATOM   257  C CG  . PRO A 1 55 ? 6.009   13.397  -18.292 1.00 26.61 ? 55  PRO A CG  1 
ATOM   258  C CD  . PRO A 1 55 ? 6.405   11.936  -18.505 1.00 26.40 ? 55  PRO A CD  1 
ATOM   259  N N   . GLY A 1 56 ? 3.062   11.807  -17.345 1.00 25.42 ? 56  GLY A N   1 
ATOM   260  C CA  . GLY A 1 56 ? 1.592   11.658  -17.317 1.00 25.41 ? 56  GLY A CA  1 
ATOM   261  C C   . GLY A 1 56 ? 1.224   10.501  -16.387 1.00 25.40 ? 56  GLY A C   1 
ATOM   262  O O   . GLY A 1 56 ? 0.304   10.616  -15.608 1.00 23.90 ? 56  GLY A O   1 
ATOM   263  N N   . TYR A 1 57 ? 1.947   9.381   -16.469 1.00 24.63 ? 57  TYR A N   1 
ATOM   264  C CA  . TYR A 1 57 ? 1.720   8.244   -15.559 1.00 24.71 ? 57  TYR A CA  1 
ATOM   265  C C   . TYR A 1 57 ? 1.977   8.623   -14.103 1.00 24.27 ? 57  TYR A C   1 
ATOM   266  O O   . TYR A 1 57 ? 1.178   8.292   -13.207 1.00 23.57 ? 57  TYR A O   1 
ATOM   267  C CB  . TYR A 1 57 ? 2.609   7.069   -15.964 1.00 25.14 ? 57  TYR A CB  1 
ATOM   268  C CG  . TYR A 1 57 ? 2.354   5.796   -15.182 1.00 27.31 ? 57  TYR A CG  1 
ATOM   269  C CD1 . TYR A 1 57 ? 1.055   5.308   -14.996 1.00 30.53 ? 57  TYR A CD1 1 
ATOM   270  C CD2 . TYR A 1 57 ? 3.418   5.063   -14.658 1.00 31.81 ? 57  TYR A CD2 1 
ATOM   271  C CE1 . TYR A 1 57 ? 0.812   4.121   -14.285 1.00 30.42 ? 57  TYR A CE1 1 
ATOM   272  C CE2 . TYR A 1 57 ? 3.200   3.869   -13.988 1.00 32.06 ? 57  TYR A CE2 1 
ATOM   273  C CZ  . TYR A 1 57 ? 1.892   3.407   -13.797 1.00 30.28 ? 57  TYR A CZ  1 
ATOM   274  O OH  . TYR A 1 57 ? 1.668   2.223   -13.118 1.00 31.33 ? 57  TYR A OH  1 
ATOM   275  N N   . LEU A 1 58 ? 3.077   9.335   -13.856 1.00 24.20 ? 58  LEU A N   1 
ATOM   276  C CA  . LEU A 1 58 ? 3.373   9.760   -12.471 1.00 24.27 ? 58  LEU A CA  1 
ATOM   277  C C   . LEU A 1 58 ? 2.223   10.650  -11.942 1.00 24.04 ? 58  LEU A C   1 
ATOM   278  O O   . LEU A 1 58 ? 1.789   10.480  -10.789 1.00 22.29 ? 58  LEU A O   1 
ATOM   279  C CB  . LEU A 1 58 ? 4.693   10.494  -12.346 1.00 24.44 ? 58  LEU A CB  1 
ATOM   280  C CG  . LEU A 1 58 ? 5.123   10.867  -10.892 1.00 25.42 ? 58  LEU A CG  1 
ATOM   281  C CD1 . LEU A 1 58 ? 5.104   9.668   -9.976  1.00 26.39 ? 58  LEU A CD1 1 
ATOM   282  C CD2 . LEU A 1 58 ? 6.500   11.562  -10.860 1.00 26.61 ? 58  LEU A CD2 1 
ATOM   283  N N   . SER A 1 59 ? 1.731   11.553  -12.787 1.00 23.70 ? 59  SER A N   1 
ATOM   284  C CA  . SER A 1 59 ? 0.572   12.375  -12.414 1.00 24.54 ? 59  SER A CA  1 
ATOM   285  C C   . SER A 1 59 ? -0.671  11.529  -12.062 1.00 24.09 ? 59  SER A C   1 
ATOM   286  O O   . SER A 1 59 ? -1.361  11.792  -11.057 1.00 23.41 ? 59  SER A O   1 
ATOM   287  C CB  . SER A 1 59 ? 0.243   13.379  -13.534 1.00 25.01 ? 59  SER A CB  1 
ATOM   288  O OG  . SER A 1 59 ? -1.004  14.047  -13.310 1.00 25.97 ? 59  SER A OG  1 
ATOM   289  N N   . GLU A 1 60 ? -0.973  10.543  -12.905 1.00 23.94 ? 60  GLU A N   1 
ATOM   290  C CA  . GLU A 1 60 ? -2.090  9.627   -12.638 1.00 25.01 ? 60  GLU A CA  1 
ATOM   291  C C   . GLU A 1 60 ? -1.917  8.925   -11.289 1.00 23.95 ? 60  GLU A C   1 
ATOM   292  O O   . GLU A 1 60 ? -2.874  8.777   -10.531 1.00 25.01 ? 60  GLU A O   1 
ATOM   293  C CB  . GLU A 1 60 ? -2.170  8.589   -13.756 1.00 24.49 ? 60  GLU A CB  1 
ATOM   294  C CG  . GLU A 1 60 ? -2.721  9.172   -15.081 1.00 25.73 ? 60  GLU A CG  1 
ATOM   295  C CD  . GLU A 1 60 ? -2.472  8.285   -16.311 1.00 28.52 ? 60  GLU A CD  1 
ATOM   296  O OE1 . GLU A 1 60 ? -1.767  7.277   -16.234 1.00 31.79 ? 60  GLU A OE1 1 
ATOM   297  O OE2 . GLU A 1 60 ? -2.959  8.626   -17.394 1.00 36.42 ? 60  GLU A OE2 1 
ATOM   298  N N   . LEU A 1 61 ? -0.705  8.448   -11.022 1.00 23.82 ? 61  LEU A N   1 
ATOM   299  C CA  . LEU A 1 61 ? -0.402  7.759   -9.747  1.00 24.85 ? 61  LEU A CA  1 
ATOM   300  C C   . LEU A 1 61 ? -0.620  8.713   -8.551  1.00 24.78 ? 61  LEU A C   1 
ATOM   301  O O   . LEU A 1 61 ? -1.286  8.379   -7.571  1.00 24.35 ? 61  LEU A O   1 
ATOM   302  C CB  . LEU A 1 61 ? 1.031   7.237   -9.786  1.00 24.76 ? 61  LEU A CB  1 
ATOM   303  C CG  . LEU A 1 61 ? 1.333   6.099   -10.760 1.00 27.80 ? 61  LEU A CG  1 
ATOM   304  C CD1 . LEU A 1 61 ? 2.838   5.957   -10.887 1.00 31.97 ? 61  LEU A CD1 1 
ATOM   305  C CD2 . LEU A 1 61 ? 0.690   4.750   -10.368 1.00 31.46 ? 61  LEU A CD2 1 
ATOM   306  N N   . GLU A 1 62 ? -0.080  9.921   -8.673  1.00 24.18 ? 62  GLU A N   1 
ATOM   307  C CA  . GLU A 1 62 ? -0.212  10.935  -7.612  1.00 24.71 ? 62  GLU A CA  1 
ATOM   308  C C   . GLU A 1 62 ? -1.669  11.271  -7.278  1.00 24.71 ? 62  GLU A C   1 
ATOM   309  O O   . GLU A 1 62 ? -1.982  11.569  -6.129  1.00 24.58 ? 62  GLU A O   1 
ATOM   310  C CB  . GLU A 1 62 ? 0.529   12.208  -8.012  1.00 24.95 ? 62  GLU A CB  1 
ATOM   311  C CG  . GLU A 1 62 ? 2.044   12.031  -7.890  1.00 25.22 ? 62  GLU A CG  1 
ATOM   312  C CD  . GLU A 1 62 ? 2.806   13.330  -8.103  1.00 28.87 ? 62  GLU A CD  1 
ATOM   313  O OE1 . GLU A 1 62 ? 2.197   14.315  -8.603  1.00 28.86 ? 62  GLU A OE1 1 
ATOM   314  O OE2 . GLU A 1 62 ? 4.019   13.341  -7.812  1.00 29.17 ? 62  GLU A OE2 1 
ATOM   315  N N   . ARG A 1 63 ? -2.543  11.196  -8.286  1.00 24.48 ? 63  ARG A N   1 
ATOM   316  C CA  . ARG A 1 63 ? -3.959  11.481  -8.071  1.00 25.34 ? 63  ARG A CA  1 
ATOM   317  C C   . ARG A 1 63 ? -4.793  10.207  -7.817  1.00 25.44 ? 63  ARG A C   1 
ATOM   318  O O   . ARG A 1 63 ? -6.037  10.248  -7.827  1.00 26.73 ? 63  ARG A O   1 
ATOM   319  C CB  . ARG A 1 63 ? -4.488  12.284  -9.267  1.00 24.87 ? 63  ARG A CB  1 
ATOM   320  C CG  . ARG A 1 63 ? -3.890  13.684  -9.356  1.00 24.43 ? 63  ARG A CG  1 
ATOM   321  C CD  . ARG A 1 63 ? -4.411  14.421  -10.605 1.00 25.37 ? 63  ARG A CD  1 
ATOM   322  N NE  . ARG A 1 63 ? -3.796  13.885  -11.823 1.00 25.34 ? 63  ARG A NE  1 
ATOM   323  C CZ  . ARG A 1 63 ? -4.421  13.186  -12.765 1.00 24.22 ? 63  ARG A CZ  1 
ATOM   324  N NH1 . ARG A 1 63 ? -3.736  12.758  -13.822 1.00 25.80 ? 63  ARG A NH1 1 
ATOM   325  N NH2 . ARG A 1 63 ? -5.719  12.927  -12.664 1.00 25.77 ? 63  ARG A NH2 1 
ATOM   326  N N   . GLY A 1 64 ? -4.124  9.075   -7.631  1.00 26.15 ? 64  GLY A N   1 
ATOM   327  C CA  . GLY A 1 64 ? -4.845  7.832   -7.316  1.00 25.97 ? 64  GLY A CA  1 
ATOM   328  C C   . GLY A 1 64 ? -5.658  7.259   -8.465  1.00 26.79 ? 64  GLY A C   1 
ATOM   329  O O   . GLY A 1 64 ? -6.639  6.547   -8.237  1.00 27.40 ? 64  GLY A O   1 
ATOM   330  N N   . ARG A 1 65 ? -5.260  7.559   -9.696  1.00 27.02 ? 65  ARG A N   1 
ATOM   331  C CA  . ARG A 1 65 ? -5.993  7.065   -10.863 1.00 28.23 ? 65  ARG A CA  1 
ATOM   332  C C   . ARG A 1 65 ? -5.641  5.616   -11.197 1.00 29.02 ? 65  ARG A C   1 
ATOM   333  O O   . ARG A 1 65 ? -6.374  4.933   -11.942 1.00 29.60 ? 65  ARG A O   1 
ATOM   334  C CB  . ARG A 1 65 ? -5.769  7.964   -12.087 1.00 28.78 ? 65  ARG A CB  1 
ATOM   335  C CG  . ARG A 1 65 ? -5.976  9.462   -11.842 1.00 31.95 ? 65  ARG A CG  1 
ATOM   336  C CD  . ARG A 1 65 ? -7.421  9.841   -11.641 1.00 38.02 ? 65  ARG A CD  1 
ATOM   337  N NE  . ARG A 1 65 ? -8.133  9.801   -12.915 1.00 43.34 ? 65  ARG A NE  1 
ATOM   338  C CZ  . ARG A 1 65 ? -9.242  9.102   -13.140 1.00 47.83 ? 65  ARG A CZ  1 
ATOM   339  N NH1 . ARG A 1 65 ? -9.814  9.135   -14.345 1.00 45.86 ? 65  ARG A NH1 1 
ATOM   340  N NH2 . ARG A 1 65 ? -9.790  8.384   -12.157 1.00 51.67 ? 65  ARG A NH2 1 
ATOM   341  N N   . LYS A 1 66 ? -4.513  5.154   -10.650 1.00 29.59 ? 66  LYS A N   1 
ATOM   342  C CA  . LYS A 1 66 ? -3.931  3.872   -11.011 1.00 31.33 ? 66  LYS A CA  1 
ATOM   343  C C   . LYS A 1 66 ? -3.385  3.284   -9.741  1.00 30.55 ? 66  LYS A C   1 
ATOM   344  O O   . LYS A 1 66 ? -2.965  4.023   -8.869  1.00 30.23 ? 66  LYS A O   1 
ATOM   345  C CB  . LYS A 1 66 ? -2.710  4.074   -11.918 1.00 31.75 ? 66  LYS A CB  1 
ATOM   346  C CG  . LYS A 1 66 ? -2.964  4.894   -13.150 1.00 37.30 ? 66  LYS A CG  1 
ATOM   347  C CD  . LYS A 1 66 ? -3.484  4.043   -14.215 1.00 37.53 ? 66  LYS A CD  1 
ATOM   348  C CE  . LYS A 1 66 ? -3.264  4.713   -15.530 1.00 41.13 ? 66  LYS A CE  1 
ATOM   349  N NZ  . LYS A 1 66 ? -4.324  4.238   -16.374 1.00 41.13 ? 66  LYS A NZ  1 
ATOM   350  N N   . GLU A 1 67 ? -3.368  1.957   -9.639  1.00 30.15 ? 67  GLU A N   1 
ATOM   351  C CA  . GLU A 1 67 ? -2.719  1.347   -8.481  1.00 29.86 ? 67  GLU A CA  1 
ATOM   352  C C   . GLU A 1 67 ? -1.228  1.644   -8.443  1.00 31.41 ? 67  GLU A C   1 
ATOM   353  O O   . GLU A 1 67 ? -0.560  1.754   -9.485  1.00 31.76 ? 67  GLU A O   1 
ATOM   354  C CB  . GLU A 1 67 ? -2.979  -0.158  -8.419  1.00 30.09 ? 67  GLU A CB  1 
ATOM   355  C CG  . GLU A 1 67 ? -4.439  -0.551  -8.342  1.00 27.44 ? 67  GLU A CG  1 
ATOM   356  C CD  . GLU A 1 67 ? -5.134  -0.205  -7.013  1.00 29.02 ? 67  GLU A CD  1 
ATOM   357  O OE1 . GLU A 1 67 ? -4.493  0.149   -5.986  1.00 29.66 ? 67  GLU A OE1 1 
ATOM   358  O OE2 . GLU A 1 67 ? -6.363  -0.330  -7.018  1.00 29.96 ? 67  GLU A OE2 1 
ATOM   359  N N   . VAL A 1 68 ? -0.724  1.809   -7.228  1.00 32.42 ? 68  VAL A N   1 
ATOM   360  C CA  . VAL A 1 68 ? 0.708   2.048   -7.008  1.00 34.04 ? 68  VAL A CA  1 
ATOM   361  C C   . VAL A 1 68 ? 1.272   0.713   -6.519  1.00 33.87 ? 68  VAL A C   1 
ATOM   362  O O   . VAL A 1 68 ? 1.114   0.347   -5.334  1.00 35.06 ? 68  VAL A O   1 
ATOM   363  C CB  . VAL A 1 68 ? 0.957   3.164   -5.962  1.00 34.61 ? 68  VAL A CB  1 
ATOM   364  C CG1 . VAL A 1 68 ? 2.478   3.525   -5.893  1.00 36.14 ? 68  VAL A CG1 1 
ATOM   365  C CG2 . VAL A 1 68 ? 0.101   4.420   -6.251  1.00 36.76 ? 68  VAL A CG2 1 
ATOM   366  N N   . SER A 1 69 ? 1.888   -0.029  -7.435  1.00 32.88 ? 69  SER A N   1 
ATOM   367  C CA  . SER A 1 69 ? 2.413   -1.366  -7.139  1.00 31.93 ? 69  SER A CA  1 
ATOM   368  C C   . SER A 1 69 ? 3.588   -1.290  -6.145  1.00 31.14 ? 69  SER A C   1 
ATOM   369  O O   . SER A 1 69 ? 4.246   -0.256  -6.038  1.00 30.17 ? 69  SER A O   1 
ATOM   370  C CB  . SER A 1 69 ? 2.866   -2.036  -8.442  1.00 33.33 ? 69  SER A CB  1 
ATOM   371  O OG  . SER A 1 69 ? 4.192   -1.637  -8.816  1.00 34.75 ? 69  SER A OG  1 
ATOM   372  N N   . SER A 1 70 ? 3.866   -2.390  -5.445  1.00 29.46 ? 70  SER A N   1 
ATOM   373  C CA  . SER A 1 70 ? 4.986   -2.427  -4.487  1.00 28.44 ? 70  SER A CA  1 
ATOM   374  C C   . SER A 1 70 ? 6.282   -2.000  -5.168  1.00 28.66 ? 70  SER A C   1 
ATOM   375  O O   . SER A 1 70 ? 7.058   -1.227  -4.617  1.00 26.65 ? 70  SER A O   1 
ATOM   376  C CB  . SER A 1 70 ? 5.178   -3.845  -3.975  1.00 28.13 ? 70  SER A CB  1 
ATOM   377  O OG  . SER A 1 70 ? 4.050   -4.298  -3.256  1.00 25.41 ? 70  SER A OG  1 
ATOM   378  N N   . GLU A 1 71 ? 6.519   -2.551  -6.359  1.00 29.11 ? 71  GLU A N   1 
ATOM   379  C CA  . GLU A 1 71 ? 7.795   -2.295  -7.065  1.00 29.53 ? 71  GLU A CA  1 
ATOM   380  C C   . GLU A 1 71 ? 7.878   -0.857  -7.557  1.00 29.55 ? 71  GLU A C   1 
ATOM   381  O O   . GLU A 1 71 ? 8.906   -0.228  -7.430  1.00 29.17 ? 71  GLU A O   1 
ATOM   382  C CB  . GLU A 1 71 ? 8.004   -3.299  -8.208  1.00 29.27 ? 71  GLU A CB  1 
ATOM   383  C CG  . GLU A 1 71 ? 8.287   -4.735  -7.711  1.00 29.88 ? 71  GLU A CG  1 
ATOM   384  C CD  . GLU A 1 71 ? 7.030   -5.628  -7.537  1.00 31.92 ? 71  GLU A CD  1 
ATOM   385  O OE1 . GLU A 1 71 ? 5.894   -5.100  -7.566  1.00 33.42 ? 71  GLU A OE1 1 
ATOM   386  O OE2 . GLU A 1 71 ? 7.212   -6.855  -7.355  1.00 34.52 ? 71  GLU A OE2 1 
ATOM   387  N N   . LEU A 1 72 ? 6.786   -0.337  -8.095  1.00 29.60 ? 72  LEU A N   1 
ATOM   388  C CA  . LEU A 1 72 ? 6.756   1.045   -8.550  1.00 31.02 ? 72  LEU A CA  1 
ATOM   389  C C   . LEU A 1 72 ? 6.923   1.992   -7.376  1.00 29.56 ? 72  LEU A C   1 
ATOM   390  O O   . LEU A 1 72 ? 7.655   2.971   -7.476  1.00 29.68 ? 72  LEU A O   1 
ATOM   391  C CB  . LEU A 1 72 ? 5.437   1.347   -9.255  1.00 31.86 ? 72  LEU A CB  1 
ATOM   392  C CG  . LEU A 1 72 ? 5.283   2.655   -10.005 1.00 37.06 ? 72  LEU A CG  1 
ATOM   393  C CD1 . LEU A 1 72 ? 6.479   3.043   -10.884 1.00 40.25 ? 72  LEU A CD1 1 
ATOM   394  C CD2 . LEU A 1 72 ? 4.096   2.467   -10.855 1.00 41.92 ? 72  LEU A CD2 1 
ATOM   395  N N   . LEU A 1 73 ? 6.226   1.702   -6.272  1.00 28.97 ? 73  LEU A N   1 
ATOM   396  C CA  . LEU A 1 73 ? 6.372   2.502   -5.058  1.00 28.30 ? 73  LEU A CA  1 
ATOM   397  C C   . LEU A 1 73 ? 7.840   2.553   -4.620  1.00 27.47 ? 73  LEU A C   1 
ATOM   398  O O   . LEU A 1 73 ? 8.365   3.623   -4.328  1.00 28.07 ? 73  LEU A O   1 
ATOM   399  C CB  . LEU A 1 73 ? 5.495   1.956   -3.924  1.00 28.21 ? 73  LEU A CB  1 
ATOM   400  C CG  . LEU A 1 73 ? 5.526   2.779   -2.631  1.00 28.46 ? 73  LEU A CG  1 
ATOM   401  C CD1 . LEU A 1 73 ? 5.045   4.222   -2.845  1.00 29.97 ? 73  LEU A CD1 1 
ATOM   402  C CD2 . LEU A 1 73 ? 4.682   2.071   -1.546  1.00 27.62 ? 73  LEU A CD2 1 
ATOM   403  N N   . ALA A 1 74 ? 8.501   1.402   -4.594  1.00 27.27 ? 74  ALA A N   1 
ATOM   404  C CA  . ALA A 1 74 ? 9.903   1.358   -4.179  1.00 26.73 ? 74  ALA A CA  1 
ATOM   405  C C   . ALA A 1 74 ? 10.810  2.160   -5.111  1.00 28.00 ? 74  ALA A C   1 
ATOM   406  O O   . ALA A 1 74 ? 11.722  2.858   -4.646  1.00 27.48 ? 74  ALA A O   1 
ATOM   407  C CB  . ALA A 1 74 ? 10.405  -0.103  -4.045  1.00 26.73 ? 74  ALA A CB  1 
ATOM   408  N N   . SER A 1 75 ? 10.525  2.084   -6.414  1.00 28.10 ? 75  SER A N   1 
ATOM   409  C CA  . SER A 1 75 ? 11.354  2.742   -7.422  1.00 29.81 ? 75  SER A CA  1 
ATOM   410  C C   . SER A 1 75 ? 11.230  4.280   -7.364  1.00 28.70 ? 75  SER A C   1 
ATOM   411  O O   . SER A 1 75 ? 12.238  5.001   -7.370  1.00 28.03 ? 75  SER A O   1 
ATOM   412  C CB  . SER A 1 75 ? 11.033  2.169   -8.811  1.00 30.86 ? 75  SER A CB  1 
ATOM   413  O OG  . SER A 1 75 ? 11.594  2.957   -9.829  1.00 36.14 ? 75  SER A OG  1 
ATOM   414  N N   . VAL A 1 76 ? 10.003  4.777   -7.232  1.00 28.03 ? 76  VAL A N   1 
ATOM   415  C CA  . VAL A 1 76 ? 9.749   6.220   -7.082  1.00 28.65 ? 76  VAL A CA  1 
ATOM   416  C C   . VAL A 1 76 ? 10.327  6.748   -5.748  1.00 28.79 ? 76  VAL A C   1 
ATOM   417  O O   . VAL A 1 76 ? 10.999  7.798   -5.716  1.00 28.42 ? 76  VAL A O   1 
ATOM   418  C CB  . VAL A 1 76 ? 8.233   6.496   -7.178  1.00 29.47 ? 76  VAL A CB  1 
ATOM   419  C CG1 . VAL A 1 76 ? 7.932   7.955   -6.835  1.00 28.53 ? 76  VAL A CG1 1 
ATOM   420  C CG2 . VAL A 1 76 ? 7.705   6.132   -8.620  1.00 28.50 ? 76  VAL A CG2 1 
ATOM   421  N N   . CYS A 1 77 ? 10.121  6.006   -4.653  1.00 28.71 ? 77  CYS A N   1 
ATOM   422  C CA  . CYS A 1 77 ? 10.722  6.386   -3.364  1.00 28.31 ? 77  CYS A CA  1 
ATOM   423  C C   . CYS A 1 77 ? 12.240  6.421   -3.456  1.00 29.10 ? 77  CYS A C   1 
ATOM   424  O O   . CYS A 1 77 ? 12.864  7.332   -2.925  1.00 29.81 ? 77  CYS A O   1 
ATOM   425  C CB  . CYS A 1 77 ? 10.299  5.443   -2.225  1.00 29.06 ? 77  CYS A CB  1 
ATOM   426  S SG  . CYS A 1 77 ? 8.556   5.724   -1.780  1.00 30.25 ? 77  CYS A SG  1 
ATOM   427  N N   . HIS A 1 78 ? 12.831  5.446   -4.133  1.00 29.69 ? 78  HIS A N   1 
ATOM   428  C CA  . HIS A 1 78 ? 14.280  5.448   -4.275  1.00 31.36 ? 78  HIS A CA  1 
ATOM   429  C C   . HIS A 1 78 ? 14.744  6.711   -5.036  1.00 31.41 ? 78  HIS A C   1 
ATOM   430  O O   . HIS A 1 78 ? 15.730  7.348   -4.663  1.00 30.91 ? 78  HIS A O   1 
ATOM   431  C CB  . HIS A 1 78 ? 14.786  4.180   -4.980  1.00 32.71 ? 78  HIS A CB  1 
ATOM   432  C CG  . HIS A 1 78 ? 16.274  4.060   -4.953  1.00 36.75 ? 78  HIS A CG  1 
ATOM   433  N ND1 . HIS A 1 78 ? 17.064  4.420   -6.024  1.00 41.25 ? 78  HIS A ND1 1 
ATOM   434  C CD2 . HIS A 1 78 ? 17.122  3.675   -3.967  1.00 40.41 ? 78  HIS A CD2 1 
ATOM   435  C CE1 . HIS A 1 78 ? 18.337  4.242   -5.709  1.00 41.34 ? 78  HIS A CE1 1 
ATOM   436  N NE2 . HIS A 1 78 ? 18.400  3.789   -4.468  1.00 42.85 ? 78  HIS A NE2 1 
ATOM   437  N N   . ALA A 1 79 ? 14.030  7.053   -6.097  1.00 31.54 ? 79  ALA A N   1 
ATOM   438  C CA  . ALA A 1 79 ? 14.344  8.248   -6.879  1.00 33.31 ? 79  ALA A CA  1 
ATOM   439  C C   . ALA A 1 79 ? 14.143  9.506   -6.051  1.00 34.17 ? 79  ALA A C   1 
ATOM   440  O O   . ALA A 1 79 ? 14.886  10.483  -6.191  1.00 35.27 ? 79  ALA A O   1 
ATOM   441  C CB  . ALA A 1 79 ? 13.493  8.298   -8.160  1.00 32.29 ? 79  ALA A CB  1 
ATOM   442  N N   . LEU A 1 80 ? 13.141  9.491   -5.183  1.00 34.90 ? 80  LEU A N   1 
ATOM   443  C CA  . LEU A 1 80 ? 12.898  10.603  -4.259  1.00 35.88 ? 80  LEU A CA  1 
ATOM   444  C C   . LEU A 1 80 ? 13.857  10.710  -3.077  1.00 35.23 ? 80  LEU A C   1 
ATOM   445  O O   . LEU A 1 80 ? 13.876  11.728  -2.393  1.00 35.61 ? 80  LEU A O   1 
ATOM   446  C CB  . LEU A 1 80 ? 11.508  10.500  -3.683  1.00 36.07 ? 80  LEU A CB  1 
ATOM   447  C CG  . LEU A 1 80 ? 10.385  11.328  -4.275  1.00 40.24 ? 80  LEU A CG  1 
ATOM   448  C CD1 . LEU A 1 80 ? 9.127   10.986  -3.491  1.00 42.27 ? 80  LEU A CD1 1 
ATOM   449  C CD2 . LEU A 1 80 ? 10.717  12.827  -4.236  1.00 41.73 ? 80  LEU A CD2 1 
ATOM   450  N N   . GLY A 1 81 ? 14.632  9.664   -2.802  1.00 34.02 ? 81  GLY A N   1 
ATOM   451  C CA  . GLY A 1 81 ? 15.396  9.623   -1.557  1.00 34.12 ? 81  GLY A CA  1 
ATOM   452  C C   . GLY A 1 81 ? 14.516  9.511   -0.309  1.00 34.64 ? 81  GLY A C   1 
ATOM   453  O O   . GLY A 1 81 ? 14.890  9.959   0.788   1.00 34.56 ? 81  GLY A O   1 
ATOM   454  N N   . ALA A 1 82 ? 13.359  8.879   -0.470  1.00 34.11 ? 82  ALA A N   1 
ATOM   455  C CA  . ALA A 1 82 ? 12.370  8.699   0.602   1.00 34.07 ? 82  ALA A CA  1 
ATOM   456  C C   . ALA A 1 82 ? 12.313  7.243   0.992   1.00 34.08 ? 82  ALA A C   1 
ATOM   457  O O   . ALA A 1 82 ? 12.467  6.370   0.145   1.00 33.32 ? 82  ALA A O   1 
ATOM   458  C CB  . ALA A 1 82 ? 10.996  9.154   0.105   1.00 33.10 ? 82  ALA A CB  1 
ATOM   459  N N   . SER A 1 83 ? 12.111  6.955   2.275   1.00 34.12 ? 83  SER A N   1 
ATOM   460  C CA  . SER A 1 83 ? 11.855  5.575   2.657   1.00 34.32 ? 83  SER A CA  1 
ATOM   461  C C   . SER A 1 83 ? 10.372  5.283   2.409   1.00 32.85 ? 83  SER A C   1 
ATOM   462  O O   . SER A 1 83 ? 9.493   6.101   2.702   1.00 32.63 ? 83  SER A O   1 
ATOM   463  C CB  . SER A 1 83 ? 12.265  5.295   4.118   1.00 35.21 ? 83  SER A CB  1 
ATOM   464  O OG  . SER A 1 83 ? 11.291  5.826   4.993   1.00 40.13 ? 83  SER A OG  1 
ATOM   465  N N   . VAL A 1 84 ? 10.106  4.108   1.854   1.00 30.80 ? 84  VAL A N   1 
ATOM   466  C CA  . VAL A 1 84 ? 8.747   3.672   1.600   1.00 30.02 ? 84  VAL A CA  1 
ATOM   467  C C   . VAL A 1 84 ? 7.949   3.731   2.921   1.00 28.74 ? 84  VAL A C   1 
ATOM   468  O O   . VAL A 1 84 ? 6.814   4.182   2.914   1.00 28.14 ? 84  VAL A O   1 
ATOM   469  C CB  . VAL A 1 84 ? 8.702   2.227   1.023   1.00 31.01 ? 84  VAL A CB  1 
ATOM   470  C CG1 . VAL A 1 84 ? 7.252   1.709   0.940   1.00 30.09 ? 84  VAL A CG1 1 
ATOM   471  C CG2 . VAL A 1 84 ? 9.314   2.189   -0.402  1.00 31.47 ? 84  VAL A CG2 1 
ATOM   472  N N   . ALA A 1 85 ? 8.535   3.291   4.043   1.00 26.44 ? 85  ALA A N   1 
ATOM   473  C CA  . ALA A 1 85 ? 7.770   3.299   5.302   1.00 25.90 ? 85  ALA A CA  1 
ATOM   474  C C   . ALA A 1 85 ? 7.228   4.681   5.646   1.00 26.49 ? 85  ALA A C   1 
ATOM   475  O O   . ALA A 1 85 ? 6.098   4.812   6.097   1.00 26.55 ? 85  ALA A O   1 
ATOM   476  C CB  . ALA A 1 85 ? 8.611   2.755   6.474   1.00 25.71 ? 85  ALA A CB  1 
ATOM   477  N N   . ASP A 1 86 ? 8.041   5.717   5.468   1.00 26.61 ? 86  ASP A N   1 
ATOM   478  C CA  . ASP A 1 86 ? 7.576   7.098   5.707   1.00 26.63 ? 86  ASP A CA  1 
ATOM   479  C C   . ASP A 1 86 ? 6.448   7.522   4.777   1.00 26.24 ? 86  ASP A C   1 
ATOM   480  O O   . ASP A 1 86 ? 5.525   8.237   5.191   1.00 26.98 ? 86  ASP A O   1 
ATOM   481  C CB  . ASP A 1 86 ? 8.742   8.075   5.626   1.00 26.39 ? 86  ASP A CB  1 
ATOM   482  C CG  . ASP A 1 86 ? 9.726   7.894   6.776   1.00 29.07 ? 86  ASP A CG  1 
ATOM   483  O OD1 . ASP A 1 86 ? 9.291   7.738   7.942   1.00 28.17 ? 86  ASP A OD1 1 
ATOM   484  O OD2 . ASP A 1 86 ? 10.940  7.919   6.510   1.00 34.65 ? 86  ASP A OD2 1 
ATOM   485  N N   . VAL A 1 87 ? 6.473   7.068   3.524   1.00 26.04 ? 87  VAL A N   1 
ATOM   486  C CA  . VAL A 1 87 ? 5.375   7.372   2.619   1.00 26.00 ? 87  VAL A CA  1 
ATOM   487  C C   . VAL A 1 87 ? 4.098   6.645   3.079   1.00 25.79 ? 87  VAL A C   1 
ATOM   488  O O   . VAL A 1 87 ? 3.038   7.231   3.065   1.00 25.77 ? 87  VAL A O   1 
ATOM   489  C CB  . VAL A 1 87 ? 5.785   7.007   1.139   1.00 26.52 ? 87  VAL A CB  1 
ATOM   490  C CG1 . VAL A 1 87 ? 4.576   7.039   0.191   1.00 28.90 ? 87  VAL A CG1 1 
ATOM   491  C CG2 . VAL A 1 87 ? 6.893   7.967   0.679   1.00 27.21 ? 87  VAL A CG2 1 
ATOM   492  N N   . LEU A 1 88 ? 4.235   5.412   3.584   1.00 24.91 ? 88  LEU A N   1 
ATOM   493  C CA  . LEU A 1 88 ? 3.083   4.681   4.103   1.00 24.85 ? 88  LEU A CA  1 
ATOM   494  C C   . LEU A 1 88 ? 2.456   5.349   5.327   1.00 25.15 ? 88  LEU A C   1 
ATOM   495  O O   . LEU A 1 88 ? 1.223   5.385   5.476   1.00 25.02 ? 88  LEU A O   1 
ATOM   496  C CB  . LEU A 1 88 ? 3.481   3.263   4.494   1.00 26.08 ? 88  LEU A CB  1 
ATOM   497  C CG  . LEU A 1 88 ? 4.096   2.377   3.408   1.00 25.93 ? 88  LEU A CG  1 
ATOM   498  C CD1 . LEU A 1 88 ? 4.159   0.927   3.963   1.00 25.62 ? 88  LEU A CD1 1 
ATOM   499  C CD2 . LEU A 1 88 ? 3.263   2.481   2.103   1.00 27.14 ? 88  LEU A CD2 1 
ATOM   500  N N   . ILE A 1 89 ? 3.320   5.834   6.217   1.00 24.57 ? 89  ILE A N   1 
ATOM   501  C CA  . ILE A 1 89 ? 2.860   6.552   7.418   1.00 24.08 ? 89  ILE A CA  1 
ATOM   502  C C   . ILE A 1 89 ? 2.050   7.794   6.992   1.00 23.91 ? 89  ILE A C   1 
ATOM   503  O O   . ILE A 1 89 ? 0.976   8.050   7.556   1.00 23.99 ? 89  ILE A O   1 
ATOM   504  C CB  . ILE A 1 89 ? 4.028   6.920   8.329   1.00 23.74 ? 89  ILE A CB  1 
ATOM   505  C CG1 . ILE A 1 89 ? 4.593   5.637   8.973   1.00 23.87 ? 89  ILE A CG1 1 
ATOM   506  C CG2 . ILE A 1 89 ? 3.612   7.953   9.394   1.00 22.89 ? 89  ILE A CG2 1 
ATOM   507  C CD1 . ILE A 1 89 ? 5.975   5.847   9.584   1.00 27.81 ? 89  ILE A CD1 1 
ATOM   508  N N   . GLU A 1 90 ? 2.585   8.568   6.043   1.00 24.52 ? 90  GLU A N   1 
ATOM   509  C CA  . GLU A 1 90 ? 1.872   9.750   5.513   1.00 25.29 ? 90  GLU A CA  1 
ATOM   510  C C   . GLU A 1 90 ? 0.512   9.389   4.845   1.00 25.23 ? 90  GLU A C   1 
ATOM   511  O O   . GLU A 1 90 ? -0.532  10.048  5.094   1.00 24.46 ? 90  GLU A O   1 
ATOM   512  C CB  . GLU A 1 90 ? 2.789   10.489  4.524   1.00 26.43 ? 90  GLU A CB  1 
ATOM   513  C CG  . GLU A 1 90 ? 2.126   11.664  3.779   1.00 30.34 ? 90  GLU A CG  1 
ATOM   514  C CD  . GLU A 1 90 ? 1.739   12.813  4.696   1.00 36.97 ? 90  GLU A CD  1 
ATOM   515  O OE1 . GLU A 1 90 ? 2.189   12.841  5.871   1.00 36.66 ? 90  GLU A OE1 1 
ATOM   516  O OE2 . GLU A 1 90 ? 0.950   13.678  4.242   1.00 33.83 ? 90  GLU A OE2 1 
ATOM   517  N N   . ALA A 1 91 ? 0.536   8.336   4.024   1.00 24.31 ? 91  ALA A N   1 
ATOM   518  C CA  . ALA A 1 91 ? -0.658  7.816   3.360   1.00 24.77 ? 91  ALA A CA  1 
ATOM   519  C C   . ALA A 1 91 ? -1.706  7.409   4.398   1.00 24.85 ? 91  ALA A C   1 
ATOM   520  O O   . ALA A 1 91 ? -2.875  7.778   4.266   1.00 25.03 ? 91  ALA A O   1 
ATOM   521  C CB  . ALA A 1 91 ? -0.294  6.618   2.438   1.00 23.76 ? 91  ALA A CB  1 
ATOM   522  N N   . ALA A 1 92 ? -1.282  6.726   5.467   1.00 24.41 ? 92  ALA A N   1 
ATOM   523  C CA  . ALA A 1 92 ? -2.241  6.269   6.462   1.00 24.51 ? 92  ALA A CA  1 
ATOM   524  C C   . ALA A 1 92 ? -2.860  7.460   7.199   1.00 25.01 ? 92  ALA A C   1 
ATOM   525  O O   . ALA A 1 92 ? -4.037  7.437   7.556   1.00 25.70 ? 92  ALA A O   1 
ATOM   526  C CB  . ALA A 1 92 ? -1.615  5.286   7.458   1.00 25.12 ? 92  ALA A CB  1 
ATOM   527  N N   . GLY A 1 93 ? -2.050  8.493   7.421   1.00 25.65 ? 93  GLY A N   1 
ATOM   528  C CA  . GLY A 1 93 ? -2.521  9.710   8.114   1.00 26.15 ? 93  GLY A CA  1 
ATOM   529  C C   . GLY A 1 93 ? -3.544  10.451  7.283   1.00 28.05 ? 93  GLY A C   1 
ATOM   530  O O   . GLY A 1 93 ? -4.496  11.011  7.814   1.00 28.30 ? 93  GLY A O   1 
ATOM   531  N N   . SER A 1 94 ? -3.371  10.438  5.967   1.00 27.83 ? 94  SER A N   1 
ATOM   532  C CA  . SER A 1 94 ? -4.271  11.191  5.107   1.00 30.13 ? 94  SER A CA  1 
ATOM   533  C C   . SER A 1 94 ? -5.637  10.512  5.024   1.00 31.09 ? 94  SER A C   1 
ATOM   534  O O   . SER A 1 94 ? -6.613  11.148  4.640   1.00 31.24 ? 94  SER A O   1 
ATOM   535  C CB  . SER A 1 94 ? -3.654  11.299  3.726   1.00 29.74 ? 94  SER A CB  1 
ATOM   536  O OG  . SER A 1 94 ? -3.762  10.054  3.090   1.00 32.19 ? 94  SER A OG  1 
ATOM   537  N N   . MET A 1 95 ? -5.690  9.223   5.369   1.00 32.63 ? 95  MET A N   1 
ATOM   538  C CA  . MET A 1 95 ? -6.893  8.392   5.235   1.00 35.18 ? 95  MET A CA  1 
ATOM   539  C C   . MET A 1 95 ? -7.801  8.404   6.440   1.00 37.29 ? 95  MET A C   1 
ATOM   540  O O   . MET A 1 95 ? -8.993  8.111   6.322   1.00 38.07 ? 95  MET A O   1 
ATOM   541  C CB  . MET A 1 95 ? -6.508  6.942   5.020   1.00 34.67 ? 95  MET A CB  1 
ATOM   542  C CG  . MET A 1 95 ? -5.823  6.700   3.743   1.00 35.15 ? 95  MET A CG  1 
ATOM   543  S SD  . MET A 1 95 ? -5.345  4.979   3.700   1.00 37.34 ? 95  MET A SD  1 
ATOM   544  C CE  . MET A 1 95 ? -6.773  4.283   2.886   1.00 36.57 ? 95  MET A CE  1 
ATOM   545  N N   . ALA A 1 96 ? -7.224  8.695   7.600   1.00 38.57 ? 96  ALA A N   1 
ATOM   546  C CA  . ALA A 1 96 ? -7.938  8.625   8.849   1.00 40.39 ? 96  ALA A CA  1 
ATOM   547  C C   . ALA A 1 96 ? -9.316  9.259   8.696   1.00 41.45 ? 96  ALA A C   1 
ATOM   548  O O   . ALA A 1 96 ? -9.453  10.404  8.226   1.00 41.24 ? 96  ALA A O   1 
ATOM   549  C CB  . ALA A 1 96 ? -7.148  9.304   9.940   1.00 40.29 ? 96  ALA A CB  1 
ATOM   550  N N   . LEU A 1 97 ? -10.325 8.457   9.029   1.00 43.35 ? 97  LEU A N   1 
ATOM   551  C CA  . LEU A 1 97 ? -11.690 8.935   9.257   1.00 45.09 ? 97  LEU A CA  1 
ATOM   552  C C   . LEU A 1 97 ? -11.875 9.168   10.750  1.00 46.02 ? 97  LEU A C   1 
ATOM   553  O O   . LEU A 1 97 ? -12.613 10.061  11.175  1.00 45.87 ? 97  LEU A O   1 
ATOM   554  C CB  . LEU A 1 97 ? -12.738 7.922   8.765   1.00 45.38 ? 97  LEU A CB  1 
ATOM   555  C CG  . LEU A 1 97 ? -12.906 7.586   7.273   1.00 46.07 ? 97  LEU A CG  1 
ATOM   556  C CD1 . LEU A 1 97 ? -13.982 6.508   7.143   1.00 46.72 ? 97  LEU A CD1 1 
ATOM   557  C CD2 . LEU A 1 97 ? -13.260 8.817   6.414   1.00 46.55 ? 97  LEU A CD2 1 
ATOM   558  N N   . GLN A 1 98 ? -11.189 8.344   11.531  1.00 47.08 ? 98  GLN A N   1 
ATOM   559  C CA  . GLN A 1 98 ? -11.245 8.383   12.981  1.00 48.29 ? 98  GLN A CA  1 
ATOM   560  C C   . GLN A 1 98 ? -9.913  8.882   13.516  1.00 48.22 ? 98  GLN A C   1 
ATOM   561  O O   . GLN A 1 98 ? -9.850  9.470   14.591  1.00 47.87 ? 98  GLN A O   1 
ATOM   562  C CB  . GLN A 1 98 ? -11.460 6.968   13.493  1.00 48.73 ? 98  GLN A CB  1 
ATOM   563  C CG  . GLN A 1 98 ? -12.619 6.808   14.421  1.00 50.71 ? 98  GLN A CG  1 
ATOM   564  C CD  . GLN A 1 98 ? -13.411 5.577   14.070  1.00 52.98 ? 98  GLN A CD  1 
ATOM   565  O OE1 . GLN A 1 98 ? -13.820 5.402   12.916  1.00 54.58 ? 98  GLN A OE1 1 
ATOM   566  N NE2 . GLN A 1 98 ? -13.626 4.707   15.050  1.00 54.26 ? 98  GLN A NE2 1 
ATOM   567  N N   . LYS B 1 19 ? 22.540  -6.475  1.606   1.00 53.04 ? 19  LYS E N   1 
ATOM   568  C CA  . LYS B 1 19 ? 21.899  -7.651  2.271   1.00 52.78 ? 19  LYS E CA  1 
ATOM   569  C C   . LYS B 1 19 ? 20.842  -8.319  1.370   1.00 52.30 ? 19  LYS E C   1 
ATOM   570  O O   . LYS B 1 19 ? 20.699  -7.949  0.192   1.00 53.03 ? 19  LYS E O   1 
ATOM   571  C CB  . LYS B 1 19 ? 21.272  -7.210  3.612   1.00 53.29 ? 19  LYS E CB  1 
ATOM   572  N N   . ALA B 1 20 ? 20.113  -9.295  1.924   1.00 50.44 ? 20  ALA E N   1 
ATOM   573  C CA  . ALA B 1 20 ? 18.888  -9.836  1.310   1.00 48.50 ? 20  ALA E CA  1 
ATOM   574  C C   . ALA B 1 20 ? 17.869  -8.707  1.016   1.00 46.70 ? 20  ALA E C   1 
ATOM   575  O O   . ALA B 1 20 ? 17.915  -7.664  1.677   1.00 47.03 ? 20  ALA E O   1 
ATOM   576  C CB  . ALA B 1 20 ? 18.273  -10.896 2.228   1.00 48.76 ? 20  ALA E CB  1 
ATOM   577  N N   . PRO B 1 21 ? 16.944  -8.911  0.042   1.00 44.66 ? 21  PRO E N   1 
ATOM   578  C CA  . PRO B 1 21 ? 16.049  -7.835  -0.444  1.00 42.44 ? 21  PRO E CA  1 
ATOM   579  C C   . PRO B 1 21 ? 15.229  -7.093  0.617   1.00 40.02 ? 21  PRO E C   1 
ATOM   580  O O   . PRO B 1 21 ? 14.796  -7.690  1.607   1.00 39.85 ? 21  PRO E O   1 
ATOM   581  C CB  . PRO B 1 21 ? 15.086  -8.582  -1.392  1.00 42.61 ? 21  PRO E CB  1 
ATOM   582  C CG  . PRO B 1 21 ? 15.212  -10.047 -1.009  1.00 43.80 ? 21  PRO E CG  1 
ATOM   583  C CD  . PRO B 1 21 ? 16.667  -10.178 -0.665  1.00 44.60 ? 21  PRO E CD  1 
ATOM   584  N N   . GLU B 1 22 ? 14.991  -5.803  0.385   1.00 37.02 ? 22  GLU E N   1 
ATOM   585  C CA  . GLU B 1 22 ? 14.066  -5.025  1.210   1.00 34.63 ? 22  GLU E CA  1 
ATOM   586  C C   . GLU B 1 22 ? 12.668  -5.634  1.093   1.00 31.92 ? 22  GLU E C   1 
ATOM   587  O O   . GLU B 1 22 ? 12.316  -6.151  0.027   1.00 29.71 ? 22  GLU E O   1 
ATOM   588  C CB  . GLU B 1 22 ? 14.000  -3.566  0.735   1.00 35.33 ? 22  GLU E CB  1 
ATOM   589  C CG  . GLU B 1 22 ? 15.362  -2.887  0.440   1.00 38.29 ? 22  GLU E CG  1 
ATOM   590  C CD  . GLU B 1 22 ? 16.271  -2.708  1.676   1.00 43.61 ? 22  GLU E CD  1 
ATOM   591  O OE1 . GLU B 1 22 ? 15.965  -3.254  2.765   1.00 46.51 ? 22  GLU E OE1 1 
ATOM   592  O OE2 . GLU B 1 22 ? 17.317  -2.019  1.554   1.00 44.83 ? 22  GLU E OE2 1 
ATOM   593  N N   . PRO B 1 23 ? 11.872  -5.595  2.185   1.00 30.24 ? 23  PRO E N   1 
ATOM   594  C CA  . PRO B 1 23 ? 10.454  -5.946  2.073   1.00 28.82 ? 23  PRO E CA  1 
ATOM   595  C C   . PRO B 1 23 ? 9.708   -5.132  1.006   1.00 26.94 ? 23  PRO E C   1 
ATOM   596  O O   . PRO B 1 23 ? 9.989   -3.953  0.832   1.00 25.88 ? 23  PRO E O   1 
ATOM   597  C CB  . PRO B 1 23 ? 9.903   -5.613  3.466   1.00 29.16 ? 23  PRO E CB  1 
ATOM   598  C CG  . PRO B 1 23 ? 11.034  -5.834  4.352   1.00 30.78 ? 23  PRO E CG  1 
ATOM   599  C CD  . PRO B 1 23 ? 12.243  -5.309  3.589   1.00 30.90 ? 23  PRO E CD  1 
ATOM   600  N N   . LEU B 1 24 ? 8.811   -5.794  0.274   1.00 25.20 ? 24  LEU E N   1 
ATOM   601  C CA  . LEU B 1 24 ? 7.901   -5.125  -0.650  1.00 24.39 ? 24  LEU E CA  1 
ATOM   602  C C   . LEU B 1 24 ? 6.671   -4.719  0.119   1.00 25.15 ? 24  LEU E C   1 
ATOM   603  O O   . LEU B 1 24 ? 6.298   -5.412  1.094   1.00 24.71 ? 24  LEU E O   1 
ATOM   604  C CB  . LEU B 1 24 ? 7.478   -6.121  -1.736  1.00 24.06 ? 24  LEU E CB  1 
ATOM   605  C CG  . LEU B 1 24 ? 8.536   -6.526  -2.748  1.00 24.96 ? 24  LEU E CG  1 
ATOM   606  C CD1 . LEU B 1 24 ? 8.034   -7.750  -3.573  1.00 25.93 ? 24  LEU E CD1 1 
ATOM   607  C CD2 . LEU B 1 24 ? 8.940   -5.364  -3.646  1.00 28.07 ? 24  LEU E CD2 1 
ATOM   608  N N   . LEU B 1 25 ? 5.995   -3.652  -0.330  1.00 24.82 ? 25  LEU E N   1 
ATOM   609  C CA  . LEU B 1 25 ? 4.727   -3.253  0.289   1.00 26.67 ? 25  LEU E CA  1 
ATOM   610  C C   . LEU B 1 25 ? 3.786   -4.437  0.449   1.00 27.25 ? 25  LEU E C   1 
ATOM   611  O O   . LEU B 1 25 ? 3.168   -4.594  1.505   1.00 27.53 ? 25  LEU E O   1 
ATOM   612  C CB  . LEU B 1 25 ? 4.034   -2.150  -0.528  1.00 27.73 ? 25  LEU E CB  1 
ATOM   613  C CG  . LEU B 1 25 ? 2.678   -1.697  0.075   1.00 30.65 ? 25  LEU E CG  1 
ATOM   614  C CD1 . LEU B 1 25 ? 2.796   -1.263  1.575   1.00 29.86 ? 25  LEU E CD1 1 
ATOM   615  C CD2 . LEU B 1 25 ? 2.066   -0.594  -0.778  1.00 34.32 ? 25  LEU E CD2 1 
ATOM   616  N N   . ARG B 1 26 ? 3.641   -5.252  -0.610  1.00 26.74 ? 26  ARG E N   1 
ATOM   617  C CA  . ARG B 1 26 ? 2.648   -6.315  -0.561  1.00 25.78 ? 26  ARG E CA  1 
ATOM   618  C C   . ARG B 1 26 ? 2.955   -7.329  0.535   1.00 26.42 ? 26  ARG E C   1 
ATOM   619  O O   . ARG B 1 26 ? 2.031   -7.883  1.102   1.00 27.01 ? 26  ARG E O   1 
ATOM   620  C CB  . ARG B 1 26 ? 2.442   -6.998  -1.928  1.00 26.20 ? 26  ARG E CB  1 
ATOM   621  C CG  . ARG B 1 26 ? 3.709   -7.587  -2.551  1.00 24.22 ? 26  ARG E CG  1 
ATOM   622  C CD  . ARG B 1 26 ? 3.278   -8.560  -3.674  1.00 24.71 ? 26  ARG E CD  1 
ATOM   623  N NE  . ARG B 1 26 ? 4.400   -9.171  -4.382  1.00 22.80 ? 26  ARG E NE  1 
ATOM   624  C CZ  . ARG B 1 26 ? 5.069   -8.603  -5.385  1.00 23.44 ? 26  ARG E CZ  1 
ATOM   625  N NH1 . ARG B 1 26 ? 6.077   -9.261  -5.940  1.00 22.42 ? 26  ARG E NH1 1 
ATOM   626  N NH2 . ARG B 1 26 ? 4.778   -7.347  -5.780  1.00 23.07 ? 26  ARG E NH2 1 
ATOM   627  N N   . GLU B 1 27 ? 4.246   -7.582  0.792   1.00 25.12 ? 27  GLU E N   1 
ATOM   628  C CA  . GLU B 1 27 ? 4.703   -8.415  1.906   1.00 25.64 ? 27  GLU E CA  1 
ATOM   629  C C   . GLU B 1 27 ? 4.359   -7.802  3.260   1.00 26.66 ? 27  GLU E C   1 
ATOM   630  O O   . GLU B 1 27 ? 3.849   -8.485  4.148   1.00 27.51 ? 27  GLU E O   1 
ATOM   631  C CB  . GLU B 1 27 ? 6.202   -8.630  1.806   1.00 25.26 ? 27  GLU E CB  1 
ATOM   632  C CG  . GLU B 1 27 ? 6.563   -9.521  0.596   1.00 23.54 ? 27  GLU E CG  1 
ATOM   633  C CD  . GLU B 1 27 ? 8.034   -9.631  0.332   1.00 27.23 ? 27  GLU E CD  1 
ATOM   634  O OE1 . GLU B 1 27 ? 8.785   -8.723  0.744   1.00 25.06 ? 27  GLU E OE1 1 
ATOM   635  O OE2 . GLU B 1 27 ? 8.441   -10.623 -0.316  1.00 26.23 ? 27  GLU E OE2 1 
ATOM   636  N N   . ALA B 1 28 ? 4.630   -6.509  3.405   1.00 27.03 ? 28  ALA E N   1 
ATOM   637  C CA  . ALA B 1 28 ? 4.344   -5.822  4.672   1.00 28.25 ? 28  ALA E CA  1 
ATOM   638  C C   . ALA B 1 28 ? 2.810   -5.763  4.897   1.00 28.75 ? 28  ALA E C   1 
ATOM   639  O O   . ALA B 1 28 ? 2.322   -6.049  5.988   1.00 30.26 ? 28  ALA E O   1 
ATOM   640  C CB  . ALA B 1 28 ? 4.969   -4.398  4.644   1.00 27.91 ? 28  ALA E CB  1 
ATOM   641  N N   . LEU B 1 29 ? 2.065   -5.405  3.872   1.00 29.08 ? 29  LEU E N   1 
ATOM   642  C CA  . LEU B 1 29 ? 0.606   -5.379  3.949   1.00 30.62 ? 29  LEU E CA  1 
ATOM   643  C C   . LEU B 1 29 ? 0.031   -6.759  4.237   1.00 30.11 ? 29  LEU E C   1 
ATOM   644  O O   . LEU B 1 29 ? -0.909  -6.903  5.040   1.00 29.35 ? 29  LEU E O   1 
ATOM   645  C CB  . LEU B 1 29 ? 0.046   -4.874  2.627   1.00 31.38 ? 29  LEU E CB  1 
ATOM   646  C CG  . LEU B 1 29 ? -1.228  -4.072  2.445   1.00 36.77 ? 29  LEU E CG  1 
ATOM   647  C CD1 . LEU B 1 29 ? -1.215  -2.858  3.369   1.00 37.91 ? 29  LEU E CD1 1 
ATOM   648  C CD2 . LEU B 1 29 ? -1.374  -3.602  0.946   1.00 34.86 ? 29  LEU E CD2 1 
ATOM   649  N N   . GLY B 1 30 ? 0.579   -7.783  3.571   1.00 28.96 ? 30  GLY E N   1 
ATOM   650  C CA  . GLY B 1 30 ? 0.109   -9.162  3.848   1.00 28.71 ? 30  GLY E CA  1 
ATOM   651  C C   . GLY B 1 30 ? 0.346   -9.581  5.292   1.00 28.81 ? 30  GLY E C   1 
ATOM   652  O O   . GLY B 1 30 ? -0.503  -10.207 5.924   1.00 29.19 ? 30  GLY E O   1 
ATOM   653  N N   . ALA B 1 31 ? 1.511   -9.243  5.821   1.00 28.88 ? 31  ALA E N   1 
ATOM   654  C CA  . ALA B 1 31 ? 1.858   -9.570  7.205   1.00 29.42 ? 31  ALA E CA  1 
ATOM   655  C C   . ALA B 1 31 ? 0.916   -8.838  8.180   1.00 29.07 ? 31  ALA E C   1 
ATOM   656  O O   . ALA B 1 31 ? 0.489   -9.421  9.185   1.00 29.15 ? 31  ALA E O   1 
ATOM   657  C CB  . ALA B 1 31 ? 3.304   -9.234  7.487   1.00 29.52 ? 31  ALA E CB  1 
ATOM   658  N N   . ALA B 1 32 ? 0.578   -7.584  7.863   1.00 29.29 ? 32  ALA E N   1 
ATOM   659  C CA  . ALA B 1 32 ? -0.360  -6.787  8.676   1.00 29.79 ? 32  ALA E CA  1 
ATOM   660  C C   . ALA B 1 32 ? -1.745  -7.460  8.678   1.00 30.19 ? 32  ALA E C   1 
ATOM   661  O O   . ALA B 1 32 ? -2.330  -7.693  9.732   1.00 29.68 ? 32  ALA E O   1 
ATOM   662  C CB  . ALA B 1 32 ? -0.447  -5.378  8.139   1.00 29.82 ? 32  ALA E CB  1 
ATOM   663  N N   . LEU B 1 33 ? -2.239  -7.789  7.485   1.00 29.83 ? 33  LEU E N   1 
ATOM   664  C CA  . LEU B 1 33 ? -3.539  -8.463  7.343   1.00 31.20 ? 33  LEU E CA  1 
ATOM   665  C C   . LEU B 1 33 ? -3.581  -9.747  8.139   1.00 30.84 ? 33  LEU E C   1 
ATOM   666  O O   . LEU B 1 33 ? -4.561  -10.010 8.843   1.00 30.94 ? 33  LEU E O   1 
ATOM   667  C CB  . LEU B 1 33 ? -3.845  -8.741  5.874   1.00 30.72 ? 33  LEU E CB  1 
ATOM   668  C CG  . LEU B 1 33 ? -4.248  -7.503  5.038   1.00 31.81 ? 33  LEU E CG  1 
ATOM   669  C CD1 . LEU B 1 33 ? -4.156  -7.818  3.550   1.00 33.11 ? 33  LEU E CD1 1 
ATOM   670  C CD2 . LEU B 1 33 ? -5.668  -6.982  5.411   1.00 31.72 ? 33  LEU E CD2 1 
ATOM   671  N N   . ARG B 1 34 ? -2.517  -10.539 8.053   1.00 31.28 ? 34  ARG E N   1 
ATOM   672  C CA  . ARG B 1 34 ? -2.441  -11.787 8.819   1.00 32.97 ? 34  ARG E CA  1 
ATOM   673  C C   . ARG B 1 34 ? -2.540  -11.526 10.331  1.00 32.59 ? 34  ARG E C   1 
ATOM   674  O O   . ARG B 1 34 ? -3.267  -12.220 11.056  1.00 31.52 ? 34  ARG E O   1 
ATOM   675  C CB  . ARG B 1 34 ? -1.152  -12.552 8.506   1.00 32.96 ? 34  ARG E CB  1 
ATOM   676  C CG  . ARG B 1 34 ? -1.097  -13.919 9.228   1.00 35.47 ? 34  ARG E CG  1 
ATOM   677  C CD  . ARG B 1 34 ? 0.272   -14.616 9.122   1.00 36.91 ? 34  ARG E CD  1 
ATOM   678  N NE  . ARG B 1 34 ? 0.828   -14.620 7.762   1.00 45.00 ? 34  ARG E NE  1 
ATOM   679  C CZ  . ARG B 1 34 ? 1.904   -13.915 7.380   1.00 46.48 ? 34  ARG E CZ  1 
ATOM   680  N NH1 . ARG B 1 34 ? 2.320   -13.991 6.121   1.00 47.13 ? 34  ARG E NH1 1 
ATOM   681  N NH2 . ARG B 1 34 ? 2.586   -13.155 8.264   1.00 43.87 ? 34  ARG E NH2 1 
ATOM   682  N N   . SER B 1 35 ? -1.830  -10.502 10.803  1.00 32.68 ? 35  SER E N   1 
ATOM   683  C CA  . SER B 1 35 ? -1.880  -10.190 12.224  1.00 33.96 ? 35  SER E CA  1 
ATOM   684  C C   . SER B 1 35 ? -3.276  -9.670  12.660  1.00 33.19 ? 35  SER E C   1 
ATOM   685  O O   . SER B 1 35 ? -3.747  -10.044 13.738  1.00 35.00 ? 35  SER E O   1 
ATOM   686  C CB  . SER B 1 35 ? -0.719  -9.278  12.660  1.00 33.97 ? 35  SER E CB  1 
ATOM   687  O OG  . SER B 1 35 ? -1.020  -7.933  12.426  1.00 40.15 ? 35  SER E OG  1 
ATOM   688  N N   . PHE B 1 36 ? -3.958  -8.882  11.823  1.00 32.74 ? 36  PHE E N   1 
ATOM   689  C CA  . PHE B 1 36 ? -5.323  -8.431  12.132  1.00 31.81 ? 36  PHE E CA  1 
ATOM   690  C C   . PHE B 1 36 ? -6.287  -9.621  12.158  1.00 32.15 ? 36  PHE E C   1 
ATOM   691  O O   . PHE B 1 36 ? -7.209  -9.671  12.979  1.00 31.44 ? 36  PHE E O   1 
ATOM   692  C CB  . PHE B 1 36 ? -5.833  -7.397  11.124  1.00 31.74 ? 36  PHE E CB  1 
ATOM   693  C CG  . PHE B 1 36 ? -5.437  -5.971  11.440  1.00 32.24 ? 36  PHE E CG  1 
ATOM   694  C CD1 . PHE B 1 36 ? -4.147  -5.504  11.152  1.00 31.78 ? 36  PHE E CD1 1 
ATOM   695  C CD2 . PHE B 1 36 ? -6.348  -5.092  12.018  1.00 34.16 ? 36  PHE E CD2 1 
ATOM   696  C CE1 . PHE B 1 36 ? -3.772  -4.172  11.428  1.00 29.97 ? 36  PHE E CE1 1 
ATOM   697  C CE2 . PHE B 1 36 ? -5.994  -3.746  12.298  1.00 32.92 ? 36  PHE E CE2 1 
ATOM   698  C CZ  . PHE B 1 36 ? -4.698  -3.295  12.006  1.00 32.33 ? 36  PHE E CZ  1 
ATOM   699  N N   . ARG B 1 37 ? -6.080  -10.570 11.252  1.00 32.70 ? 37  ARG E N   1 
ATOM   700  C CA  . ARG B 1 37 ? -6.907  -11.790 11.223  1.00 33.49 ? 37  ARG E CA  1 
ATOM   701  C C   . ARG B 1 37 ? -6.665  -12.652 12.456  1.00 35.46 ? 37  ARG E C   1 
ATOM   702  O O   . ARG B 1 37 ? -7.614  -13.171 13.067  1.00 35.80 ? 37  ARG E O   1 
ATOM   703  C CB  . ARG B 1 37 ? -6.652  -12.597 9.937   1.00 33.50 ? 37  ARG E CB  1 
ATOM   704  C CG  . ARG B 1 37 ? -7.477  -13.879 9.861   1.00 33.26 ? 37  ARG E CG  1 
ATOM   705  C CD  . ARG B 1 37 ? -7.353  -14.584 8.513   1.00 32.64 ? 37  ARG E CD  1 
ATOM   706  N NE  . ARG B 1 37 ? -6.006  -15.075 8.226   1.00 31.96 ? 37  ARG E NE  1 
ATOM   707  C CZ  . ARG B 1 37 ? -5.448  -16.150 8.782   1.00 34.05 ? 37  ARG E CZ  1 
ATOM   708  N NH1 . ARG B 1 37 ? -6.093  -16.871 9.701   1.00 34.37 ? 37  ARG E NH1 1 
ATOM   709  N NH2 . ARG B 1 37 ? -4.226  -16.510 8.420   1.00 34.73 ? 37  ARG E NH2 1 
ATOM   710  N N   . ALA B 1 38 ? -5.397  -12.803 12.831  1.00 37.23 ? 38  ALA E N   1 
ATOM   711  C CA  . ALA B 1 38 ? -5.038  -13.608 13.996  1.00 38.70 ? 38  ALA E CA  1 
ATOM   712  C C   . ALA B 1 38 ? -5.586  -12.988 15.268  1.00 39.81 ? 38  ALA E C   1 
ATOM   713  O O   . ALA B 1 38 ? -6.082  -13.702 16.145  1.00 39.96 ? 38  ALA E O   1 
ATOM   714  C CB  . ALA B 1 38 ? -3.536  -13.785 14.088  1.00 38.94 ? 38  ALA E CB  1 
ATOM   715  N N   . ASP B 1 39 ? -5.508  -11.660 15.362  1.00 41.01 ? 39  ASP E N   1 
ATOM   716  C CA  . ASP B 1 39 ? -6.036  -10.932 16.518  1.00 42.04 ? 39  ASP E CA  1 
ATOM   717  C C   . ASP B 1 39 ? -7.529  -11.181 16.689  1.00 41.94 ? 39  ASP E C   1 
ATOM   718  O O   . ASP B 1 39 ? -8.030  -11.261 17.813  1.00 41.16 ? 39  ASP E O   1 
ATOM   719  C CB  . ASP B 1 39 ? -5.800  -9.419  16.386  1.00 42.57 ? 39  ASP E CB  1 
ATOM   720  C CG  . ASP B 1 39 ? -4.354  -9.002  16.690  1.00 45.94 ? 39  ASP E CG  1 
ATOM   721  O OD1 . ASP B 1 39 ? -3.573  -9.825  17.222  1.00 49.97 ? 39  ASP E OD1 1 
ATOM   722  O OD2 . ASP B 1 39 ? -4.004  -7.833  16.397  1.00 50.36 ? 39  ASP E OD2 1 
ATOM   723  N N   . LYS B 1 40 ? -8.235  -11.266 15.566  1.00 41.75 ? 40  LYS E N   1 
ATOM   724  C CA  . LYS B 1 40 ? -9.684  -11.418 15.582  1.00 41.99 ? 40  LYS E CA  1 
ATOM   725  C C   . LYS B 1 40 ? -10.085 -12.883 15.762  1.00 41.23 ? 40  LYS E C   1 
ATOM   726  O O   . LYS B 1 40 ? -11.261 -13.189 15.985  1.00 41.52 ? 40  LYS E O   1 
ATOM   727  C CB  . LYS B 1 40 ? -10.296 -10.818 14.315  1.00 42.13 ? 40  LYS E CB  1 
ATOM   728  C CG  . LYS B 1 40 ? -11.605 -10.124 14.571  1.00 44.03 ? 40  LYS E CG  1 
ATOM   729  C CD  . LYS B 1 40 ? -12.289 -9.720  13.288  1.00 46.98 ? 40  LYS E CD  1 
ATOM   730  C CE  . LYS B 1 40 ? -13.607 -9.004  13.582  1.00 48.18 ? 40  LYS E CE  1 
ATOM   731  N NZ  . LYS B 1 40 ? -13.407 -7.701  14.288  1.00 49.03 ? 40  LYS E NZ  1 
ATOM   732  N N   . GLY B 1 41 ? -9.096  -13.774 15.683  1.00 40.64 ? 41  GLY E N   1 
ATOM   733  C CA  . GLY B 1 41 ? -9.282  -15.212 15.893  1.00 39.85 ? 41  GLY E CA  1 
ATOM   734  C C   . GLY B 1 41 ? -10.075 -15.889 14.791  1.00 39.49 ? 41  GLY E C   1 
ATOM   735  O O   . GLY B 1 41 ? -10.750 -16.903 15.031  1.00 39.39 ? 41  GLY E O   1 
ATOM   736  N N   . VAL B 1 42 ? -9.974  -15.323 13.588  1.00 38.65 ? 42  VAL E N   1 
ATOM   737  C CA  . VAL B 1 42 ? -10.736 -15.714 12.394  1.00 37.91 ? 42  VAL E CA  1 
ATOM   738  C C   . VAL B 1 42 ? -9.826  -16.616 11.552  1.00 36.99 ? 42  VAL E C   1 
ATOM   739  O O   . VAL B 1 42 ? -8.642  -16.335 11.429  1.00 36.53 ? 42  VAL E O   1 
ATOM   740  C CB  . VAL B 1 42 ? -11.121 -14.423 11.591  1.00 38.31 ? 42  VAL E CB  1 
ATOM   741  C CG1 . VAL B 1 42 ? -11.707 -14.742 10.241  1.00 39.18 ? 42  VAL E CG1 1 
ATOM   742  C CG2 . VAL B 1 42 ? -12.100 -13.552 12.400  1.00 38.74 ? 42  VAL E CG2 1 
ATOM   743  N N   . THR B 1 43 ? -10.361 -17.692 10.975  1.00 35.85 ? 43  THR E N   1 
ATOM   744  C CA  . THR B 1 43 ? -9.535  -18.590 10.173  1.00 35.22 ? 43  THR E CA  1 
ATOM   745  C C   . THR B 1 43 ? -9.392  -18.036 8.748   1.00 34.89 ? 43  THR E C   1 
ATOM   746  O O   . THR B 1 43 ? -10.163 -17.154 8.335   1.00 33.64 ? 43  THR E O   1 
ATOM   747  C CB  . THR B 1 43 ? -10.079 -20.040 10.129  1.00 35.88 ? 43  THR E CB  1 
ATOM   748  O OG1 . THR B 1 43 ? -11.260 -20.084 9.326   1.00 35.07 ? 43  THR E OG1 1 
ATOM   749  C CG2 . THR B 1 43 ? -10.382 -20.563 11.528  1.00 35.11 ? 43  THR E CG2 1 
ATOM   750  N N   . LEU B 1 44 ? -8.406  -18.556 8.014   1.00 34.97 ? 44  LEU E N   1 
ATOM   751  C CA  . LEU B 1 44 ? -8.160  -18.187 6.618   1.00 34.74 ? 44  LEU E CA  1 
ATOM   752  C C   . LEU B 1 44 ? -9.429  -18.368 5.781   1.00 34.66 ? 44  LEU E C   1 
ATOM   753  O O   . LEU B 1 44 ? -9.854  -17.463 5.070   1.00 34.58 ? 44  LEU E O   1 
ATOM   754  C CB  . LEU B 1 44 ? -7.021  -19.044 6.039   1.00 34.97 ? 44  LEU E CB  1 
ATOM   755  C CG  . LEU B 1 44 ? -6.419  -18.686 4.678   1.00 35.78 ? 44  LEU E CG  1 
ATOM   756  C CD1 . LEU B 1 44 ? -5.372  -17.591 4.823   1.00 36.68 ? 44  LEU E CD1 1 
ATOM   757  C CD2 . LEU B 1 44 ? -5.817  -19.914 3.987   1.00 34.84 ? 44  LEU E CD2 1 
ATOM   758  N N   . ARG B 1 45 ? -10.045 -19.545 5.901   1.00 35.05 ? 45  ARG E N   1 
ATOM   759  C CA  . ARG B 1 45 ? -11.254 -19.881 5.160   1.00 35.23 ? 45  ARG E CA  1 
ATOM   760  C C   . ARG B 1 45 ? -12.410 -18.964 5.517   1.00 34.47 ? 45  ARG E C   1 
ATOM   761  O O   . ARG B 1 45 ? -13.142 -18.512 4.619   1.00 34.05 ? 45  ARG E O   1 
ATOM   762  C CB  . ARG B 1 45 ? -11.615 -21.359 5.352   1.00 36.22 ? 45  ARG E CB  1 
ATOM   763  C CG  . ARG B 1 45 ? -10.988 -22.012 6.601   1.00 40.05 ? 45  ARG E CG  1 
ATOM   764  C CD  . ARG B 1 45 ? -9.572  -21.457 6.857   1.00 43.76 ? 45  ARG E CD  1 
ATOM   765  N NE  . ARG B 1 45 ? -8.594  -22.471 7.199   1.00 48.25 ? 45  ARG E NE  1 
ATOM   766  C CZ  . ARG B 1 45 ? -7.898  -23.169 6.306   1.00 52.26 ? 45  ARG E CZ  1 
ATOM   767  N NH1 . ARG B 1 45 ? -8.061  -22.965 4.997   1.00 53.03 ? 45  ARG E NH1 1 
ATOM   768  N NH2 . ARG B 1 45 ? -7.045  -24.091 6.730   1.00 54.33 ? 45  ARG E NH2 1 
ATOM   769  N N   . GLU B 1 46 ? -12.547 -18.669 6.823   1.00 34.24 ? 46  GLU E N   1 
ATOM   770  C CA  . GLU B 1 46 ? -13.580 -17.766 7.322   1.00 33.90 ? 46  GLU E CA  1 
ATOM   771  C C   . GLU B 1 46 ? -13.478 -16.367 6.717   1.00 33.75 ? 46  GLU E C   1 
ATOM   772  O O   . GLU B 1 46 ? -14.474 -15.801 6.251   1.00 33.30 ? 46  GLU E O   1 
ATOM   773  C CB  . GLU B 1 46 ? -13.504 -17.671 8.846   1.00 33.73 ? 46  GLU E CB  1 
ATOM   774  C CG  . GLU B 1 46 ? -13.908 -18.955 9.584   1.00 34.70 ? 46  GLU E CG  1 
ATOM   775  C CD  . GLU B 1 46 ? -13.819 -18.807 11.102  1.00 35.34 ? 46  GLU E CD  1 
ATOM   776  O OE1 . GLU B 1 46 ? -13.409 -17.717 11.582  1.00 35.10 ? 46  GLU E OE1 1 
ATOM   777  O OE2 . GLU B 1 46 ? -14.195 -19.775 11.816  1.00 39.07 ? 46  GLU E OE2 1 
ATOM   778  N N   . LEU B 1 47 ? -12.269 -15.804 6.733   1.00 33.08 ? 47  LEU E N   1 
ATOM   779  C CA  . LEU B 1 47 ? -12.056 -14.498 6.155   1.00 33.25 ? 47  LEU E CA  1 
ATOM   780  C C   . LEU B 1 47 ? -12.216 -14.548 4.640   1.00 33.02 ? 47  LEU E C   1 
ATOM   781  O O   . LEU B 1 47 ? -12.795 -13.641 4.048   1.00 33.18 ? 47  LEU E O   1 
ATOM   782  C CB  . LEU B 1 47 ? -10.674 -13.933 6.536   1.00 32.99 ? 47  LEU E CB  1 
ATOM   783  C CG  . LEU B 1 47 ? -10.412 -12.502 6.042   1.00 33.60 ? 47  LEU E CG  1 
ATOM   784  C CD1 . LEU B 1 47 ? -11.508 -11.551 6.496   1.00 35.06 ? 47  LEU E CD1 1 
ATOM   785  C CD2 . LEU B 1 47 ? -9.050  -11.981 6.483   1.00 31.30 ? 47  LEU E CD2 1 
ATOM   786  N N   . ALA B 1 48 ? -11.700 -15.603 4.023   1.00 32.86 ? 48  ALA E N   1 
ATOM   787  C CA  . ALA B 1 48 ? -11.814 -15.755 2.586   1.00 33.37 ? 48  ALA E CA  1 
ATOM   788  C C   . ALA B 1 48 ? -13.286 -15.722 2.155   1.00 34.00 ? 48  ALA E C   1 
ATOM   789  O O   . ALA B 1 48 ? -13.651 -14.922 1.296   1.00 33.97 ? 48  ALA E O   1 
ATOM   790  C CB  . ALA B 1 48 ? -11.136 -17.044 2.131   1.00 33.29 ? 48  ALA E CB  1 
ATOM   791  N N   . GLU B 1 49 ? -14.137 -16.556 2.763   1.00 34.83 ? 49  GLU E N   1 
ATOM   792  C CA  . GLU B 1 49 ? -15.564 -16.529 2.411   1.00 36.04 ? 49  GLU E CA  1 
ATOM   793  C C   . GLU B 1 49 ? -16.207 -15.157 2.667   1.00 35.98 ? 49  GLU E C   1 
ATOM   794  O O   . GLU B 1 49 ? -16.923 -14.649 1.803   1.00 36.20 ? 49  GLU E O   1 
ATOM   795  C CB  . GLU B 1 49 ? -16.370 -17.699 3.006   1.00 36.22 ? 49  GLU E CB  1 
ATOM   796  C CG  . GLU B 1 49 ? -16.252 -17.920 4.502   1.00 37.70 ? 49  GLU E CG  1 
ATOM   797  C CD  . GLU B 1 49 ? -17.047 -19.143 4.992   1.00 37.88 ? 49  GLU E CD  1 
ATOM   798  O OE1 . GLU B 1 49 ? -17.352 -20.050 4.175   1.00 40.18 ? 49  GLU E OE1 1 
ATOM   799  O OE2 . GLU B 1 49 ? -17.367 -19.199 6.206   1.00 40.86 ? 49  GLU E OE2 1 
ATOM   800  N N   . ALA B 1 50 ? -15.917 -14.549 3.822   1.00 35.82 ? 50  ALA E N   1 
ATOM   801  C CA  . ALA B 1 50 ? -16.401 -13.201 4.132   1.00 36.29 ? 50  ALA E CA  1 
ATOM   802  C C   . ALA B 1 50 ? -15.971 -12.161 3.076   1.00 37.15 ? 50  ALA E C   1 
ATOM   803  O O   . ALA B 1 50 ? -16.749 -11.268 2.736   1.00 37.84 ? 50  ALA E O   1 
ATOM   804  C CB  . ALA B 1 50 ? -15.948 -12.780 5.533   1.00 36.03 ? 50  ALA E CB  1 
ATOM   805  N N   . SER B 1 51 ? -14.754 -12.304 2.544   1.00 37.40 ? 51  SER E N   1 
ATOM   806  C CA  . SER B 1 51 ? -14.185 -11.368 1.548   1.00 38.10 ? 51  SER E CA  1 
ATOM   807  C C   . SER B 1 51 ? -14.480 -11.718 0.086   1.00 38.56 ? 51  SER E C   1 
ATOM   808  O O   . SER B 1 51 ? -14.054 -11.008 -0.831  1.00 39.06 ? 51  SER E O   1 
ATOM   809  C CB  . SER B 1 51 ? -12.670 -11.249 1.735   1.00 37.99 ? 51  SER E CB  1 
ATOM   810  O OG  . SER B 1 51 ? -12.346 -10.926 3.074   1.00 38.37 ? 51  SER E OG  1 
ATOM   811  N N   . ARG B 1 52 ? -15.201 -12.813 -0.126  1.00 38.67 ? 52  ARG E N   1 
ATOM   812  C CA  . ARG B 1 52 ? -15.562 -13.269 -1.471  1.00 39.19 ? 52  ARG E CA  1 
ATOM   813  C C   . ARG B 1 52 ? -14.331 -13.607 -2.321  1.00 38.25 ? 52  ARG E C   1 
ATOM   814  O O   . ARG B 1 52 ? -14.337 -13.398 -3.534  1.00 38.46 ? 52  ARG E O   1 
ATOM   815  C CB  . ARG B 1 52 ? -16.469 -12.242 -2.183  1.00 39.96 ? 52  ARG E CB  1 
ATOM   816  C CG  . ARG B 1 52 ? -17.693 -11.753 -1.378  1.00 42.46 ? 52  ARG E CG  1 
ATOM   817  C CD  . ARG B 1 52 ? -18.767 -12.830 -1.223  1.00 48.07 ? 52  ARG E CD  1 
ATOM   818  N NE  . ARG B 1 52 ? -18.265 -14.028 -0.539  1.00 51.64 ? 52  ARG E NE  1 
ATOM   819  C CZ  . ARG B 1 52 ? -18.297 -15.268 -1.033  1.00 52.66 ? 52  ARG E CZ  1 
ATOM   820  N NH1 . ARG B 1 52 ? -17.799 -16.272 -0.314  1.00 52.47 ? 52  ARG E NH1 1 
ATOM   821  N NH2 . ARG B 1 52 ? -18.830 -15.514 -2.232  1.00 53.19 ? 52  ARG E NH2 1 
ATOM   822  N N   . VAL B 1 53 ? -13.289 -14.131 -1.671  1.00 36.63 ? 53  VAL E N   1 
ATOM   823  C CA  . VAL B 1 53 ? -12.083 -14.623 -2.354  1.00 35.59 ? 53  VAL E CA  1 
ATOM   824  C C   . VAL B 1 53 ? -11.784 -16.075 -1.926  1.00 34.60 ? 53  VAL E C   1 
ATOM   825  O O   . VAL B 1 53 ? -12.280 -16.525 -0.892  1.00 34.09 ? 53  VAL E O   1 
ATOM   826  C CB  . VAL B 1 53 ? -10.851 -13.703 -2.072  1.00 35.48 ? 53  VAL E CB  1 
ATOM   827  C CG1 . VAL B 1 53 ? -11.161 -12.249 -2.415  1.00 36.10 ? 53  VAL E CG1 1 
ATOM   828  C CG2 . VAL B 1 53 ? -10.396 -13.820 -0.631  1.00 34.92 ? 53  VAL E CG2 1 
ATOM   829  N N   . SER B 1 54 ? -10.999 -16.814 -2.711  1.00 33.08 ? 54  SER E N   1 
ATOM   830  C CA  . SER B 1 54 ? -10.582 -18.160 -2.300  1.00 32.24 ? 54  SER E CA  1 
ATOM   831  C C   . SER B 1 54 ? -9.551  -18.104 -1.144  1.00 31.77 ? 54  SER E C   1 
ATOM   832  O O   . SER B 1 54 ? -8.818  -17.124 -1.018  1.00 31.84 ? 54  SER E O   1 
ATOM   833  C CB  . SER B 1 54 ? -10.028 -18.947 -3.497  1.00 32.17 ? 54  SER E CB  1 
ATOM   834  O OG  . SER B 1 54 ? -8.766  -18.422 -3.883  1.00 34.52 ? 54  SER E OG  1 
ATOM   835  N N   . PRO B 1 55 ? -9.505  -19.149 -0.287  1.00 31.32 ? 55  PRO E N   1 
ATOM   836  C CA  . PRO B 1 55 ? -8.447  -19.196 0.735   1.00 30.59 ? 55  PRO E CA  1 
ATOM   837  C C   . PRO B 1 55 ? -7.014  -19.149 0.147   1.00 30.16 ? 55  PRO E C   1 
ATOM   838  O O   . PRO B 1 55 ? -6.119  -18.587 0.768   1.00 28.65 ? 55  PRO E O   1 
ATOM   839  C CB  . PRO B 1 55 ? -8.700  -20.527 1.457   1.00 30.91 ? 55  PRO E CB  1 
ATOM   840  C CG  . PRO B 1 55 ? -9.609  -21.311 0.551   1.00 30.90 ? 55  PRO E CG  1 
ATOM   841  C CD  . PRO B 1 55 ? -10.422 -20.295 -0.186  1.00 30.76 ? 55  PRO E CD  1 
ATOM   842  N N   . GLY B 1 56 ? -6.812  -19.753 -1.027  1.00 29.82 ? 56  GLY E N   1 
ATOM   843  C CA  . GLY B 1 56 ? -5.527  -19.687 -1.725  1.00 29.79 ? 56  GLY E CA  1 
ATOM   844  C C   . GLY B 1 56 ? -5.158  -18.258 -2.061  1.00 29.80 ? 56  GLY E C   1 
ATOM   845  O O   . GLY B 1 56 ? -3.990  -17.852 -1.871  1.00 29.77 ? 56  GLY E O   1 
ATOM   846  N N   . TYR B 1 57 ? -6.138  -17.494 -2.566  1.00 29.78 ? 57  TYR E N   1 
ATOM   847  C CA  . TYR B 1 57 ? -5.937  -16.088 -2.879  1.00 30.89 ? 57  TYR E CA  1 
ATOM   848  C C   . TYR B 1 57 ? -5.536  -15.303 -1.607  1.00 30.16 ? 57  TYR E C   1 
ATOM   849  O O   . TYR B 1 57 ? -4.551  -14.553 -1.591  1.00 28.98 ? 57  TYR E O   1 
ATOM   850  C CB  . TYR B 1 57 ? -7.169  -15.438 -3.554  1.00 32.69 ? 57  TYR E CB  1 
ATOM   851  C CG  . TYR B 1 57 ? -6.959  -13.935 -3.743  1.00 36.66 ? 57  TYR E CG  1 
ATOM   852  C CD1 . TYR B 1 57 ? -6.476  -13.417 -4.950  1.00 41.18 ? 57  TYR E CD1 1 
ATOM   853  C CD2 . TYR B 1 57 ? -7.198  -13.040 -2.702  1.00 39.13 ? 57  TYR E CD2 1 
ATOM   854  C CE1 . TYR B 1 57 ? -6.249  -12.042 -5.112  1.00 41.53 ? 57  TYR E CE1 1 
ATOM   855  C CE2 . TYR B 1 57 ? -6.964  -11.670 -2.845  1.00 41.38 ? 57  TYR E CE2 1 
ATOM   856  C CZ  . TYR B 1 57 ? -6.494  -11.180 -4.059  1.00 41.50 ? 57  TYR E CZ  1 
ATOM   857  O OH  . TYR B 1 57 ? -6.260  -9.822  -4.200  1.00 43.37 ? 57  TYR E OH  1 
ATOM   858  N N   . LEU B 1 58 ? -6.311  -15.495 -0.540  1.00 29.55 ? 58  LEU E N   1 
ATOM   859  C CA  . LEU B 1 58 ? -6.039  -14.822 0.716   1.00 29.40 ? 58  LEU E CA  1 
ATOM   860  C C   . LEU B 1 58 ? -4.673  -15.205 1.260   1.00 28.73 ? 58  LEU E C   1 
ATOM   861  O O   . LEU B 1 58 ? -3.943  -14.345 1.767   1.00 28.63 ? 58  LEU E O   1 
ATOM   862  C CB  . LEU B 1 58 ? -7.127  -15.131 1.759   1.00 29.94 ? 58  LEU E CB  1 
ATOM   863  C CG  . LEU B 1 58 ? -6.929  -14.390 3.094   1.00 29.01 ? 58  LEU E CG  1 
ATOM   864  C CD1 . LEU B 1 58 ? -6.795  -12.853 2.940   1.00 32.13 ? 58  LEU E CD1 1 
ATOM   865  C CD2 . LEU B 1 58 ? -8.032  -14.740 4.101   1.00 29.80 ? 58  LEU E CD2 1 
ATOM   866  N N   . SER B 1 59 ? -4.342  -16.492 1.173   1.00 27.71 ? 59  SER E N   1 
ATOM   867  C CA  . SER B 1 59 ? -3.065  -16.987 1.669   1.00 27.98 ? 59  SER E CA  1 
ATOM   868  C C   . SER B 1 59 ? -1.914  -16.298 0.917   1.00 27.66 ? 59  SER E C   1 
ATOM   869  O O   . SER B 1 59 ? -0.957  -15.808 1.537   1.00 27.53 ? 59  SER E O   1 
ATOM   870  C CB  . SER B 1 59 ? -2.986  -18.493 1.511   1.00 28.48 ? 59  SER E CB  1 
ATOM   871  O OG  . SER B 1 59 ? -1.708  -18.966 1.902   1.00 30.29 ? 59  SER E OG  1 
ATOM   872  N N   . GLU B 1 60 ? -2.018  -16.260 -0.415  1.00 27.28 ? 60  GLU E N   1 
ATOM   873  C CA  . GLU B 1 60 ? -1.020  -15.558 -1.255  1.00 27.39 ? 60  GLU E CA  1 
ATOM   874  C C   . GLU B 1 60 ? -0.955  -14.049 -0.965  1.00 27.87 ? 60  GLU E C   1 
ATOM   875  O O   . GLU B 1 60 ? 0.132   -13.471 -0.919  1.00 27.48 ? 60  GLU E O   1 
ATOM   876  C CB  . GLU B 1 60 ? -1.255  -15.837 -2.745  1.00 28.57 ? 60  GLU E CB  1 
ATOM   877  C CG  . GLU B 1 60 ? -0.814  -17.254 -3.105  1.00 27.48 ? 60  GLU E CG  1 
ATOM   878  C CD  . GLU B 1 60 ? -1.344  -17.708 -4.430  1.00 35.04 ? 60  GLU E CD  1 
ATOM   879  O OE1 . GLU B 1 60 ? -2.007  -16.881 -5.116  1.00 38.80 ? 60  GLU E OE1 1 
ATOM   880  O OE2 . GLU B 1 60 ? -1.112  -18.898 -4.773  1.00 33.08 ? 60  GLU E OE2 1 
ATOM   881  N N   . LEU B 1 61 ? -2.108  -13.421 -0.719  1.00 27.28 ? 61  LEU E N   1 
ATOM   882  C CA  . LEU B 1 61 ? -2.113  -12.009 -0.288  1.00 28.69 ? 61  LEU E CA  1 
ATOM   883  C C   . LEU B 1 61 ? -1.339  -11.839 1.034   1.00 28.42 ? 61  LEU E C   1 
ATOM   884  O O   . LEU B 1 61 ? -0.467  -10.951 1.160   1.00 28.13 ? 61  LEU E O   1 
ATOM   885  C CB  . LEU B 1 61 ? -3.556  -11.500 -0.140  1.00 28.57 ? 61  LEU E CB  1 
ATOM   886  C CG  . LEU B 1 61 ? -3.737  -10.077 0.417   1.00 30.54 ? 61  LEU E CG  1 
ATOM   887  C CD1 . LEU B 1 61 ? -2.917  -9.052  -0.403  1.00 33.91 ? 61  LEU E CD1 1 
ATOM   888  C CD2 . LEU B 1 61 ? -5.234  -9.683  0.450   1.00 29.62 ? 61  LEU E CD2 1 
ATOM   889  N N   . GLU B 1 62 ? -1.668  -12.692 2.014   1.00 27.33 ? 62  GLU E N   1 
ATOM   890  C CA  . GLU B 1 62 ? -1.009  -12.651 3.329   1.00 28.65 ? 62  GLU E CA  1 
ATOM   891  C C   . GLU B 1 62 ? 0.493   -12.915 3.247   1.00 28.03 ? 62  GLU E C   1 
ATOM   892  O O   . GLU B 1 62 ? 1.267   -12.338 4.019   1.00 28.71 ? 62  GLU E O   1 
ATOM   893  C CB  . GLU B 1 62 ? -1.645  -13.634 4.304   1.00 27.86 ? 62  GLU E CB  1 
ATOM   894  C CG  . GLU B 1 62 ? -3.040  -13.229 4.746   1.00 28.09 ? 62  GLU E CG  1 
ATOM   895  C CD  . GLU B 1 62 ? -3.627  -14.143 5.838   1.00 30.47 ? 62  GLU E CD  1 
ATOM   896  O OE1 . GLU B 1 62 ? -3.040  -15.202 6.142   1.00 33.76 ? 62  GLU E OE1 1 
ATOM   897  O OE2 . GLU B 1 62 ? -4.680  -13.782 6.402   1.00 30.56 ? 62  GLU E OE2 1 
ATOM   898  N N   . ARG B 1 63 ? 0.899   -13.732 2.269   1.00 27.77 ? 63  ARG E N   1 
ATOM   899  C CA  . ARG B 1 63 ? 2.312   -14.051 2.084   1.00 27.59 ? 63  ARG E CA  1 
ATOM   900  C C   . ARG B 1 63 ? 3.085   -13.071 1.178   1.00 27.45 ? 63  ARG E C   1 
ATOM   901  O O   . ARG B 1 63 ? 4.253   -13.304 0.887   1.00 27.42 ? 63  ARG E O   1 
ATOM   902  C CB  . ARG B 1 63 ? 2.470   -15.499 1.587   1.00 27.70 ? 63  ARG E CB  1 
ATOM   903  C CG  . ARG B 1 63 ? 2.270   -16.502 2.729   1.00 31.02 ? 63  ARG E CG  1 
ATOM   904  C CD  . ARG B 1 63 ? 2.566   -17.928 2.306   1.00 33.87 ? 63  ARG E CD  1 
ATOM   905  N NE  . ARG B 1 63 ? 1.550   -18.446 1.395   1.00 33.85 ? 63  ARG E NE  1 
ATOM   906  C CZ  . ARG B 1 63 ? 1.684   -18.533 0.077   1.00 33.64 ? 63  ARG E CZ  1 
ATOM   907  N NH1 . ARG B 1 63 ? 0.676   -19.039 -0.638  1.00 35.22 ? 63  ARG E NH1 1 
ATOM   908  N NH2 . ARG B 1 63 ? 2.811   -18.144 -0.526  1.00 30.40 ? 63  ARG E NH2 1 
ATOM   909  N N   . GLY B 1 64 ? 2.433   -11.996 0.736   1.00 26.08 ? 64  GLY E N   1 
ATOM   910  C CA  . GLY B 1 64 ? 3.110   -10.971 -0.074  1.00 26.06 ? 64  GLY E CA  1 
ATOM   911  C C   . GLY B 1 64 ? 3.319   -11.436 -1.484  1.00 25.83 ? 64  GLY E C   1 
ATOM   912  O O   . GLY B 1 64 ? 4.288   -11.055 -2.146  1.00 25.25 ? 64  GLY E O   1 
ATOM   913  N N   . ARG B 1 65 ? 2.399   -12.279 -1.964  1.00 26.03 ? 65  ARG E N   1 
ATOM   914  C CA  . ARG B 1 65 ? 2.510   -12.808 -3.330  1.00 26.73 ? 65  ARG E CA  1 
ATOM   915  C C   . ARG B 1 65 ? 1.364   -12.389 -4.247  1.00 27.92 ? 65  ARG E C   1 
ATOM   916  O O   . ARG B 1 65 ? 1.206   -12.939 -5.355  1.00 28.63 ? 65  ARG E O   1 
ATOM   917  C CB  . ARG B 1 65 ? 2.647   -14.329 -3.285  1.00 25.71 ? 65  ARG E CB  1 
ATOM   918  C CG  . ARG B 1 65 ? 3.835   -14.804 -2.399  1.00 25.38 ? 65  ARG E CG  1 
ATOM   919  C CD  . ARG B 1 65 ? 5.183   -14.361 -3.043  1.00 23.89 ? 65  ARG E CD  1 
ATOM   920  N NE  . ARG B 1 65 ? 6.345   -14.758 -2.249  1.00 23.56 ? 65  ARG E NE  1 
ATOM   921  C CZ  . ARG B 1 65 ? 7.089   -13.920 -1.524  1.00 21.08 ? 65  ARG E CZ  1 
ATOM   922  N NH1 . ARG B 1 65 ? 8.130   -14.400 -0.827  1.00 23.83 ? 65  ARG E NH1 1 
ATOM   923  N NH2 . ARG B 1 65 ? 6.797   -12.630 -1.497  1.00 21.38 ? 65  ARG E NH2 1 
ATOM   924  N N   . LYS B 1 66 ? 0.568   -11.422 -3.790  1.00 28.71 ? 66  LYS E N   1 
ATOM   925  C CA  . LYS B 1 66 ? -0.462  -10.812 -4.633  1.00 30.91 ? 66  LYS E CA  1 
ATOM   926  C C   . LYS B 1 66 ? -0.454  -9.312  -4.500  1.00 30.94 ? 66  LYS E C   1 
ATOM   927  O O   . LYS B 1 66 ? -0.407  -8.791  -3.389  1.00 31.43 ? 66  LYS E O   1 
ATOM   928  C CB  . LYS B 1 66 ? -1.857  -11.281 -4.210  1.00 31.29 ? 66  LYS E CB  1 
ATOM   929  C CG  . LYS B 1 66 ? -2.176  -12.671 -4.530  1.00 35.46 ? 66  LYS E CG  1 
ATOM   930  C CD  . LYS B 1 66 ? -2.582  -12.831 -5.977  1.00 39.02 ? 66  LYS E CD  1 
ATOM   931  C CE  . LYS B 1 66 ? -3.149  -14.223 -6.189  1.00 43.48 ? 66  LYS E CE  1 
ATOM   932  N NZ  . LYS B 1 66 ? -3.083  -14.619 -7.615  1.00 47.28 ? 66  LYS E NZ  1 
ATOM   933  N N   . GLU B 1 67 ? -0.536  -8.618  -5.626  1.00 31.80 ? 67  GLU E N   1 
ATOM   934  C CA  . GLU B 1 67 ? -0.812  -7.194  -5.604  1.00 34.57 ? 67  GLU E CA  1 
ATOM   935  C C   . GLU B 1 67 ? -2.340  -7.004  -5.613  1.00 36.18 ? 67  GLU E C   1 
ATOM   936  O O   . GLU B 1 67 ? -2.999  -7.411  -6.580  1.00 38.68 ? 67  GLU E O   1 
ATOM   937  C CB  . GLU B 1 67 ? -0.196  -6.540  -6.837  1.00 34.02 ? 67  GLU E CB  1 
ATOM   938  C CG  . GLU B 1 67 ? 1.328   -6.383  -6.800  1.00 32.78 ? 67  GLU E CG  1 
ATOM   939  C CD  . GLU B 1 67 ? 1.777   -5.329  -5.785  1.00 33.77 ? 67  GLU E CD  1 
ATOM   940  O OE1 . GLU B 1 67 ? 1.192   -4.207  -5.714  1.00 32.78 ? 67  GLU E OE1 1 
ATOM   941  O OE2 . GLU B 1 67 ? 2.712   -5.641  -5.034  1.00 30.01 ? 67  GLU E OE2 1 
ATOM   942  N N   . VAL B 1 68 ? -2.878  -6.400  -4.559  1.00 37.43 ? 68  VAL E N   1 
ATOM   943  C CA  . VAL B 1 68 ? -4.338  -6.300  -4.327  1.00 38.06 ? 68  VAL E CA  1 
ATOM   944  C C   . VAL B 1 68 ? -4.816  -4.935  -4.806  1.00 36.77 ? 68  VAL E C   1 
ATOM   945  O O   . VAL B 1 68 ? -4.111  -3.950  -4.609  1.00 36.96 ? 68  VAL E O   1 
ATOM   946  C CB  . VAL B 1 68 ? -4.681  -6.521  -2.804  1.00 38.02 ? 68  VAL E CB  1 
ATOM   947  C CG1 . VAL B 1 68 ? -4.105  -5.433  -1.887  1.00 40.15 ? 68  VAL E CG1 1 
ATOM   948  C CG2 . VAL B 1 68 ? -6.186  -6.638  -2.566  1.00 40.40 ? 68  VAL E CG2 1 
ATOM   949  N N   . SER B 1 69 ? -5.979  -4.873  -5.463  1.00 35.48 ? 69  SER E N   1 
ATOM   950  C CA  . SER B 1 69 ? -6.587  -3.576  -5.799  1.00 33.17 ? 69  SER E CA  1 
ATOM   951  C C   . SER B 1 69 ? -6.973  -2.853  -4.505  1.00 32.38 ? 69  SER E C   1 
ATOM   952  O O   . SER B 1 69 ? -7.161  -3.476  -3.440  1.00 32.12 ? 69  SER E O   1 
ATOM   953  C CB  . SER B 1 69 ? -7.814  -3.742  -6.698  1.00 33.25 ? 69  SER E CB  1 
ATOM   954  O OG  . SER B 1 69 ? -8.915  -4.246  -5.951  1.00 31.92 ? 69  SER E OG  1 
ATOM   955  N N   . SER B 1 70 ? -7.089  -1.532  -4.575  1.00 30.54 ? 70  SER E N   1 
ATOM   956  C CA  . SER B 1 70 ? -7.537  -0.764  -3.409  1.00 30.33 ? 70  SER E CA  1 
ATOM   957  C C   . SER B 1 70 ? -8.932  -1.211  -2.947  1.00 30.02 ? 70  SER E C   1 
ATOM   958  O O   . SER B 1 70 ? -9.188  -1.265  -1.752  1.00 29.93 ? 70  SER E O   1 
ATOM   959  C CB  . SER B 1 70 ? -7.548  0.736   -3.708  1.00 29.28 ? 70  SER E CB  1 
ATOM   960  O OG  . SER B 1 70 ? -6.220  1.172   -3.972  1.00 30.70 ? 70  SER E OG  1 
ATOM   961  N N   . GLU B 1 71 ? -9.801  -1.531  -3.908  1.00 30.30 ? 71  GLU E N   1 
ATOM   962  C CA  . GLU B 1 71 ? -11.201 -1.881  -3.623  1.00 30.58 ? 71  GLU E CA  1 
ATOM   963  C C   . GLU B 1 71 ? -11.254 -3.230  -2.920  1.00 31.11 ? 71  GLU E C   1 
ATOM   964  O O   . GLU B 1 71 ? -11.982 -3.391  -1.955  1.00 31.25 ? 71  GLU E O   1 
ATOM   965  C CB  . GLU B 1 71 ? -12.041 -1.899  -4.908  1.00 30.91 ? 71  GLU E CB  1 
ATOM   966  C CG  . GLU B 1 71 ? -12.295 -0.525  -5.521  1.00 29.91 ? 71  GLU E CG  1 
ATOM   967  C CD  . GLU B 1 71 ? -11.187 -0.077  -6.485  1.00 31.73 ? 71  GLU E CD  1 
ATOM   968  O OE1 . GLU B 1 71 ? -10.129 -0.744  -6.567  1.00 28.97 ? 71  GLU E OE1 1 
ATOM   969  O OE2 . GLU B 1 71 ? -11.386 0.946   -7.176  1.00 30.24 ? 71  GLU E OE2 1 
ATOM   970  N N   . LEU B 1 72 ? -10.437 -4.182  -3.369  1.00 31.22 ? 72  LEU E N   1 
ATOM   971  C CA  . LEU B 1 72 ? -10.417 -5.475  -2.703  1.00 31.76 ? 72  LEU E CA  1 
ATOM   972  C C   . LEU B 1 72 ? -9.777  -5.391  -1.314  1.00 31.48 ? 72  LEU E C   1 
ATOM   973  O O   . LEU B 1 72 ? -10.264 -5.996  -0.353  1.00 30.55 ? 72  LEU E O   1 
ATOM   974  C CB  . LEU B 1 72 ? -9.761  -6.538  -3.573  1.00 32.33 ? 72  LEU E CB  1 
ATOM   975  C CG  . LEU B 1 72 ? -9.757  -7.943  -2.954  1.00 35.39 ? 72  LEU E CG  1 
ATOM   976  C CD1 . LEU B 1 72 ? -11.173 -8.431  -2.514  1.00 34.91 ? 72  LEU E CD1 1 
ATOM   977  C CD2 . LEU B 1 72 ? -9.176  -8.915  -3.928  1.00 37.02 ? 72  LEU E CD2 1 
ATOM   978  N N   . LEU B 1 73 ? -8.720  -4.597  -1.178  1.00 31.11 ? 73  LEU E N   1 
ATOM   979  C CA  . LEU B 1 73 ? -8.168  -4.378  0.148   1.00 31.60 ? 73  LEU E CA  1 
ATOM   980  C C   . LEU B 1 73 ? -9.223  -3.798  1.097   1.00 31.53 ? 73  LEU E C   1 
ATOM   981  O O   . LEU B 1 73 ? -9.318  -4.196  2.261   1.00 31.75 ? 73  LEU E O   1 
ATOM   982  C CB  . LEU B 1 73 ? -6.930  -3.468  0.090   1.00 31.85 ? 73  LEU E CB  1 
ATOM   983  C CG  . LEU B 1 73 ? -6.317  -3.105  1.449   1.00 33.33 ? 73  LEU E CG  1 
ATOM   984  C CD1 . LEU B 1 73 ? -5.824  -4.358  2.214   1.00 34.74 ? 73  LEU E CD1 1 
ATOM   985  C CD2 . LEU B 1 73 ? -5.170  -2.118  1.228   1.00 31.97 ? 73  LEU E CD2 1 
ATOM   986  N N   . ALA B 1 74 ? -10.000 -2.840  0.617   1.00 31.28 ? 74  ALA E N   1 
ATOM   987  C CA  . ALA B 1 74 ? -11.021 -2.249  1.459   1.00 31.43 ? 74  ALA E CA  1 
ATOM   988  C C   . ALA B 1 74 ? -12.027 -3.327  1.901   1.00 32.05 ? 74  ALA E C   1 
ATOM   989  O O   . ALA B 1 74 ? -12.482 -3.331  3.048   1.00 33.10 ? 74  ALA E O   1 
ATOM   990  C CB  . ALA B 1 74 ? -11.732 -1.118  0.719   1.00 31.24 ? 74  ALA E CB  1 
ATOM   991  N N   . SER B 1 75 ? -12.354 -4.243  0.996   1.00 33.02 ? 75  SER E N   1 
ATOM   992  C CA  . SER B 1 75 ? -13.296 -5.335  1.293   1.00 33.55 ? 75  SER E CA  1 
ATOM   993  C C   . SER B 1 75 ? -12.798 -6.294  2.370   1.00 33.55 ? 75  SER E C   1 
ATOM   994  O O   . SER B 1 75 ? -13.553 -6.663  3.280   1.00 34.07 ? 75  SER E O   1 
ATOM   995  C CB  . SER B 1 75 ? -13.606 -6.116  0.025   1.00 33.88 ? 75  SER E CB  1 
ATOM   996  O OG  . SER B 1 75 ? -14.399 -5.325  -0.813  1.00 34.67 ? 75  SER E OG  1 
ATOM   997  N N   . VAL B 1 76 ? -11.542 -6.704  2.249   1.00 33.47 ? 76  VAL E N   1 
ATOM   998  C CA  . VAL B 1 76 ? -10.902 -7.595  3.224   1.00 33.20 ? 76  VAL E CA  1 
ATOM   999  C C   . VAL B 1 76 ? -10.822 -6.921  4.603   1.00 33.36 ? 76  VAL E C   1 
ATOM   1000 O O   . VAL B 1 76 ? -11.144 -7.544  5.613   1.00 33.46 ? 76  VAL E O   1 
ATOM   1001 C CB  . VAL B 1 76 ? -9.503  -8.123  2.717   1.00 33.34 ? 76  VAL E CB  1 
ATOM   1002 C CG1 . VAL B 1 76 ? -8.819  -8.987  3.751   1.00 33.76 ? 76  VAL E CG1 1 
ATOM   1003 C CG2 . VAL B 1 76 ? -9.660  -8.919  1.400   1.00 31.57 ? 76  VAL E CG2 1 
ATOM   1004 N N   . CYS B 1 77 ? -10.440 -5.641  4.633   1.00 33.27 ? 77  CYS E N   1 
ATOM   1005 C CA  . CYS B 1 77 ? -10.431 -4.884  5.878   1.00 33.40 ? 77  CYS E CA  1 
ATOM   1006 C C   . CYS B 1 77 ? -11.828 -4.723  6.494   1.00 33.48 ? 77  CYS E C   1 
ATOM   1007 O O   . CYS B 1 77 ? -11.988 -4.893  7.697   1.00 33.18 ? 77  CYS E O   1 
ATOM   1008 C CB  . CYS B 1 77 ? -9.758  -3.524  5.682   1.00 33.05 ? 77  CYS E CB  1 
ATOM   1009 S SG  . CYS B 1 77 ? -7.999  -3.683  5.295   1.00 34.05 ? 77  CYS E SG  1 
ATOM   1010 N N   . HIS B 1 78 ? -12.826 -4.367  5.686   1.00 33.50 ? 78  HIS E N   1 
ATOM   1011 C CA  . HIS B 1 78 ? -14.220 -4.317  6.185   1.00 34.21 ? 78  HIS E CA  1 
ATOM   1012 C C   . HIS B 1 78 ? -14.655 -5.644  6.823   1.00 34.03 ? 78  HIS E C   1 
ATOM   1013 O O   . HIS B 1 78 ? -15.262 -5.655  7.899   1.00 34.11 ? 78  HIS E O   1 
ATOM   1014 C CB  . HIS B 1 78 ? -15.205 -3.880  5.093   1.00 34.69 ? 78  HIS E CB  1 
ATOM   1015 C CG  . HIS B 1 78 ? -16.603 -3.666  5.595   1.00 36.57 ? 78  HIS E CG  1 
ATOM   1016 N ND1 . HIS B 1 78 ? -17.591 -4.622  5.484   1.00 39.69 ? 78  HIS E ND1 1 
ATOM   1017 C CD2 . HIS B 1 78 ? -17.175 -2.607  6.215   1.00 38.74 ? 78  HIS E CD2 1 
ATOM   1018 C CE1 . HIS B 1 78 ? -18.713 -4.159  6.007   1.00 39.17 ? 78  HIS E CE1 1 
ATOM   1019 N NE2 . HIS B 1 78 ? -18.486 -2.938  6.459   1.00 39.73 ? 78  HIS E NE2 1 
ATOM   1020 N N   . ALA B 1 79 ? -14.328 -6.759  6.166   1.00 34.16 ? 79  ALA E N   1 
ATOM   1021 C CA  . ALA B 1 79 ? -14.610 -8.098  6.704   1.00 33.99 ? 79  ALA E CA  1 
ATOM   1022 C C   . ALA B 1 79 ? -13.882 -8.379  8.032   1.00 34.27 ? 79  ALA E C   1 
ATOM   1023 O O   . ALA B 1 79 ? -14.396 -9.108  8.879   1.00 34.07 ? 79  ALA E O   1 
ATOM   1024 C CB  . ALA B 1 79 ? -14.292 -9.157  5.682   1.00 33.89 ? 79  ALA E CB  1 
ATOM   1025 N N   . LEU B 1 80 ? -12.697 -7.801  8.213   1.00 34.77 ? 80  LEU E N   1 
ATOM   1026 C CA  . LEU B 1 80 ? -11.969 -7.865  9.491   1.00 35.21 ? 80  LEU E CA  1 
ATOM   1027 C C   . LEU B 1 80 ? -12.454 -6.830  10.500  1.00 35.35 ? 80  LEU E C   1 
ATOM   1028 O O   . LEU B 1 80 ? -12.072 -6.873  11.675  1.00 36.35 ? 80  LEU E O   1 
ATOM   1029 C CB  . LEU B 1 80 ? -10.465 -7.648  9.261   1.00 35.97 ? 80  LEU E CB  1 
ATOM   1030 C CG  . LEU B 1 80 ? -9.617  -8.790  8.690   1.00 35.44 ? 80  LEU E CG  1 
ATOM   1031 C CD1 . LEU B 1 80 ? -8.281  -8.254  8.192   1.00 37.49 ? 80  LEU E CD1 1 
ATOM   1032 C CD2 . LEU B 1 80 ? -9.437  -9.903  9.726   1.00 39.10 ? 80  LEU E CD2 1 
ATOM   1033 N N   . GLY B 1 81 ? -13.269 -5.881  10.052  1.00 35.42 ? 81  GLY E N   1 
ATOM   1034 C CA  . GLY B 1 81 ? -13.722 -4.795  10.925  1.00 35.23 ? 81  GLY E CA  1 
ATOM   1035 C C   . GLY B 1 81 ? -12.587 -3.839  11.241  1.00 35.16 ? 81  GLY E C   1 
ATOM   1036 O O   . GLY B 1 81 ? -12.589 -3.182  12.285  1.00 35.60 ? 81  GLY E O   1 
ATOM   1037 N N   . ALA B 1 82 ? -11.624 -3.761  10.325  1.00 34.46 ? 82  ALA E N   1 
ATOM   1038 C CA  . ALA B 1 82 ? -10.434 -2.934  10.481  1.00 34.64 ? 82  ALA E CA  1 
ATOM   1039 C C   . ALA B 1 82 ? -10.490 -1.796  9.469   1.00 34.48 ? 82  ALA E C   1 
ATOM   1040 O O   . ALA B 1 82 ? -11.071 -1.963  8.396   1.00 34.35 ? 82  ALA E O   1 
ATOM   1041 C CB  . ALA B 1 82 ? -9.182  -3.793  10.244  1.00 34.43 ? 82  ALA E CB  1 
ATOM   1042 N N   . SER B 1 83 ? -9.922  -0.633  9.795   1.00 33.76 ? 83  SER E N   1 
ATOM   1043 C CA  . SER B 1 83 ? -9.752  0.386   8.744   1.00 33.28 ? 83  SER E CA  1 
ATOM   1044 C C   . SER B 1 83 ? -8.525  0.071   7.900   1.00 32.85 ? 83  SER E C   1 
ATOM   1045 O O   . SER B 1 83 ? -7.579  -0.558  8.381   1.00 32.82 ? 83  SER E O   1 
ATOM   1046 C CB  . SER B 1 83 ? -9.664  1.807   9.304   1.00 33.62 ? 83  SER E CB  1 
ATOM   1047 O OG  . SER B 1 83 ? -8.479  1.989   10.064  1.00 34.54 ? 83  SER E OG  1 
ATOM   1048 N N   . VAL B 1 84 ? -8.542  0.492   6.634   1.00 32.31 ? 84  VAL E N   1 
ATOM   1049 C CA  . VAL B 1 84 ? -7.354  0.339   5.779   1.00 32.29 ? 84  VAL E CA  1 
ATOM   1050 C C   . VAL B 1 84 ? -6.182  1.163   6.386   1.00 31.91 ? 84  VAL E C   1 
ATOM   1051 O O   . VAL B 1 84 ? -5.036  0.738   6.347   1.00 31.54 ? 84  VAL E O   1 
ATOM   1052 C CB  . VAL B 1 84 ? -7.647  0.751   4.312   1.00 32.17 ? 84  VAL E CB  1 
ATOM   1053 C CG1 . VAL B 1 84 ? -6.371  0.720   3.475   1.00 31.81 ? 84  VAL E CG1 1 
ATOM   1054 C CG2 . VAL B 1 84 ? -8.741  -0.170  3.704   1.00 33.47 ? 84  VAL E CG2 1 
ATOM   1055 N N   . ALA B 1 85 ? -6.494  2.334   6.936   1.00 31.62 ? 85  ALA E N   1 
ATOM   1056 C CA  . ALA B 1 85 ? -5.490  3.199   7.562   1.00 31.99 ? 85  ALA E CA  1 
ATOM   1057 C C   . ALA B 1 85 ? -4.726  2.442   8.648   1.00 31.50 ? 85  ALA E C   1 
ATOM   1058 O O   . ALA B 1 85 ? -3.506  2.508   8.708   1.00 31.74 ? 85  ALA E O   1 
ATOM   1059 C CB  . ALA B 1 85 ? -6.149  4.470   8.146   1.00 31.63 ? 85  ALA E CB  1 
ATOM   1060 N N   . ASP B 1 86 ? -5.443  1.707   9.495   1.00 31.42 ? 86  ASP E N   1 
ATOM   1061 C CA  . ASP B 1 86 ? -4.801  0.976   10.589  1.00 30.67 ? 86  ASP E CA  1 
ATOM   1062 C C   . ASP B 1 86 ? -3.963  -0.200  10.068  1.00 29.85 ? 86  ASP E C   1 
ATOM   1063 O O   . ASP B 1 86 ? -2.871  -0.470  10.566  1.00 28.33 ? 86  ASP E O   1 
ATOM   1064 C CB  . ASP B 1 86 ? -5.831  0.487   11.625  1.00 31.19 ? 86  ASP E CB  1 
ATOM   1065 C CG  . ASP B 1 86 ? -6.411  1.620   12.484  1.00 33.31 ? 86  ASP E CG  1 
ATOM   1066 O OD1 . ASP B 1 86 ? -5.850  2.758   12.527  1.00 31.81 ? 86  ASP E OD1 1 
ATOM   1067 O OD2 . ASP B 1 86 ? -7.457  1.350   13.141  1.00 35.41 ? 86  ASP E OD2 1 
ATOM   1068 N N   . VAL B 1 87 ? -4.474  -0.906  9.058   1.00 28.92 ? 87  VAL E N   1 
ATOM   1069 C CA  . VAL B 1 87 ? -3.711  -1.979  8.421   1.00 29.33 ? 87  VAL E CA  1 
ATOM   1070 C C   . VAL B 1 87 ? -2.450  -1.414  7.762   1.00 28.60 ? 87  VAL E C   1 
ATOM   1071 O O   . VAL B 1 87 ? -1.376  -1.989  7.887   1.00 27.73 ? 87  VAL E O   1 
ATOM   1072 C CB  . VAL B 1 87 ? -4.596  -2.772  7.420   1.00 30.10 ? 87  VAL E CB  1 
ATOM   1073 C CG1 . VAL B 1 87 ? -3.772  -3.780  6.624   1.00 31.55 ? 87  VAL E CG1 1 
ATOM   1074 C CG2 . VAL B 1 87 ? -5.711  -3.476  8.217   1.00 30.21 ? 87  VAL E CG2 1 
ATOM   1075 N N   . LEU B 1 88 ? -2.583  -0.281  7.087   1.00 27.96 ? 88  LEU E N   1 
ATOM   1076 C CA  . LEU B 1 88 ? -1.430  0.357   6.427   1.00 28.42 ? 88  LEU E CA  1 
ATOM   1077 C C   . LEU B 1 88 ? -0.340  0.834   7.417   1.00 28.00 ? 88  LEU E C   1 
ATOM   1078 O O   . LEU B 1 88 ? 0.860   0.640   7.187   1.00 27.92 ? 88  LEU E O   1 
ATOM   1079 C CB  . LEU B 1 88 ? -1.893  1.514   5.547   1.00 28.30 ? 88  LEU E CB  1 
ATOM   1080 C CG  . LEU B 1 88 ? -0.862  2.149   4.609   1.00 29.68 ? 88  LEU E CG  1 
ATOM   1081 C CD1 . LEU B 1 88 ? -0.307  1.100   3.631   1.00 32.03 ? 88  LEU E CD1 1 
ATOM   1082 C CD2 . LEU B 1 88 ? -1.518  3.298   3.827   1.00 33.78 ? 88  LEU E CD2 1 
ATOM   1083 N N   . ILE B 1 89 ? -0.744  1.446   8.519   1.00 28.01 ? 89  ILE E N   1 
ATOM   1084 C CA  . ILE B 1 89 ? 0.242   1.852   9.486   1.00 29.10 ? 89  ILE E CA  1 
ATOM   1085 C C   . ILE B 1 89 ? 0.928   0.614   10.119  1.00 28.22 ? 89  ILE E C   1 
ATOM   1086 O O   . ILE B 1 89 ? 2.135   0.622   10.349  1.00 28.42 ? 89  ILE E O   1 
ATOM   1087 C CB  . ILE B 1 89 ? -0.329  2.866   10.523  1.00 30.30 ? 89  ILE E CB  1 
ATOM   1088 C CG1 . ILE B 1 89 ? 0.807   3.654   11.187  1.00 32.17 ? 89  ILE E CG1 1 
ATOM   1089 C CG2 . ILE B 1 89 ? -1.201  2.180   11.531  1.00 31.30 ? 89  ILE E CG2 1 
ATOM   1090 C CD1 . ILE B 1 89 ? 1.390   4.702   10.246  1.00 33.42 ? 89  ILE E CD1 1 
ATOM   1091 N N   . GLU B 1 90 ? 0.180   -0.464  10.366  1.00 28.42 ? 90  GLU E N   1 
ATOM   1092 C CA  . GLU B 1 90 ? 0.810   -1.700  10.841  1.00 27.56 ? 90  GLU E CA  1 
ATOM   1093 C C   . GLU B 1 90 ? 1.843   -2.232  9.818   1.00 26.62 ? 90  GLU E C   1 
ATOM   1094 O O   . GLU B 1 90 ? 2.955   -2.652  10.195  1.00 27.59 ? 90  GLU E O   1 
ATOM   1095 C CB  . GLU B 1 90 ? -0.243  -2.784  11.134  1.00 27.68 ? 90  GLU E CB  1 
ATOM   1096 C CG  . GLU B 1 90 ? 0.306   -4.049  11.824  1.00 28.10 ? 90  GLU E CG  1 
ATOM   1097 C CD  . GLU B 1 90 ? 1.018   -3.743  13.150  1.00 29.73 ? 90  GLU E CD  1 
ATOM   1098 O OE1 . GLU B 1 90 ? 0.496   -2.928  13.964  1.00 25.87 ? 90  GLU E OE1 1 
ATOM   1099 O OE2 . GLU B 1 90 ? 2.088   -4.345  13.408  1.00 28.21 ? 90  GLU E OE2 1 
ATOM   1100 N N   . ALA B 1 91 ? 1.473   -2.192  8.542   1.00 27.63 ? 91  ALA E N   1 
ATOM   1101 C CA  . ALA B 1 91 ? 2.352   -2.619  7.456   1.00 26.37 ? 91  ALA E CA  1 
ATOM   1102 C C   . ALA B 1 91 ? 3.667   -1.830  7.454   1.00 25.14 ? 91  ALA E C   1 
ATOM   1103 O O   . ALA B 1 91 ? 4.747   -2.382  7.205   1.00 25.90 ? 91  ALA E O   1 
ATOM   1104 C CB  . ALA B 1 91 ? 1.634   -2.453  6.143   1.00 26.71 ? 91  ALA E CB  1 
ATOM   1105 N N   . ALA B 1 92 ? 3.623   -0.541  7.811   1.00 25.59 ? 92  ALA E N   1 
ATOM   1106 C CA  . ALA B 1 92 ? 4.848   0.251   7.931   1.00 24.65 ? 92  ALA E CA  1 
ATOM   1107 C C   . ALA B 1 92 ? 5.816   -0.374  8.933   1.00 25.51 ? 92  ALA E C   1 
ATOM   1108 O O   . ALA B 1 92 ? 7.029   -0.299  8.740   1.00 25.99 ? 92  ALA E O   1 
ATOM   1109 C CB  . ALA B 1 92 ? 4.536   1.756   8.301   1.00 25.32 ? 92  ALA E CB  1 
ATOM   1110 N N   . GLY B 1 93 ? 5.274   -1.036  9.961   1.00 24.53 ? 93  GLY E N   1 
ATOM   1111 C CA  . GLY B 1 93 ? 6.100   -1.693  10.971  1.00 26.43 ? 93  GLY E CA  1 
ATOM   1112 C C   . GLY B 1 93 ? 6.866   -2.886  10.426  1.00 27.90 ? 93  GLY E C   1 
ATOM   1113 O O   . GLY B 1 93 ? 7.786   -3.353  11.069  1.00 27.37 ? 93  GLY E O   1 
ATOM   1114 N N   . SER B 1 94 ? 6.493   -3.358  9.232   1.00 29.32 ? 94  SER E N   1 
ATOM   1115 C CA  . SER B 1 94 ? 7.195   -4.487  8.582   1.00 32.59 ? 94  SER E CA  1 
ATOM   1116 C C   . SER B 1 94 ? 8.054   -4.105  7.370   1.00 33.88 ? 94  SER E C   1 
ATOM   1117 O O   . SER B 1 94 ? 8.394   -4.990  6.548   1.00 34.12 ? 94  SER E O   1 
ATOM   1118 C CB  . SER B 1 94 ? 6.179   -5.510  8.113   1.00 33.62 ? 94  SER E CB  1 
ATOM   1119 O OG  . SER B 1 94 ? 5.632   -6.172  9.226   1.00 38.30 ? 94  SER E OG  1 
ATOM   1120 N N   . MET B 1 95 ? 8.396   -2.825  7.232   1.00 33.70 ? 95  MET E N   1 
ATOM   1121 C CA  . MET B 1 95 ? 9.092   -2.378  6.025   1.00 34.99 ? 95  MET E CA  1 
ATOM   1122 C C   . MET B 1 95 ? 10.602  -2.405  6.164   1.00 36.56 ? 95  MET E C   1 
ATOM   1123 O O   . MET B 1 95 ? 11.325  -2.309  5.170   1.00 37.65 ? 95  MET E O   1 
ATOM   1124 C CB  . MET B 1 95 ? 8.567   -1.032  5.519   1.00 33.84 ? 95  MET E CB  1 
ATOM   1125 C CG  . MET B 1 95 ? 7.220   -1.154  4.821   1.00 32.08 ? 95  MET E CG  1 
ATOM   1126 S SD  . MET B 1 95 ? 7.207   -2.237  3.354   1.00 31.65 ? 95  MET E SD  1 
ATOM   1127 C CE  . MET B 1 95 ? 8.362   -1.381  2.300   1.00 33.39 ? 95  MET E CE  1 
ATOM   1128 N N   . ALA B 1 96 ? 11.070  -2.564  7.397   1.00 37.61 ? 96  ALA E N   1 
ATOM   1129 C CA  . ALA B 1 96 ? 12.489  -2.786  7.655   1.00 39.05 ? 96  ALA E CA  1 
ATOM   1130 C C   . ALA B 1 96 ? 12.763  -4.289  7.781   1.00 39.79 ? 96  ALA E C   1 
ATOM   1131 O O   . ALA B 1 96 ? 11.948  -5.057  8.317   1.00 40.59 ? 96  ALA E O   1 
ATOM   1132 C CB  . ALA B 1 96 ? 12.927  -2.040  8.905   1.00 38.76 ? 96  ALA E CB  1 
HETATM 1133 C C1  . GOL C 2 .  ? 7.043   14.120  -21.763 1.00 36.94 ? 500 GOL A C1  1 
HETATM 1134 O O1  . GOL C 2 .  ? 7.265   12.727  -21.927 1.00 35.08 ? 500 GOL A O1  1 
HETATM 1135 C C2  . GOL C 2 .  ? 8.261   14.785  -21.121 1.00 36.77 ? 500 GOL A C2  1 
HETATM 1136 O O2  . GOL C 2 .  ? 7.912   16.111  -20.744 1.00 32.38 ? 500 GOL A O2  1 
HETATM 1137 C C3  . GOL C 2 .  ? 9.397   14.801  -22.152 1.00 36.76 ? 500 GOL A C3  1 
HETATM 1138 O O3  . GOL C 2 .  ? 10.554  15.401  -21.606 1.00 36.33 ? 500 GOL A O3  1 
HETATM 1139 C C1  . GOL D 2 .  ? -4.883  12.424  0.678   1.00 61.61 ? 501 GOL A C1  1 
HETATM 1140 O O1  . GOL D 2 .  ? -5.121  13.790  0.385   1.00 61.02 ? 501 GOL A O1  1 
HETATM 1141 C C2  . GOL D 2 .  ? -6.120  11.552  0.457   1.00 62.06 ? 501 GOL A C2  1 
HETATM 1142 O O2  . GOL D 2 .  ? -5.904  10.263  0.999   1.00 59.88 ? 501 GOL A O2  1 
HETATM 1143 C C3  . GOL D 2 .  ? -6.418  11.434  -1.036  1.00 62.92 ? 501 GOL A C3  1 
HETATM 1144 O O3  . GOL D 2 .  ? -7.791  11.141  -1.216  1.00 65.37 ? 501 GOL A O3  1 
HETATM 1145 C C1  . GOL E 2 .  ? 8.838   -14.812 5.146   1.00 92.79 ? 502 GOL E C1  1 
HETATM 1146 O O1  . GOL E 2 .  ? 7.478   -15.116 5.362   1.00 92.82 ? 502 GOL E O1  1 
HETATM 1147 C C2  . GOL E 2 .  ? 9.643   -16.107 5.168   1.00 92.88 ? 502 GOL E C2  1 
HETATM 1148 O O2  . GOL E 2 .  ? 10.700  -15.976 6.095   1.00 93.00 ? 502 GOL E O2  1 
HETATM 1149 C C3  . GOL E 2 .  ? 10.193  -16.407 3.773   1.00 92.77 ? 502 GOL E C3  1 
HETATM 1150 O O3  . GOL E 2 .  ? 9.916   -17.751 3.431   1.00 92.37 ? 502 GOL E O3  1 
HETATM 1151 C C1  . GOL F 2 .  ? -8.070  -13.015 -14.715 1.00 72.72 ? 503 GOL E C1  1 
HETATM 1152 O O1  . GOL F 2 .  ? -7.898  -14.272 -15.340 1.00 72.50 ? 503 GOL E O1  1 
HETATM 1153 C C2  . GOL F 2 .  ? -7.417  -13.006 -13.333 1.00 72.82 ? 503 GOL E C2  1 
HETATM 1154 O O2  . GOL F 2 .  ? -6.752  -11.770 -13.151 1.00 72.53 ? 503 GOL E O2  1 
HETATM 1155 C C3  . GOL F 2 .  ? -6.412  -14.151 -13.195 1.00 72.24 ? 503 GOL E C3  1 
HETATM 1156 O O3  . GOL F 2 .  ? -6.286  -14.567 -11.851 1.00 70.98 ? 503 GOL E O3  1 
HETATM 1157 C C1  . GOL G 2 .  ? -9.688  -9.939  -7.449  1.00 75.45 ? 504 GOL E C1  1 
HETATM 1158 O O1  . GOL G 2 .  ? -9.354  -9.645  -8.789  1.00 76.17 ? 504 GOL E O1  1 
HETATM 1159 C C2  . GOL G 2 .  ? -10.230 -11.359 -7.349  1.00 75.33 ? 504 GOL E C2  1 
HETATM 1160 O O2  . GOL G 2 .  ? -10.815 -11.557 -6.086  1.00 74.58 ? 504 GOL E O2  1 
HETATM 1161 C C3  . GOL G 2 .  ? -9.091  -12.354 -7.520  1.00 75.52 ? 504 GOL E C3  1 
HETATM 1162 O O3  . GOL G 2 .  ? -9.094  -12.816 -8.854  1.00 76.25 ? 504 GOL E O3  1 
HETATM 1163 O O   . HOH H 3 .  ? 3.184   11.909  -20.285 1.00 23.83 ? 118 HOH A O   1 
HETATM 1164 O O   . HOH H 3 .  ? -4.619  7.044   10.377  1.00 42.98 ? 119 HOH A O   1 
HETATM 1165 O O   . HOH H 3 .  ? 10.091  10.673  -18.233 1.00 19.73 ? 120 HOH A O   1 
HETATM 1166 O O   . HOH H 3 .  ? 9.772   13.267  -17.544 1.00 21.20 ? 121 HOH A O   1 
HETATM 1167 O O   . HOH H 3 .  ? 4.915   5.291   -17.900 1.00 25.96 ? 122 HOH A O   1 
HETATM 1168 O O   . HOH H 3 .  ? 7.444   -1.675  -1.930  1.00 19.28 ? 123 HOH A O   1 
HETATM 1169 O O   . HOH H 3 .  ? -1.353  15.586  -11.175 1.00 23.71 ? 124 HOH A O   1 
HETATM 1170 O O   . HOH H 3 .  ? -4.312  11.022  -4.659  1.00 23.32 ? 125 HOH A O   1 
HETATM 1171 O O   . HOH H 3 .  ? -0.619  15.607  -1.720  1.00 29.30 ? 126 HOH A O   1 
HETATM 1172 O O   . HOH H 3 .  ? 11.489  14.469  -19.057 1.00 45.13 ? 127 HOH A O   1 
HETATM 1173 O O   . HOH H 3 .  ? -7.888  13.352  -10.661 1.00 31.82 ? 128 HOH A O   1 
HETATM 1174 O O   . HOH H 3 .  ? -0.195  13.409  1.877   1.00 28.49 ? 129 HOH A O   1 
HETATM 1175 O O   . HOH H 3 .  ? 11.323  -1.413  -7.577  1.00 27.57 ? 130 HOH A O   1 
HETATM 1176 O O   . HOH H 3 .  ? 3.608   11.672  7.873   1.00 31.43 ? 131 HOH A O   1 
HETATM 1177 O O   . HOH H 3 .  ? -0.037  15.891  5.279   1.00 51.35 ? 133 HOH A O   1 
HETATM 1178 O O   . HOH H 3 .  ? -1.459  10.840  1.596   1.00 35.42 ? 135 HOH A O   1 
HETATM 1179 O O   . HOH H 3 .  ? 11.046  -3.618  -5.926  1.00 29.52 ? 136 HOH A O   1 
HETATM 1180 O O   . HOH H 3 .  ? 11.212  -2.308  -10.176 1.00 27.30 ? 137 HOH A O   1 
HETATM 1181 O O   . HOH H 3 .  ? 5.829   0.928   -14.898 1.00 38.01 ? 139 HOH A O   1 
HETATM 1182 O O   . HOH H 3 .  ? -2.240  1.275   -4.801  1.00 28.01 ? 140 HOH A O   1 
HETATM 1183 O O   . HOH H 3 .  ? -1.884  14.403  -6.183  1.00 36.42 ? 141 HOH A O   1 
HETATM 1184 O O   . HOH H 3 .  ? -4.318  -4.483  -8.829  1.00 49.45 ? 142 HOH A O   1 
HETATM 1185 O O   . HOH H 3 .  ? -0.251  15.419  -8.844  1.00 29.18 ? 143 HOH A O   1 
HETATM 1186 O O   . HOH H 3 .  ? -6.532  13.825  3.555   1.00 45.44 ? 144 HOH A O   1 
HETATM 1187 O O   . HOH H 3 .  ? 5.741   10.203  7.084   1.00 25.59 ? 145 HOH A O   1 
HETATM 1188 O O   . HOH H 3 .  ? 11.200  9.863   9.068   1.00 46.21 ? 146 HOH A O   1 
HETATM 1189 O O   . HOH H 3 .  ? 8.657   -1.060  -10.940 1.00 32.44 ? 149 HOH A O   1 
HETATM 1190 O O   . HOH H 3 .  ? 6.647   -2.366  -11.825 1.00 41.98 ? 150 HOH A O   1 
HETATM 1191 O O   . HOH H 3 .  ? -0.822  -5.317  -13.869 1.00 54.03 ? 151 HOH A O   1 
HETATM 1192 O O   . HOH H 3 .  ? 0.854   -4.855  -10.260 1.00 44.78 ? 152 HOH A O   1 
HETATM 1193 O O   . HOH H 3 .  ? -3.225  -2.476  -11.250 1.00 48.73 ? 153 HOH A O   1 
HETATM 1194 O O   . HOH H 3 .  ? 0.805   -1.085  -11.112 1.00 67.20 ? 154 HOH A O   1 
HETATM 1195 O O   . HOH H 3 .  ? -6.096  14.001  -6.021  1.00 50.93 ? 158 HOH A O   1 
HETATM 1196 O O   . HOH H 3 .  ? -4.800  18.155  1.359   1.00 63.14 ? 159 HOH A O   1 
HETATM 1197 O O   . HOH H 3 .  ? 17.375  7.391   -11.815 1.00 39.25 ? 160 HOH A O   1 
HETATM 1198 O O   . HOH H 3 .  ? 13.441  17.035  -16.126 1.00 48.53 ? 161 HOH A O   1 
HETATM 1199 O O   . HOH H 3 .  ? -7.144  15.639  -8.446  1.00 55.63 ? 163 HOH A O   1 
HETATM 1200 O O   . HOH H 3 .  ? -8.676  8.775   -7.971  1.00 43.81 ? 164 HOH A O   1 
HETATM 1201 O O   . HOH H 3 .  ? -9.674  6.066   -9.003  1.00 51.01 ? 165 HOH A O   1 
HETATM 1202 O O   . HOH H 3 .  ? 15.280  14.773  -15.991 1.00 48.16 ? 166 HOH A O   1 
HETATM 1203 O O   . HOH H 3 .  ? 17.125  3.569   -12.369 1.00 50.35 ? 167 HOH A O   1 
HETATM 1204 O O   . HOH H 3 .  ? 7.810   20.431  -6.693  1.00 36.04 ? 172 HOH A O   1 
HETATM 1205 O O   . HOH H 3 .  ? 4.800   15.199  3.710   1.00 62.93 ? 173 HOH A O   1 
HETATM 1206 O O   . HOH H 3 .  ? 5.713   11.701  -6.491  1.00 28.12 ? 174 HOH A O   1 
HETATM 1207 O O   . HOH H 3 .  ? -8.239  0.932   -0.250  1.00 27.43 ? 178 HOH A O   1 
HETATM 1208 O O   . HOH H 3 .  ? -9.491  5.617   8.146   1.00 49.64 ? 179 HOH A O   1 
HETATM 1209 O O   . HOH H 3 .  ? 14.484  4.410   -8.797  1.00 30.63 ? 181 HOH A O   1 
HETATM 1210 O O   . HOH H 3 .  ? 14.632  4.288   -11.746 1.00 35.37 ? 182 HOH A O   1 
HETATM 1211 O O   . HOH H 3 .  ? 8.413   1.033   -13.133 1.00 33.43 ? 183 HOH A O   1 
HETATM 1212 O O   . HOH H 3 .  ? 11.734  0.434   -13.322 1.00 41.53 ? 184 HOH A O   1 
HETATM 1213 O O   . HOH H 3 .  ? 10.068  2.725   -12.030 1.00 37.74 ? 185 HOH A O   1 
HETATM 1214 O O   . HOH H 3 .  ? 13.354  0.031   -6.569  1.00 35.03 ? 186 HOH A O   1 
HETATM 1215 O O   . HOH H 3 .  ? 16.526  8.023   -15.699 1.00 36.67 ? 187 HOH A O   1 
HETATM 1216 O O   . HOH H 3 .  ? 17.081  11.137  -14.526 1.00 44.13 ? 188 HOH A O   1 
HETATM 1217 O O   . HOH H 3 .  ? 12.350  19.159  -14.560 1.00 35.97 ? 189 HOH A O   1 
HETATM 1218 O O   . HOH H 3 .  ? -10.144 2.267   1.362   1.00 37.18 ? 190 HOH A O   1 
HETATM 1219 O O   . HOH H 3 .  ? 15.401  13.143  -13.809 1.00 34.77 ? 195 HOH A O   1 
HETATM 1220 O O   . HOH H 3 .  ? 10.941  1.730   4.247   1.00 30.18 ? 196 HOH A O   1 
HETATM 1221 O O   . HOH H 3 .  ? 3.996   -5.687  -9.371  1.00 36.11 ? 202 HOH A O   1 
HETATM 1222 O O   . HOH H 3 .  ? -2.476  14.660  1.580   1.00 47.69 ? 203 HOH A O   1 
HETATM 1223 O O   . HOH H 3 .  ? -4.447  0.502   -11.842 1.00 33.37 ? 204 HOH A O   1 
HETATM 1224 O O   . HOH H 3 .  ? 7.222   9.229   9.095   1.00 34.70 ? 209 HOH A O   1 
HETATM 1225 O O   . HOH H 3 .  ? 14.289  13.276  -6.458  1.00 42.78 ? 215 HOH A O   1 
HETATM 1226 O O   . HOH H 3 .  ? 11.997  8.924   4.278   1.00 33.53 ? 216 HOH A O   1 
HETATM 1227 O O   . HOH H 3 .  ? 15.405  8.370   3.906   1.00 52.83 ? 217 HOH A O   1 
HETATM 1228 O O   . HOH H 3 .  ? 13.938  4.422   -0.815  1.00 43.86 ? 218 HOH A O   1 
HETATM 1229 O O   . HOH H 3 .  ? 12.759  2.332   -2.219  1.00 37.02 ? 219 HOH A O   1 
HETATM 1230 O O   . HOH H 3 .  ? 12.298  2.256   1.613   1.00 38.84 ? 220 HOH A O   1 
HETATM 1231 O O   . HOH H 3 .  ? 15.972  -3.175  -10.026 1.00 49.55 ? 222 HOH A O   1 
HETATM 1232 O O   . HOH H 3 .  ? -0.564  1.331   -12.175 1.00 30.69 ? 223 HOH A O   1 
HETATM 1233 O O   . HOH H 3 .  ? -6.762  1.087   -11.325 1.00 54.99 ? 224 HOH A O   1 
HETATM 1234 O O   . HOH H 3 .  ? -3.489  14.916  4.483   1.00 50.12 ? 225 HOH A O   1 
HETATM 1235 O O   . HOH H 3 .  ? -2.343  15.579  -3.728  1.00 35.02 ? 226 HOH A O   1 
HETATM 1236 O O   . HOH H 3 .  ? 1.272   18.337  -1.720  1.00 49.91 ? 227 HOH A O   1 
HETATM 1237 O O   . HOH H 3 .  ? 8.887   14.937  2.943   1.00 44.58 ? 228 HOH A O   1 
HETATM 1238 O O   . HOH H 3 .  ? 10.193  14.535  0.733   1.00 36.45 ? 229 HOH A O   1 
HETATM 1239 O O   . HOH H 3 .  ? -7.447  -1.329  -9.316  1.00 41.13 ? 230 HOH A O   1 
HETATM 1240 O O   . HOH H 3 .  ? -5.924  1.297   -15.452 1.00 55.97 ? 231 HOH A O   1 
HETATM 1241 O O   . HOH H 3 .  ? -12.277 7.816   -2.400  1.00 46.43 ? 232 HOH A O   1 
HETATM 1242 O O   . HOH I 3 .  ? -6.857  7.254   13.909  1.00 39.32 ? 118 HOH E O   1 
HETATM 1243 O O   . HOH I 3 .  ? 2.749   -18.171 -3.201  1.00 26.10 ? 119 HOH E O   1 
HETATM 1244 O O   . HOH I 3 .  ? -6.168  5.510   11.817  1.00 39.73 ? 120 HOH E O   1 
HETATM 1245 O O   . HOH I 3 .  ? -6.768  -3.530  15.838  1.00 38.24 ? 121 HOH E O   1 
HETATM 1246 O O   . HOH I 3 .  ? -5.769  -6.171  15.179  1.00 43.13 ? 122 HOH E O   1 
HETATM 1247 O O   . HOH I 3 .  ? -7.998  -7.526  14.335  1.00 36.89 ? 123 HOH E O   1 
HETATM 1248 O O   . HOH I 3 .  ? -9.727  -5.775  13.161  1.00 40.76 ? 124 HOH E O   1 
HETATM 1249 O O   . HOH I 3 .  ? -16.435 -7.657  11.718  1.00 60.70 ? 125 HOH E O   1 
HETATM 1250 O O   . HOH I 3 .  ? -16.050 -7.434  2.911   1.00 40.31 ? 126 HOH E O   1 
HETATM 1251 O O   . HOH I 3 .  ? -13.851 -5.769  -3.619  1.00 46.24 ? 127 HOH E O   1 
HETATM 1252 O O   . HOH I 3 .  ? -11.132 -5.294  -7.284  1.00 48.76 ? 128 HOH E O   1 
HETATM 1253 O O   . HOH I 3 .  ? -14.532 -2.681  -7.515  1.00 55.44 ? 129 HOH E O   1 
HETATM 1254 O O   . HOH I 3 .  ? -14.302 -2.294  -1.647  1.00 41.78 ? 130 HOH E O   1 
HETATM 1255 O O   . HOH I 3 .  ? -15.074 -8.541  -2.074  1.00 50.58 ? 131 HOH E O   1 
HETATM 1256 O O   . HOH I 3 .  ? -0.660  -9.959  -8.500  1.00 50.93 ? 132 HOH E O   1 
HETATM 1257 O O   . HOH I 3 .  ? -0.963  -12.308 -9.090  1.00 44.45 ? 133 HOH E O   1 
HETATM 1258 O O   . HOH I 3 .  ? 1.811   -11.281 10.474  1.00 35.91 ? 134 HOH E O   1 
HETATM 1259 O O   . HOH I 3 .  ? 10.151  -2.096  -1.116  1.00 24.41 ? 135 HOH E O   1 
HETATM 1260 O O   . HOH I 3 .  ? 10.152  -6.005  10.063  1.00 50.88 ? 136 HOH E O   1 
HETATM 1261 O O   . HOH I 3 .  ? 10.125  -3.195  10.225  1.00 43.54 ? 137 HOH E O   1 
HETATM 1262 O O   . HOH I 3 .  ? 2.467   -9.939  -7.997  1.00 43.67 ? 138 HOH E O   1 
HETATM 1263 O O   . HOH I 3 .  ? -0.756  -2.977  -7.266  1.00 41.67 ? 139 HOH E O   1 
HETATM 1264 O O   . HOH I 3 .  ? 5.946   -14.800 2.132   1.00 35.92 ? 140 HOH E O   1 
HETATM 1265 O O   . HOH I 3 .  ? -2.973  -10.184 -12.348 1.00 56.54 ? 141 HOH E O   1 
HETATM 1266 O O   . HOH I 3 .  ? -0.901  -17.162 5.358   1.00 46.33 ? 142 HOH E O   1 
HETATM 1267 O O   . HOH I 3 .  ? 6.051   -8.763  9.872   1.00 52.03 ? 143 HOH E O   1 
HETATM 1268 O O   . HOH I 3 .  ? 4.397   -10.081 11.536  1.00 45.81 ? 144 HOH E O   1 
HETATM 1269 O O   . HOH I 3 .  ? 8.642   -10.744 12.735  1.00 47.62 ? 145 HOH E O   1 
HETATM 1270 O O   . HOH I 3 .  ? 5.545   -17.618 -0.014  1.00 39.01 ? 146 HOH E O   1 
HETATM 1271 O O   . HOH I 3 .  ? 12.032  -9.584  4.067   1.00 46.02 ? 147 HOH E O   1 
HETATM 1272 O O   . HOH I 3 .  ? 11.815  -3.168  -3.163  1.00 26.69 ? 148 HOH E O   1 
HETATM 1273 O O   . HOH I 3 .  ? 4.113   -17.542 5.522   1.00 57.04 ? 149 HOH E O   1 
HETATM 1274 O O   . HOH I 3 .  ? 5.131   -19.853 3.474   1.00 55.75 ? 150 HOH E O   1 
HETATM 1275 O O   . HOH I 3 .  ? -2.081  -3.777  14.612  1.00 26.89 ? 151 HOH E O   1 
HETATM 1276 O O   . HOH I 3 .  ? -12.884 -0.919  4.460   1.00 40.85 ? 152 HOH E O   1 
HETATM 1277 O O   . HOH I 3 .  ? -15.286 -0.585  2.894   1.00 55.28 ? 153 HOH E O   1 
HETATM 1278 O O   . HOH I 3 .  ? -13.485 0.784   10.818  1.00 54.24 ? 154 HOH E O   1 
HETATM 1279 O O   . HOH I 3 .  ? 0.417   -9.928  -1.278  1.00 24.19 ? 155 HOH E O   1 
HETATM 1280 O O   . HOH I 3 .  ? 3.818   -11.309 3.932   1.00 24.09 ? 156 HOH E O   1 
HETATM 1281 O O   . HOH I 3 .  ? -6.088  -11.299 6.590   1.00 35.20 ? 157 HOH E O   1 
HETATM 1282 O O   . HOH I 3 .  ? -10.413 -15.636 -5.193  1.00 52.90 ? 158 HOH E O   1 
HETATM 1283 O O   . HOH I 3 .  ? -8.469  -18.710 -6.403  1.00 42.37 ? 159 HOH E O   1 
HETATM 1284 O O   . HOH I 3 .  ? -0.916  -6.245  -2.240  1.00 33.41 ? 160 HOH E O   1 
HETATM 1285 O O   . HOH I 3 .  ? 8.560   -13.286 2.209   1.00 54.16 ? 161 HOH E O   1 
HETATM 1286 O O   . HOH I 3 .  ? 0.664   -12.774 12.527  1.00 43.73 ? 162 HOH E O   1 
HETATM 1287 O O   . HOH I 3 .  ? 10.123  -12.492 0.353   1.00 47.41 ? 163 HOH E O   1 
HETATM 1288 O O   . HOH I 3 .  ? 9.237   -9.018  3.633   1.00 35.79 ? 164 HOH E O   1 
HETATM 1289 O O   . HOH I 3 .  ? -15.182 -17.917 -3.269  1.00 56.88 ? 165 HOH E O   1 
HETATM 1290 O O   . HOH I 3 .  ? -8.705  -15.799 -7.399  1.00 52.89 ? 166 HOH E O   1 
HETATM 1291 O O   . HOH I 3 .  ? 0.961   -17.516 8.878   1.00 60.12 ? 167 HOH E O   1 
HETATM 1292 O O   . HOH I 3 .  ? -2.843  -6.440  14.181  1.00 32.44 ? 168 HOH E O   1 
HETATM 1293 O O   . HOH I 3 .  ? 4.640   -4.391  12.173  1.00 32.37 ? 169 HOH E O   1 
HETATM 1294 O O   . HOH I 3 .  ? 3.122   -5.745  9.550   1.00 37.68 ? 170 HOH E O   1 
HETATM 1295 O O   . HOH I 3 .  ? 1.963   -7.003  12.641  1.00 41.49 ? 171 HOH E O   1 
HETATM 1296 O O   . HOH I 3 .  ? -7.044  -7.354  -6.653  1.00 40.56 ? 175 HOH E O   1 
HETATM 1297 O O   . HOH I 3 .  ? -13.705 2.354   -6.600  1.00 40.55 ? 176 HOH E O   1 
HETATM 1298 O O   . HOH I 3 .  ? -13.665 0.520   -2.313  1.00 34.88 ? 177 HOH E O   1 
HETATM 1299 O O   . HOH I 3 .  ? 12.880  -5.591  -2.553  1.00 29.23 ? 180 HOH E O   1 
HETATM 1300 O O   . HOH I 3 .  ? -8.846  4.449   11.146  1.00 40.97 ? 191 HOH E O   1 
HETATM 1301 O O   . HOH I 3 .  ? -9.010  3.233   14.362  1.00 50.52 ? 192 HOH E O   1 
HETATM 1302 O O   . HOH I 3 .  ? -9.089  -0.613  12.580  1.00 30.27 ? 193 HOH E O   1 
HETATM 1303 O O   . HOH I 3 .  ? -7.564  -0.815  17.243  1.00 50.63 ? 194 HOH E O   1 
HETATM 1304 O O   . HOH I 3 .  ? 11.968  -0.191  -0.384  1.00 33.39 ? 197 HOH E O   1 
HETATM 1305 O O   . HOH I 3 .  ? 10.291  -8.002  8.289   1.00 57.67 ? 198 HOH E O   1 
HETATM 1306 O O   . HOH I 3 .  ? 7.052   -8.994  6.350   1.00 56.16 ? 199 HOH E O   1 
HETATM 1307 O O   . HOH I 3 .  ? 8.271   -11.531 4.353   1.00 61.05 ? 200 HOH E O   1 
HETATM 1308 O O   . HOH I 3 .  ? 4.764   -15.004 4.980   1.00 44.24 ? 201 HOH E O   1 
HETATM 1309 O O   . HOH I 3 .  ? -0.579  -8.379  -10.632 1.00 61.04 ? 205 HOH E O   1 
HETATM 1310 O O   . HOH I 3 .  ? -4.689  -17.742 -5.992  1.00 58.92 ? 206 HOH E O   1 
HETATM 1311 O O   . HOH I 3 .  ? -4.104  -21.026 -6.918  1.00 33.06 ? 207 HOH E O   1 
HETATM 1312 O O   . HOH I 3 .  ? -3.241  -21.150 -4.268  1.00 48.88 ? 208 HOH E O   1 
HETATM 1313 O O   . HOH I 3 .  ? -2.659  -16.970 -8.591  1.00 39.88 ? 210 HOH E O   1 
HETATM 1314 O O   . HOH I 3 .  ? -6.719  -20.247 9.244   1.00 62.57 ? 211 HOH E O   1 
HETATM 1315 O O   . HOH I 3 .  ? -7.582  -13.975 19.585  1.00 64.02 ? 212 HOH E O   1 
HETATM 1316 O O   . HOH I 3 .  ? -0.836  -10.235 15.988  1.00 51.14 ? 213 HOH E O   1 
HETATM 1317 O O   . HOH I 3 .  ? 2.938   -9.449  14.684  1.00 53.44 ? 214 HOH E O   1 
HETATM 1318 O O   . HOH I 3 .  ? 11.389  -2.202  2.570   1.00 44.55 ? 221 HOH E O   1 
# 
loop_
_pdbx_poly_seq_scheme.asym_id 
_pdbx_poly_seq_scheme.entity_id 
_pdbx_poly_seq_scheme.seq_id 
_pdbx_poly_seq_scheme.mon_id 
_pdbx_poly_seq_scheme.ndb_seq_num 
_pdbx_poly_seq_scheme.pdb_seq_num 
_pdbx_poly_seq_scheme.auth_seq_num 
_pdbx_poly_seq_scheme.pdb_mon_id 
_pdbx_poly_seq_scheme.auth_mon_id 
_pdbx_poly_seq_scheme.pdb_strand_id 
_pdbx_poly_seq_scheme.pdb_ins_code 
_pdbx_poly_seq_scheme.hetero 
A 1 1   MET 1   1   ?  ?   ?   A . n 
A 1 2   VAL 2   2   ?  ?   ?   A . n 
A 1 3   THR 3   3   ?  ?   ?   A . n 
A 1 4   TYR 4   4   ?  ?   ?   A . n 
A 1 5   THR 5   5   ?  ?   ?   A . n 
A 1 6   THR 6   6   ?  ?   ?   A . n 
A 1 7   LEU 7   7   ?  ?   ?   A . n 
A 1 8   LEU 8   8   ?  ?   ?   A . n 
A 1 9   ASP 9   9   ?  ?   ?   A . n 
A 1 10  LYS 10  10  ?  ?   ?   A . n 
A 1 11  PRO 11  11  ?  ?   ?   A . n 
A 1 12  ILE 12  12  ?  ?   ?   A . n 
A 1 13  SER 13  13  ?  ?   ?   A . n 
A 1 14  GLU 14  14  ?  ?   ?   A . n 
A 1 15  SER 15  15  ?  ?   ?   A . n 
A 1 16  ALA 16  16  ?  ?   ?   A . n 
A 1 17  PRO 17  17  ?  ?   ?   A . n 
A 1 18  ARG 18  18  ?  ?   ?   A . n 
A 1 19  LYS 19  19  ?  ?   ?   A . n 
A 1 20  ALA 20  20  ?  ?   ?   A . n 
A 1 21  PRO 21  21  ?  ?   ?   A . n 
A 1 22  GLU 22  22  22 GLU GLU A . n 
A 1 23  PRO 23  23  23 PRO PRO A . n 
A 1 24  LEU 24  24  24 LEU LEU A . n 
A 1 25  LEU 25  25  25 LEU LEU A . n 
A 1 26  ARG 26  26  26 ARG ARG A . n 
A 1 27  GLU 27  27  27 GLU GLU A . n 
A 1 28  ALA 28  28  28 ALA ALA A . n 
A 1 29  LEU 29  29  29 LEU LEU A . n 
A 1 30  GLY 30  30  30 GLY GLY A . n 
A 1 31  ALA 31  31  31 ALA ALA A . n 
A 1 32  ALA 32  32  32 ALA ALA A . n 
A 1 33  LEU 33  33  33 LEU LEU A . n 
A 1 34  ARG 34  34  34 ARG ARG A . n 
A 1 35  SER 35  35  35 SER SER A . n 
A 1 36  PHE 36  36  36 PHE PHE A . n 
A 1 37  ARG 37  37  37 ARG ARG A . n 
A 1 38  ALA 38  38  38 ALA ALA A . n 
A 1 39  ASP 39  39  39 ASP ASP A . n 
A 1 40  LYS 40  40  40 LYS LYS A . n 
A 1 41  GLY 41  41  41 GLY GLY A . n 
A 1 42  VAL 42  42  42 VAL VAL A . n 
A 1 43  THR 43  43  43 THR THR A . n 
A 1 44  LEU 44  44  44 LEU LEU A . n 
A 1 45  ARG 45  45  45 ARG ARG A . n 
A 1 46  GLU 46  46  46 GLU GLU A . n 
A 1 47  LEU 47  47  47 LEU LEU A . n 
A 1 48  ALA 48  48  48 ALA ALA A . n 
A 1 49  GLU 49  49  49 GLU GLU A . n 
A 1 50  ALA 50  50  50 ALA ALA A . n 
A 1 51  SER 51  51  51 SER SER A . n 
A 1 52  ARG 52  52  52 ARG ARG A . n 
A 1 53  VAL 53  53  53 VAL VAL A . n 
A 1 54  SER 54  54  54 SER SER A . n 
A 1 55  PRO 55  55  55 PRO PRO A . n 
A 1 56  GLY 56  56  56 GLY GLY A . n 
A 1 57  TYR 57  57  57 TYR TYR A . n 
A 1 58  LEU 58  58  58 LEU LEU A . n 
A 1 59  SER 59  59  59 SER SER A . n 
A 1 60  GLU 60  60  60 GLU GLU A . n 
A 1 61  LEU 61  61  61 LEU LEU A . n 
A 1 62  GLU 62  62  62 GLU GLU A . n 
A 1 63  ARG 63  63  63 ARG ARG A . n 
A 1 64  GLY 64  64  64 GLY GLY A . n 
A 1 65  ARG 65  65  65 ARG ARG A . n 
A 1 66  LYS 66  66  66 LYS LYS A . n 
A 1 67  GLU 67  67  67 GLU GLU A . n 
A 1 68  VAL 68  68  68 VAL VAL A . n 
A 1 69  SER 69  69  69 SER SER A . n 
A 1 70  SER 70  70  70 SER SER A . n 
A 1 71  GLU 71  71  71 GLU GLU A . n 
A 1 72  LEU 72  72  72 LEU LEU A . n 
A 1 73  LEU 73  73  73 LEU LEU A . n 
A 1 74  ALA 74  74  74 ALA ALA A . n 
A 1 75  SER 75  75  75 SER SER A . n 
A 1 76  VAL 76  76  76 VAL VAL A . n 
A 1 77  CYS 77  77  77 CYS CYS A . n 
A 1 78  HIS 78  78  78 HIS HIS A . n 
A 1 79  ALA 79  79  79 ALA ALA A . n 
A 1 80  LEU 80  80  80 LEU LEU A . n 
A 1 81  GLY 81  81  81 GLY GLY A . n 
A 1 82  ALA 82  82  82 ALA ALA A . n 
A 1 83  SER 83  83  83 SER SER A . n 
A 1 84  VAL 84  84  84 VAL VAL A . n 
A 1 85  ALA 85  85  85 ALA ALA A . n 
A 1 86  ASP 86  86  86 ASP ASP A . n 
A 1 87  VAL 87  87  87 VAL VAL A . n 
A 1 88  LEU 88  88  88 LEU LEU A . n 
A 1 89  ILE 89  89  89 ILE ILE A . n 
A 1 90  GLU 90  90  90 GLU GLU A . n 
A 1 91  ALA 91  91  91 ALA ALA A . n 
A 1 92  ALA 92  92  92 ALA ALA A . n 
A 1 93  GLY 93  93  93 GLY GLY A . n 
A 1 94  SER 94  94  94 SER SER A . n 
A 1 95  MET 95  95  95 MET MET A . n 
A 1 96  ALA 96  96  96 ALA ALA A . n 
A 1 97  LEU 97  97  97 LEU LEU A . n 
A 1 98  GLN 98  98  98 GLN GLN A . n 
A 1 99  ALA 99  99  ?  ?   ?   A . n 
A 1 100 ALA 100 100 ?  ?   ?   A . n 
A 1 101 GLN 101 101 ?  ?   ?   A . n 
A 1 102 GLU 102 102 ?  ?   ?   A . n 
A 1 103 ASP 103 103 ?  ?   ?   A . n 
A 1 104 LEU 104 104 ?  ?   ?   A . n 
A 1 105 ALA 105 105 ?  ?   ?   A . n 
A 1 106 ARG 106 106 ?  ?   ?   A . n 
A 1 107 VAL 107 107 ?  ?   ?   A . n 
A 1 108 LEU 108 108 ?  ?   ?   A . n 
A 1 109 GLU 109 109 ?  ?   ?   A . n 
A 1 110 TRP 110 110 ?  ?   ?   A . n 
A 1 111 SER 111 111 ?  ?   ?   A . n 
A 1 112 HIS 112 112 ?  ?   ?   A . n 
A 1 113 PRO 113 113 ?  ?   ?   A . n 
A 1 114 GLN 114 114 ?  ?   ?   A . n 
A 1 115 PHE 115 115 ?  ?   ?   A . n 
A 1 116 GLU 116 116 ?  ?   ?   A . n 
A 1 117 LYS 117 117 ?  ?   ?   A . n 
B 1 1   MET 1   1   ?  ?   ?   E . n 
B 1 2   VAL 2   2   ?  ?   ?   E . n 
B 1 3   THR 3   3   ?  ?   ?   E . n 
B 1 4   TYR 4   4   ?  ?   ?   E . n 
B 1 5   THR 5   5   ?  ?   ?   E . n 
B 1 6   THR 6   6   ?  ?   ?   E . n 
B 1 7   LEU 7   7   ?  ?   ?   E . n 
B 1 8   LEU 8   8   ?  ?   ?   E . n 
B 1 9   ASP 9   9   ?  ?   ?   E . n 
B 1 10  LYS 10  10  ?  ?   ?   E . n 
B 1 11  PRO 11  11  ?  ?   ?   E . n 
B 1 12  ILE 12  12  ?  ?   ?   E . n 
B 1 13  SER 13  13  ?  ?   ?   E . n 
B 1 14  GLU 14  14  ?  ?   ?   E . n 
B 1 15  SER 15  15  ?  ?   ?   E . n 
B 1 16  ALA 16  16  ?  ?   ?   E . n 
B 1 17  PRO 17  17  ?  ?   ?   E . n 
B 1 18  ARG 18  18  ?  ?   ?   E . n 
B 1 19  LYS 19  19  19 LYS LYS E . n 
B 1 20  ALA 20  20  20 ALA ALA E . n 
B 1 21  PRO 21  21  21 PRO PRO E . n 
B 1 22  GLU 22  22  22 GLU GLU E . n 
B 1 23  PRO 23  23  23 PRO PRO E . n 
B 1 24  LEU 24  24  24 LEU LEU E . n 
B 1 25  LEU 25  25  25 LEU LEU E . n 
B 1 26  ARG 26  26  26 ARG ARG E . n 
B 1 27  GLU 27  27  27 GLU GLU E . n 
B 1 28  ALA 28  28  28 ALA ALA E . n 
B 1 29  LEU 29  29  29 LEU LEU E . n 
B 1 30  GLY 30  30  30 GLY GLY E . n 
B 1 31  ALA 31  31  31 ALA ALA E . n 
B 1 32  ALA 32  32  32 ALA ALA E . n 
B 1 33  LEU 33  33  33 LEU LEU E . n 
B 1 34  ARG 34  34  34 ARG ARG E . n 
B 1 35  SER 35  35  35 SER SER E . n 
B 1 36  PHE 36  36  36 PHE PHE E . n 
B 1 37  ARG 37  37  37 ARG ARG E . n 
B 1 38  ALA 38  38  38 ALA ALA E . n 
B 1 39  ASP 39  39  39 ASP ASP E . n 
B 1 40  LYS 40  40  40 LYS LYS E . n 
B 1 41  GLY 41  41  41 GLY GLY E . n 
B 1 42  VAL 42  42  42 VAL VAL E . n 
B 1 43  THR 43  43  43 THR THR E . n 
B 1 44  LEU 44  44  44 LEU LEU E . n 
B 1 45  ARG 45  45  45 ARG ARG E . n 
B 1 46  GLU 46  46  46 GLU GLU E . n 
B 1 47  LEU 47  47  47 LEU LEU E . n 
B 1 48  ALA 48  48  48 ALA ALA E . n 
B 1 49  GLU 49  49  49 GLU GLU E . n 
B 1 50  ALA 50  50  50 ALA ALA E . n 
B 1 51  SER 51  51  51 SER SER E . n 
B 1 52  ARG 52  52  52 ARG ARG E . n 
B 1 53  VAL 53  53  53 VAL VAL E . n 
B 1 54  SER 54  54  54 SER SER E . n 
B 1 55  PRO 55  55  55 PRO PRO E . n 
B 1 56  GLY 56  56  56 GLY GLY E . n 
B 1 57  TYR 57  57  57 TYR TYR E . n 
B 1 58  LEU 58  58  58 LEU LEU E . n 
B 1 59  SER 59  59  59 SER SER E . n 
B 1 60  GLU 60  60  60 GLU GLU E . n 
B 1 61  LEU 61  61  61 LEU LEU E . n 
B 1 62  GLU 62  62  62 GLU GLU E . n 
B 1 63  ARG 63  63  63 ARG ARG E . n 
B 1 64  GLY 64  64  64 GLY GLY E . n 
B 1 65  ARG 65  65  65 ARG ARG E . n 
B 1 66  LYS 66  66  66 LYS LYS E . n 
B 1 67  GLU 67  67  67 GLU GLU E . n 
B 1 68  VAL 68  68  68 VAL VAL E . n 
B 1 69  SER 69  69  69 SER SER E . n 
B 1 70  SER 70  70  70 SER SER E . n 
B 1 71  GLU 71  71  71 GLU GLU E . n 
B 1 72  LEU 72  72  72 LEU LEU E . n 
B 1 73  LEU 73  73  73 LEU LEU E . n 
B 1 74  ALA 74  74  74 ALA ALA E . n 
B 1 75  SER 75  75  75 SER SER E . n 
B 1 76  VAL 76  76  76 VAL VAL E . n 
B 1 77  CYS 77  77  77 CYS CYS E . n 
B 1 78  HIS 78  78  78 HIS HIS E . n 
B 1 79  ALA 79  79  79 ALA ALA E . n 
B 1 80  LEU 80  80  80 LEU LEU E . n 
B 1 81  GLY 81  81  81 GLY GLY E . n 
B 1 82  ALA 82  82  82 ALA ALA E . n 
B 1 83  SER 83  83  83 SER SER E . n 
B 1 84  VAL 84  84  84 VAL VAL E . n 
B 1 85  ALA 85  85  85 ALA ALA E . n 
B 1 86  ASP 86  86  86 ASP ASP E . n 
B 1 87  VAL 87  87  87 VAL VAL E . n 
B 1 88  LEU 88  88  88 LEU LEU E . n 
B 1 89  ILE 89  89  89 ILE ILE E . n 
B 1 90  GLU 90  90  90 GLU GLU E . n 
B 1 91  ALA 91  91  91 ALA ALA E . n 
B 1 92  ALA 92  92  92 ALA ALA E . n 
B 1 93  GLY 93  93  93 GLY GLY E . n 
B 1 94  SER 94  94  94 SER SER E . n 
B 1 95  MET 95  95  95 MET MET E . n 
B 1 96  ALA 96  96  96 ALA ALA E . n 
B 1 97  LEU 97  97  ?  ?   ?   E . n 
B 1 98  GLN 98  98  ?  ?   ?   E . n 
B 1 99  ALA 99  99  ?  ?   ?   E . n 
B 1 100 ALA 100 100 ?  ?   ?   E . n 
B 1 101 GLN 101 101 ?  ?   ?   E . n 
B 1 102 GLU 102 102 ?  ?   ?   E . n 
B 1 103 ASP 103 103 ?  ?   ?   E . n 
B 1 104 LEU 104 104 ?  ?   ?   E . n 
B 1 105 ALA 105 105 ?  ?   ?   E . n 
B 1 106 ARG 106 106 ?  ?   ?   E . n 
B 1 107 VAL 107 107 ?  ?   ?   E . n 
B 1 108 LEU 108 108 ?  ?   ?   E . n 
B 1 109 GLU 109 109 ?  ?   ?   E . n 
B 1 110 TRP 110 110 ?  ?   ?   E . n 
B 1 111 SER 111 111 ?  ?   ?   E . n 
B 1 112 HIS 112 112 ?  ?   ?   E . n 
B 1 113 PRO 113 113 ?  ?   ?   E . n 
B 1 114 GLN 114 114 ?  ?   ?   E . n 
B 1 115 PHE 115 115 ?  ?   ?   E . n 
B 1 116 GLU 116 116 ?  ?   ?   E . n 
B 1 117 LYS 117 117 ?  ?   ?   E . n 
# 
loop_
_pdbx_nonpoly_scheme.asym_id 
_pdbx_nonpoly_scheme.entity_id 
_pdbx_nonpoly_scheme.mon_id 
_pdbx_nonpoly_scheme.ndb_seq_num 
_pdbx_nonpoly_scheme.pdb_seq_num 
_pdbx_nonpoly_scheme.auth_seq_num 
_pdbx_nonpoly_scheme.pdb_mon_id 
_pdbx_nonpoly_scheme.auth_mon_id 
_pdbx_nonpoly_scheme.pdb_strand_id 
_pdbx_nonpoly_scheme.pdb_ins_code 
C 2 GOL 1  500 500 GOL GOL A . 
D 2 GOL 1  501 501 GOL GOL A . 
E 2 GOL 1  502 502 GOL GOL E . 
F 2 GOL 1  503 503 GOL GOL E . 
G 2 GOL 1  504 504 GOL GOL E . 
H 3 HOH 1  118 1   HOH HOH A . 
H 3 HOH 2  119 119 HOH HOH A . 
H 3 HOH 3  120 2   HOH HOH A . 
H 3 HOH 4  121 4   HOH HOH A . 
H 3 HOH 5  122 5   HOH HOH A . 
H 3 HOH 6  123 7   HOH HOH A . 
H 3 HOH 7  124 8   HOH HOH A . 
H 3 HOH 8  125 9   HOH HOH A . 
H 3 HOH 9  126 14  HOH HOH A . 
H 3 HOH 10 127 15  HOH HOH A . 
H 3 HOH 11 128 17  HOH HOH A . 
H 3 HOH 12 129 18  HOH HOH A . 
H 3 HOH 13 130 20  HOH HOH A . 
H 3 HOH 14 131 21  HOH HOH A . 
H 3 HOH 15 133 133 HOH HOH A . 
H 3 HOH 16 135 135 HOH HOH A . 
H 3 HOH 17 136 27  HOH HOH A . 
H 3 HOH 18 137 28  HOH HOH A . 
H 3 HOH 19 139 31  HOH HOH A . 
H 3 HOH 20 140 140 HOH HOH A . 
H 3 HOH 21 141 32  HOH HOH A . 
H 3 HOH 22 142 142 HOH HOH A . 
H 3 HOH 23 143 33  HOH HOH A . 
H 3 HOH 24 144 34  HOH HOH A . 
H 3 HOH 25 145 35  HOH HOH A . 
H 3 HOH 26 146 36  HOH HOH A . 
H 3 HOH 27 149 39  HOH HOH A . 
H 3 HOH 28 150 40  HOH HOH A . 
H 3 HOH 29 151 151 HOH HOH A . 
H 3 HOH 30 152 152 HOH HOH A . 
H 3 HOH 31 153 153 HOH HOH A . 
H 3 HOH 32 154 154 HOH HOH A . 
H 3 HOH 33 158 158 HOH HOH A . 
H 3 HOH 34 159 159 HOH HOH A . 
H 3 HOH 35 160 160 HOH HOH A . 
H 3 HOH 36 161 161 HOH HOH A . 
H 3 HOH 37 163 163 HOH HOH A . 
H 3 HOH 38 164 164 HOH HOH A . 
H 3 HOH 39 165 165 HOH HOH A . 
H 3 HOH 40 166 166 HOH HOH A . 
H 3 HOH 41 167 167 HOH HOH A . 
H 3 HOH 42 172 50  HOH HOH A . 
H 3 HOH 43 173 51  HOH HOH A . 
H 3 HOH 44 174 52  HOH HOH A . 
H 3 HOH 45 178 56  HOH HOH A . 
H 3 HOH 46 179 57  HOH HOH A . 
H 3 HOH 47 181 59  HOH HOH A . 
H 3 HOH 48 182 60  HOH HOH A . 
H 3 HOH 49 183 61  HOH HOH A . 
H 3 HOH 50 184 62  HOH HOH A . 
H 3 HOH 51 185 63  HOH HOH A . 
H 3 HOH 52 186 64  HOH HOH A . 
H 3 HOH 53 187 65  HOH HOH A . 
H 3 HOH 54 188 66  HOH HOH A . 
H 3 HOH 55 189 67  HOH HOH A . 
H 3 HOH 56 190 68  HOH HOH A . 
H 3 HOH 57 195 73  HOH HOH A . 
H 3 HOH 58 196 74  HOH HOH A . 
H 3 HOH 59 202 81  HOH HOH A . 
H 3 HOH 60 203 84  HOH HOH A . 
H 3 HOH 61 204 85  HOH HOH A . 
H 3 HOH 62 209 90  HOH HOH A . 
H 3 HOH 63 215 96  HOH HOH A . 
H 3 HOH 64 216 97  HOH HOH A . 
H 3 HOH 65 217 98  HOH HOH A . 
H 3 HOH 66 218 99  HOH HOH A . 
H 3 HOH 67 219 100 HOH HOH A . 
H 3 HOH 68 220 101 HOH HOH A . 
H 3 HOH 69 222 103 HOH HOH A . 
H 3 HOH 70 223 104 HOH HOH A . 
H 3 HOH 71 224 105 HOH HOH A . 
H 3 HOH 72 225 107 HOH HOH A . 
H 3 HOH 73 226 108 HOH HOH A . 
H 3 HOH 74 227 109 HOH HOH A . 
H 3 HOH 75 228 110 HOH HOH A . 
H 3 HOH 76 229 111 HOH HOH A . 
H 3 HOH 77 230 112 HOH HOH A . 
H 3 HOH 78 231 113 HOH HOH A . 
H 3 HOH 79 232 114 HOH HOH A . 
I 3 HOH 1  118 118 HOH HOH E . 
I 3 HOH 2  119 6   HOH HOH E . 
I 3 HOH 3  120 120 HOH HOH E . 
I 3 HOH 4  121 121 HOH HOH E . 
I 3 HOH 5  122 122 HOH HOH E . 
I 3 HOH 6  123 123 HOH HOH E . 
I 3 HOH 7  124 124 HOH HOH E . 
I 3 HOH 8  125 125 HOH HOH E . 
I 3 HOH 9  126 126 HOH HOH E . 
I 3 HOH 10 127 127 HOH HOH E . 
I 3 HOH 11 128 128 HOH HOH E . 
I 3 HOH 12 129 129 HOH HOH E . 
I 3 HOH 13 130 130 HOH HOH E . 
I 3 HOH 14 131 131 HOH HOH E . 
I 3 HOH 15 132 22  HOH HOH E . 
I 3 HOH 16 133 23  HOH HOH E . 
I 3 HOH 17 134 25  HOH HOH E . 
I 3 HOH 18 135 11  HOH HOH E . 
I 3 HOH 19 136 136 HOH HOH E . 
I 3 HOH 20 137 137 HOH HOH E . 
I 3 HOH 21 138 30  HOH HOH E . 
I 3 HOH 22 139 139 HOH HOH E . 
I 3 HOH 23 140 12  HOH HOH E . 
I 3 HOH 24 141 141 HOH HOH E . 
I 3 HOH 25 142 13  HOH HOH E . 
I 3 HOH 26 143 143 HOH HOH E . 
I 3 HOH 27 144 144 HOH HOH E . 
I 3 HOH 28 145 145 HOH HOH E . 
I 3 HOH 29 146 146 HOH HOH E . 
I 3 HOH 30 147 37  HOH HOH E . 
I 3 HOH 31 148 38  HOH HOH E . 
I 3 HOH 32 149 149 HOH HOH E . 
I 3 HOH 33 150 150 HOH HOH E . 
I 3 HOH 34 151 19  HOH HOH E . 
I 3 HOH 35 152 115 HOH HOH E . 
I 3 HOH 36 153 116 HOH HOH E . 
I 3 HOH 37 154 117 HOH HOH E . 
I 3 HOH 38 155 42  HOH HOH E . 
I 3 HOH 39 156 43  HOH HOH E . 
I 3 HOH 40 157 44  HOH HOH E . 
I 3 HOH 41 158 132 HOH HOH E . 
I 3 HOH 42 159 134 HOH HOH E . 
I 3 HOH 43 160 138 HOH HOH E . 
I 3 HOH 44 161 147 HOH HOH E . 
I 3 HOH 45 162 45  HOH HOH E . 
I 3 HOH 46 163 148 HOH HOH E . 
I 3 HOH 47 164 155 HOH HOH E . 
I 3 HOH 48 165 156 HOH HOH E . 
I 3 HOH 49 166 157 HOH HOH E . 
I 3 HOH 50 167 162 HOH HOH E . 
I 3 HOH 51 168 46  HOH HOH E . 
I 3 HOH 52 169 47  HOH HOH E . 
I 3 HOH 53 170 48  HOH HOH E . 
I 3 HOH 54 171 49  HOH HOH E . 
I 3 HOH 55 175 53  HOH HOH E . 
I 3 HOH 56 176 54  HOH HOH E . 
I 3 HOH 57 177 55  HOH HOH E . 
I 3 HOH 58 180 58  HOH HOH E . 
I 3 HOH 59 191 69  HOH HOH E . 
I 3 HOH 60 192 70  HOH HOH E . 
I 3 HOH 61 193 71  HOH HOH E . 
I 3 HOH 62 194 72  HOH HOH E . 
I 3 HOH 63 197 75  HOH HOH E . 
I 3 HOH 64 198 76  HOH HOH E . 
I 3 HOH 65 199 77  HOH HOH E . 
I 3 HOH 66 200 78  HOH HOH E . 
I 3 HOH 67 201 79  HOH HOH E . 
I 3 HOH 68 205 86  HOH HOH E . 
I 3 HOH 69 206 87  HOH HOH E . 
I 3 HOH 70 207 88  HOH HOH E . 
I 3 HOH 71 208 89  HOH HOH E . 
I 3 HOH 72 210 91  HOH HOH E . 
I 3 HOH 73 211 92  HOH HOH E . 
I 3 HOH 74 212 93  HOH HOH E . 
I 3 HOH 75 213 94  HOH HOH E . 
I 3 HOH 76 214 95  HOH HOH E . 
I 3 HOH 77 221 102 HOH HOH E . 
# 
_pdbx_struct_assembly.id                   1 
_pdbx_struct_assembly.details              author_and_software_defined_assembly 
_pdbx_struct_assembly.method_details       PISA 
_pdbx_struct_assembly.oligomeric_details   dimeric 
_pdbx_struct_assembly.oligomeric_count     2 
# 
_pdbx_struct_assembly_gen.assembly_id       1 
_pdbx_struct_assembly_gen.oper_expression   1 
_pdbx_struct_assembly_gen.asym_id_list      A,B,C,D,E,F,G,H,I 
# 
loop_
_pdbx_struct_assembly_prop.biol_id 
_pdbx_struct_assembly_prop.type 
_pdbx_struct_assembly_prop.value 
_pdbx_struct_assembly_prop.details 
1 'ABSA (A^2)' 2030 ? 
1 MORE         -14  ? 
1 'SSA (A^2)'  8550 ? 
# 
_pdbx_struct_oper_list.id                   1 
_pdbx_struct_oper_list.type                 'identity operation' 
_pdbx_struct_oper_list.name                 1_555 
_pdbx_struct_oper_list.symmetry_operation   x,y,z 
_pdbx_struct_oper_list.matrix[1][1]         1.0000000000 
_pdbx_struct_oper_list.matrix[1][2]         0.0000000000 
_pdbx_struct_oper_list.matrix[1][3]         0.0000000000 
_pdbx_struct_oper_list.vector[1]            0.0000000000 
_pdbx_struct_oper_list.matrix[2][1]         0.0000000000 
_pdbx_struct_oper_list.matrix[2][2]         1.0000000000 
_pdbx_struct_oper_list.matrix[2][3]         0.0000000000 
_pdbx_struct_oper_list.vector[2]            0.0000000000 
_pdbx_struct_oper_list.matrix[3][1]         0.0000000000 
_pdbx_struct_oper_list.matrix[3][2]         0.0000000000 
_pdbx_struct_oper_list.matrix[3][3]         1.0000000000 
_pdbx_struct_oper_list.vector[3]            0.0000000000 
# 
loop_
_pdbx_audit_revision_history.ordinal 
_pdbx_audit_revision_history.data_content_type 
_pdbx_audit_revision_history.major_revision 
_pdbx_audit_revision_history.minor_revision 
_pdbx_audit_revision_history.revision_date 
1 'Structure model' 1 0 2008-11-18 
2 'Structure model' 1 1 2011-07-13 
3 'Structure model' 1 2 2023-09-06 
# 
_pdbx_audit_revision_details.ordinal             1 
_pdbx_audit_revision_details.revision_ordinal    1 
_pdbx_audit_revision_details.data_content_type   'Structure model' 
_pdbx_audit_revision_details.provider            repository 
_pdbx_audit_revision_details.type                'Initial release' 
_pdbx_audit_revision_details.description         ? 
_pdbx_audit_revision_details.details             ? 
# 
loop_
_pdbx_audit_revision_group.ordinal 
_pdbx_audit_revision_group.revision_ordinal 
_pdbx_audit_revision_group.data_content_type 
_pdbx_audit_revision_group.group 
1 2 'Structure model' Advisory                    
2 2 'Structure model' 'Refinement description'    
3 2 'Structure model' 'Version format compliance' 
4 3 'Structure model' 'Data collection'           
5 3 'Structure model' 'Database references'       
6 3 'Structure model' 'Derived calculations'      
7 3 'Structure model' 'Refinement description'    
# 
loop_
_pdbx_audit_revision_category.ordinal 
_pdbx_audit_revision_category.revision_ordinal 
_pdbx_audit_revision_category.data_content_type 
_pdbx_audit_revision_category.category 
1 3 'Structure model' chem_comp_atom                
2 3 'Structure model' chem_comp_bond                
3 3 'Structure model' database_2                    
4 3 'Structure model' pdbx_initial_refinement_model 
5 3 'Structure model' struct_ref_seq_dif            
6 3 'Structure model' struct_site                   
# 
loop_
_pdbx_audit_revision_item.ordinal 
_pdbx_audit_revision_item.revision_ordinal 
_pdbx_audit_revision_item.data_content_type 
_pdbx_audit_revision_item.item 
1 3 'Structure model' '_database_2.pdbx_DOI'                
2 3 'Structure model' '_database_2.pdbx_database_accession' 
3 3 'Structure model' '_struct_ref_seq_dif.details'         
4 3 'Structure model' '_struct_site.pdbx_auth_asym_id'      
5 3 'Structure model' '_struct_site.pdbx_auth_comp_id'      
6 3 'Structure model' '_struct_site.pdbx_auth_seq_id'       
# 
loop_
_pdbx_refine_tls.pdbx_refine_id 
_pdbx_refine_tls.id 
_pdbx_refine_tls.details 
_pdbx_refine_tls.method 
_pdbx_refine_tls.origin_x 
_pdbx_refine_tls.origin_y 
_pdbx_refine_tls.origin_z 
_pdbx_refine_tls.T[1][1] 
_pdbx_refine_tls.T[2][2] 
_pdbx_refine_tls.T[3][3] 
_pdbx_refine_tls.T[1][2] 
_pdbx_refine_tls.T[1][3] 
_pdbx_refine_tls.T[2][3] 
_pdbx_refine_tls.L[1][1] 
_pdbx_refine_tls.L[2][2] 
_pdbx_refine_tls.L[3][3] 
_pdbx_refine_tls.L[1][2] 
_pdbx_refine_tls.L[1][3] 
_pdbx_refine_tls.L[2][3] 
_pdbx_refine_tls.S[1][1] 
_pdbx_refine_tls.S[2][2] 
_pdbx_refine_tls.S[3][3] 
_pdbx_refine_tls.S[1][2] 
_pdbx_refine_tls.S[1][3] 
_pdbx_refine_tls.S[2][3] 
_pdbx_refine_tls.S[2][1] 
_pdbx_refine_tls.S[3][1] 
_pdbx_refine_tls.S[3][2] 
'X-RAY DIFFRACTION' 1 ? refined 3.3582  8.6005  -4.9459 -0.0727 -0.1067 -0.1352 0.0390  -0.0460 -0.0145 0.7602 1.7659 3.8049 -0.0124 -0.2301 -0.2911 -0.0810 -0.0179 0.0989 -0.0735 0.0575  -0.0194 0.0820 -0.1110 -0.2147 
'X-RAY DIFFRACTION' 2 ? refined -3.9052 -8.9606 4.0942  -0.0279 -0.0852 -0.1363 -0.0538 0.0107  -0.0454 1.3204 4.1277 4.8808 -0.5697 -1.1175 0.5615  -0.1970 -0.0238 0.2207 0.0596  -0.2239 0.1200  0.2102 0.4691  -0.3689 
# 
loop_
_pdbx_refine_tls_group.pdbx_refine_id 
_pdbx_refine_tls_group.id 
_pdbx_refine_tls_group.refine_tls_id 
_pdbx_refine_tls_group.beg_auth_asym_id 
_pdbx_refine_tls_group.beg_auth_seq_id 
_pdbx_refine_tls_group.end_auth_asym_id 
_pdbx_refine_tls_group.end_auth_seq_id 
_pdbx_refine_tls_group.selection_details 
_pdbx_refine_tls_group.beg_label_asym_id 
_pdbx_refine_tls_group.beg_label_seq_id 
_pdbx_refine_tls_group.end_label_asym_id 
_pdbx_refine_tls_group.end_label_seq_id 
_pdbx_refine_tls_group.selection 
'X-RAY DIFFRACTION' 1 1 A 22 A 98 ? . . . . ? 
'X-RAY DIFFRACTION' 2 2 E 20 E 96 ? . . . . ? 
# 
loop_
_software.name 
_software.classification 
_software.version 
_software.citation_id 
_software.pdbx_ordinal 
gclient 'data collection' .        ? 1 
PHASER  phasing           .        ? 2 
REFMAC  refinement        5.2.0019 ? 3 
XDS     'data reduction'  .        ? 4 
XSCALE  'data scaling'    .        ? 5 
# 
loop_
_pdbx_unobs_or_zero_occ_atoms.id 
_pdbx_unobs_or_zero_occ_atoms.PDB_model_num 
_pdbx_unobs_or_zero_occ_atoms.polymer_flag 
_pdbx_unobs_or_zero_occ_atoms.occupancy_flag 
_pdbx_unobs_or_zero_occ_atoms.auth_asym_id 
_pdbx_unobs_or_zero_occ_atoms.auth_comp_id 
_pdbx_unobs_or_zero_occ_atoms.auth_seq_id 
_pdbx_unobs_or_zero_occ_atoms.PDB_ins_code 
_pdbx_unobs_or_zero_occ_atoms.auth_atom_id 
_pdbx_unobs_or_zero_occ_atoms.label_alt_id 
_pdbx_unobs_or_zero_occ_atoms.label_asym_id 
_pdbx_unobs_or_zero_occ_atoms.label_comp_id 
_pdbx_unobs_or_zero_occ_atoms.label_seq_id 
_pdbx_unobs_or_zero_occ_atoms.label_atom_id 
1 1 Y 1 E LYS 19 ? CG ? B LYS 19 CG 
2 1 Y 1 E LYS 19 ? CD ? B LYS 19 CD 
3 1 Y 1 E LYS 19 ? CE ? B LYS 19 CE 
4 1 Y 1 E LYS 19 ? NZ ? B LYS 19 NZ 
# 
loop_
_pdbx_unobs_or_zero_occ_residues.id 
_pdbx_unobs_or_zero_occ_residues.PDB_model_num 
_pdbx_unobs_or_zero_occ_residues.polymer_flag 
_pdbx_unobs_or_zero_occ_residues.occupancy_flag 
_pdbx_unobs_or_zero_occ_residues.auth_asym_id 
_pdbx_unobs_or_zero_occ_residues.auth_comp_id 
_pdbx_unobs_or_zero_occ_residues.auth_seq_id 
_pdbx_unobs_or_zero_occ_residues.PDB_ins_code 
_pdbx_unobs_or_zero_occ_residues.label_asym_id 
_pdbx_unobs_or_zero_occ_residues.label_comp_id 
_pdbx_unobs_or_zero_occ_residues.label_seq_id 
1  1 Y 1 A MET 1   ? A MET 1   
2  1 Y 1 A VAL 2   ? A VAL 2   
3  1 Y 1 A THR 3   ? A THR 3   
4  1 Y 1 A TYR 4   ? A TYR 4   
5  1 Y 1 A THR 5   ? A THR 5   
6  1 Y 1 A THR 6   ? A THR 6   
7  1 Y 1 A LEU 7   ? A LEU 7   
8  1 Y 1 A LEU 8   ? A LEU 8   
9  1 Y 1 A ASP 9   ? A ASP 9   
10 1 Y 1 A LYS 10  ? A LYS 10  
11 1 Y 1 A PRO 11  ? A PRO 11  
12 1 Y 1 A ILE 12  ? A ILE 12  
13 1 Y 1 A SER 13  ? A SER 13  
14 1 Y 1 A GLU 14  ? A GLU 14  
15 1 Y 1 A SER 15  ? A SER 15  
16 1 Y 1 A ALA 16  ? A ALA 16  
17 1 Y 1 A PRO 17  ? A PRO 17  
18 1 Y 1 A ARG 18  ? A ARG 18  
19 1 Y 1 A LYS 19  ? A LYS 19  
20 1 Y 1 A ALA 20  ? A ALA 20  
21 1 Y 1 A PRO 21  ? A PRO 21  
22 1 Y 1 A ALA 99  ? A ALA 99  
23 1 Y 1 A ALA 100 ? A ALA 100 
24 1 Y 1 A GLN 101 ? A GLN 101 
25 1 Y 1 A GLU 102 ? A GLU 102 
26 1 Y 1 A ASP 103 ? A ASP 103 
27 1 Y 1 A LEU 104 ? A LEU 104 
28 1 Y 1 A ALA 105 ? A ALA 105 
29 1 Y 1 A ARG 106 ? A ARG 106 
30 1 Y 1 A VAL 107 ? A VAL 107 
31 1 Y 1 A LEU 108 ? A LEU 108 
32 1 Y 1 A GLU 109 ? A GLU 109 
33 1 Y 1 A TRP 110 ? A TRP 110 
34 1 Y 1 A SER 111 ? A SER 111 
35 1 Y 1 A HIS 112 ? A HIS 112 
36 1 Y 1 A PRO 113 ? A PRO 113 
37 1 Y 1 A GLN 114 ? A GLN 114 
38 1 Y 1 A PHE 115 ? A PHE 115 
39 1 Y 1 A GLU 116 ? A GLU 116 
40 1 Y 1 A LYS 117 ? A LYS 117 
41 1 Y 1 E MET 1   ? B MET 1   
42 1 Y 1 E VAL 2   ? B VAL 2   
43 1 Y 1 E THR 3   ? B THR 3   
44 1 Y 1 E TYR 4   ? B TYR 4   
45 1 Y 1 E THR 5   ? B THR 5   
46 1 Y 1 E THR 6   ? B THR 6   
47 1 Y 1 E LEU 7   ? B LEU 7   
48 1 Y 1 E LEU 8   ? B LEU 8   
49 1 Y 1 E ASP 9   ? B ASP 9   
50 1 Y 1 E LYS 10  ? B LYS 10  
51 1 Y 1 E PRO 11  ? B PRO 11  
52 1 Y 1 E ILE 12  ? B ILE 12  
53 1 Y 1 E SER 13  ? B SER 13  
54 1 Y 1 E GLU 14  ? B GLU 14  
55 1 Y 1 E SER 15  ? B SER 15  
56 1 Y 1 E ALA 16  ? B ALA 16  
57 1 Y 1 E PRO 17  ? B PRO 17  
58 1 Y 1 E ARG 18  ? B ARG 18  
59 1 Y 1 E LEU 97  ? B LEU 97  
60 1 Y 1 E GLN 98  ? B GLN 98  
61 1 Y 1 E ALA 99  ? B ALA 99  
62 1 Y 1 E ALA 100 ? B ALA 100 
63 1 Y 1 E GLN 101 ? B GLN 101 
64 1 Y 1 E GLU 102 ? B GLU 102 
65 1 Y 1 E ASP 103 ? B ASP 103 
66 1 Y 1 E LEU 104 ? B LEU 104 
67 1 Y 1 E ALA 105 ? B ALA 105 
68 1 Y 1 E ARG 106 ? B ARG 106 
69 1 Y 1 E VAL 107 ? B VAL 107 
70 1 Y 1 E LEU 108 ? B LEU 108 
71 1 Y 1 E GLU 109 ? B GLU 109 
72 1 Y 1 E TRP 110 ? B TRP 110 
73 1 Y 1 E SER 111 ? B SER 111 
74 1 Y 1 E HIS 112 ? B HIS 112 
75 1 Y 1 E PRO 113 ? B PRO 113 
76 1 Y 1 E GLN 114 ? B GLN 114 
77 1 Y 1 E PHE 115 ? B PHE 115 
78 1 Y 1 E GLU 116 ? B GLU 116 
79 1 Y 1 E LYS 117 ? B LYS 117 
# 
loop_
_chem_comp_atom.comp_id 
_chem_comp_atom.atom_id 
_chem_comp_atom.type_symbol 
_chem_comp_atom.pdbx_aromatic_flag 
_chem_comp_atom.pdbx_stereo_config 
_chem_comp_atom.pdbx_ordinal 
ALA N    N N N 1   
ALA CA   C N S 2   
ALA C    C N N 3   
ALA O    O N N 4   
ALA CB   C N N 5   
ALA OXT  O N N 6   
ALA H    H N N 7   
ALA H2   H N N 8   
ALA HA   H N N 9   
ALA HB1  H N N 10  
ALA HB2  H N N 11  
ALA HB3  H N N 12  
ALA HXT  H N N 13  
ARG N    N N N 14  
ARG CA   C N S 15  
ARG C    C N N 16  
ARG O    O N N 17  
ARG CB   C N N 18  
ARG CG   C N N 19  
ARG CD   C N N 20  
ARG NE   N N N 21  
ARG CZ   C N N 22  
ARG NH1  N N N 23  
ARG NH2  N N N 24  
ARG OXT  O N N 25  
ARG H    H N N 26  
ARG H2   H N N 27  
ARG HA   H N N 28  
ARG HB2  H N N 29  
ARG HB3  H N N 30  
ARG HG2  H N N 31  
ARG HG3  H N N 32  
ARG HD2  H N N 33  
ARG HD3  H N N 34  
ARG HE   H N N 35  
ARG HH11 H N N 36  
ARG HH12 H N N 37  
ARG HH21 H N N 38  
ARG HH22 H N N 39  
ARG HXT  H N N 40  
ASP N    N N N 41  
ASP CA   C N S 42  
ASP C    C N N 43  
ASP O    O N N 44  
ASP CB   C N N 45  
ASP CG   C N N 46  
ASP OD1  O N N 47  
ASP OD2  O N N 48  
ASP OXT  O N N 49  
ASP H    H N N 50  
ASP H2   H N N 51  
ASP HA   H N N 52  
ASP HB2  H N N 53  
ASP HB3  H N N 54  
ASP HD2  H N N 55  
ASP HXT  H N N 56  
CYS N    N N N 57  
CYS CA   C N R 58  
CYS C    C N N 59  
CYS O    O N N 60  
CYS CB   C N N 61  
CYS SG   S N N 62  
CYS OXT  O N N 63  
CYS H    H N N 64  
CYS H2   H N N 65  
CYS HA   H N N 66  
CYS HB2  H N N 67  
CYS HB3  H N N 68  
CYS HG   H N N 69  
CYS HXT  H N N 70  
GLN N    N N N 71  
GLN CA   C N S 72  
GLN C    C N N 73  
GLN O    O N N 74  
GLN CB   C N N 75  
GLN CG   C N N 76  
GLN CD   C N N 77  
GLN OE1  O N N 78  
GLN NE2  N N N 79  
GLN OXT  O N N 80  
GLN H    H N N 81  
GLN H2   H N N 82  
GLN HA   H N N 83  
GLN HB2  H N N 84  
GLN HB3  H N N 85  
GLN HG2  H N N 86  
GLN HG3  H N N 87  
GLN HE21 H N N 88  
GLN HE22 H N N 89  
GLN HXT  H N N 90  
GLU N    N N N 91  
GLU CA   C N S 92  
GLU C    C N N 93  
GLU O    O N N 94  
GLU CB   C N N 95  
GLU CG   C N N 96  
GLU CD   C N N 97  
GLU OE1  O N N 98  
GLU OE2  O N N 99  
GLU OXT  O N N 100 
GLU H    H N N 101 
GLU H2   H N N 102 
GLU HA   H N N 103 
GLU HB2  H N N 104 
GLU HB3  H N N 105 
GLU HG2  H N N 106 
GLU HG3  H N N 107 
GLU HE2  H N N 108 
GLU HXT  H N N 109 
GLY N    N N N 110 
GLY CA   C N N 111 
GLY C    C N N 112 
GLY O    O N N 113 
GLY OXT  O N N 114 
GLY H    H N N 115 
GLY H2   H N N 116 
GLY HA2  H N N 117 
GLY HA3  H N N 118 
GLY HXT  H N N 119 
GOL C1   C N N 120 
GOL O1   O N N 121 
GOL C2   C N N 122 
GOL O2   O N N 123 
GOL C3   C N N 124 
GOL O3   O N N 125 
GOL H11  H N N 126 
GOL H12  H N N 127 
GOL HO1  H N N 128 
GOL H2   H N N 129 
GOL HO2  H N N 130 
GOL H31  H N N 131 
GOL H32  H N N 132 
GOL HO3  H N N 133 
HIS N    N N N 134 
HIS CA   C N S 135 
HIS C    C N N 136 
HIS O    O N N 137 
HIS CB   C N N 138 
HIS CG   C Y N 139 
HIS ND1  N Y N 140 
HIS CD2  C Y N 141 
HIS CE1  C Y N 142 
HIS NE2  N Y N 143 
HIS OXT  O N N 144 
HIS H    H N N 145 
HIS H2   H N N 146 
HIS HA   H N N 147 
HIS HB2  H N N 148 
HIS HB3  H N N 149 
HIS HD1  H N N 150 
HIS HD2  H N N 151 
HIS HE1  H N N 152 
HIS HE2  H N N 153 
HIS HXT  H N N 154 
HOH O    O N N 155 
HOH H1   H N N 156 
HOH H2   H N N 157 
ILE N    N N N 158 
ILE CA   C N S 159 
ILE C    C N N 160 
ILE O    O N N 161 
ILE CB   C N S 162 
ILE CG1  C N N 163 
ILE CG2  C N N 164 
ILE CD1  C N N 165 
ILE OXT  O N N 166 
ILE H    H N N 167 
ILE H2   H N N 168 
ILE HA   H N N 169 
ILE HB   H N N 170 
ILE HG12 H N N 171 
ILE HG13 H N N 172 
ILE HG21 H N N 173 
ILE HG22 H N N 174 
ILE HG23 H N N 175 
ILE HD11 H N N 176 
ILE HD12 H N N 177 
ILE HD13 H N N 178 
ILE HXT  H N N 179 
LEU N    N N N 180 
LEU CA   C N S 181 
LEU C    C N N 182 
LEU O    O N N 183 
LEU CB   C N N 184 
LEU CG   C N N 185 
LEU CD1  C N N 186 
LEU CD2  C N N 187 
LEU OXT  O N N 188 
LEU H    H N N 189 
LEU H2   H N N 190 
LEU HA   H N N 191 
LEU HB2  H N N 192 
LEU HB3  H N N 193 
LEU HG   H N N 194 
LEU HD11 H N N 195 
LEU HD12 H N N 196 
LEU HD13 H N N 197 
LEU HD21 H N N 198 
LEU HD22 H N N 199 
LEU HD23 H N N 200 
LEU HXT  H N N 201 
LYS N    N N N 202 
LYS CA   C N S 203 
LYS C    C N N 204 
LYS O    O N N 205 
LYS CB   C N N 206 
LYS CG   C N N 207 
LYS CD   C N N 208 
LYS CE   C N N 209 
LYS NZ   N N N 210 
LYS OXT  O N N 211 
LYS H    H N N 212 
LYS H2   H N N 213 
LYS HA   H N N 214 
LYS HB2  H N N 215 
LYS HB3  H N N 216 
LYS HG2  H N N 217 
LYS HG3  H N N 218 
LYS HD2  H N N 219 
LYS HD3  H N N 220 
LYS HE2  H N N 221 
LYS HE3  H N N 222 
LYS HZ1  H N N 223 
LYS HZ2  H N N 224 
LYS HZ3  H N N 225 
LYS HXT  H N N 226 
MET N    N N N 227 
MET CA   C N S 228 
MET C    C N N 229 
MET O    O N N 230 
MET CB   C N N 231 
MET CG   C N N 232 
MET SD   S N N 233 
MET CE   C N N 234 
MET OXT  O N N 235 
MET H    H N N 236 
MET H2   H N N 237 
MET HA   H N N 238 
MET HB2  H N N 239 
MET HB3  H N N 240 
MET HG2  H N N 241 
MET HG3  H N N 242 
MET HE1  H N N 243 
MET HE2  H N N 244 
MET HE3  H N N 245 
MET HXT  H N N 246 
PHE N    N N N 247 
PHE CA   C N S 248 
PHE C    C N N 249 
PHE O    O N N 250 
PHE CB   C N N 251 
PHE CG   C Y N 252 
PHE CD1  C Y N 253 
PHE CD2  C Y N 254 
PHE CE1  C Y N 255 
PHE CE2  C Y N 256 
PHE CZ   C Y N 257 
PHE OXT  O N N 258 
PHE H    H N N 259 
PHE H2   H N N 260 
PHE HA   H N N 261 
PHE HB2  H N N 262 
PHE HB3  H N N 263 
PHE HD1  H N N 264 
PHE HD2  H N N 265 
PHE HE1  H N N 266 
PHE HE2  H N N 267 
PHE HZ   H N N 268 
PHE HXT  H N N 269 
PRO N    N N N 270 
PRO CA   C N S 271 
PRO C    C N N 272 
PRO O    O N N 273 
PRO CB   C N N 274 
PRO CG   C N N 275 
PRO CD   C N N 276 
PRO OXT  O N N 277 
PRO H    H N N 278 
PRO HA   H N N 279 
PRO HB2  H N N 280 
PRO HB3  H N N 281 
PRO HG2  H N N 282 
PRO HG3  H N N 283 
PRO HD2  H N N 284 
PRO HD3  H N N 285 
PRO HXT  H N N 286 
SER N    N N N 287 
SER CA   C N S 288 
SER C    C N N 289 
SER O    O N N 290 
SER CB   C N N 291 
SER OG   O N N 292 
SER OXT  O N N 293 
SER H    H N N 294 
SER H2   H N N 295 
SER HA   H N N 296 
SER HB2  H N N 297 
SER HB3  H N N 298 
SER HG   H N N 299 
SER HXT  H N N 300 
THR N    N N N 301 
THR CA   C N S 302 
THR C    C N N 303 
THR O    O N N 304 
THR CB   C N R 305 
THR OG1  O N N 306 
THR CG2  C N N 307 
THR OXT  O N N 308 
THR H    H N N 309 
THR H2   H N N 310 
THR HA   H N N 311 
THR HB   H N N 312 
THR HG1  H N N 313 
THR HG21 H N N 314 
THR HG22 H N N 315 
THR HG23 H N N 316 
THR HXT  H N N 317 
TRP N    N N N 318 
TRP CA   C N S 319 
TRP C    C N N 320 
TRP O    O N N 321 
TRP CB   C N N 322 
TRP CG   C Y N 323 
TRP CD1  C Y N 324 
TRP CD2  C Y N 325 
TRP NE1  N Y N 326 
TRP CE2  C Y N 327 
TRP CE3  C Y N 328 
TRP CZ2  C Y N 329 
TRP CZ3  C Y N 330 
TRP CH2  C Y N 331 
TRP OXT  O N N 332 
TRP H    H N N 333 
TRP H2   H N N 334 
TRP HA   H N N 335 
TRP HB2  H N N 336 
TRP HB3  H N N 337 
TRP HD1  H N N 338 
TRP HE1  H N N 339 
TRP HE3  H N N 340 
TRP HZ2  H N N 341 
TRP HZ3  H N N 342 
TRP HH2  H N N 343 
TRP HXT  H N N 344 
TYR N    N N N 345 
TYR CA   C N S 346 
TYR C    C N N 347 
TYR O    O N N 348 
TYR CB   C N N 349 
TYR CG   C Y N 350 
TYR CD1  C Y N 351 
TYR CD2  C Y N 352 
TYR CE1  C Y N 353 
TYR CE2  C Y N 354 
TYR CZ   C Y N 355 
TYR OH   O N N 356 
TYR OXT  O N N 357 
TYR H    H N N 358 
TYR H2   H N N 359 
TYR HA   H N N 360 
TYR HB2  H N N 361 
TYR HB3  H N N 362 
TYR HD1  H N N 363 
TYR HD2  H N N 364 
TYR HE1  H N N 365 
TYR HE2  H N N 366 
TYR HH   H N N 367 
TYR HXT  H N N 368 
VAL N    N N N 369 
VAL CA   C N S 370 
VAL C    C N N 371 
VAL O    O N N 372 
VAL CB   C N N 373 
VAL CG1  C N N 374 
VAL CG2  C N N 375 
VAL OXT  O N N 376 
VAL H    H N N 377 
VAL H2   H N N 378 
VAL HA   H N N 379 
VAL HB   H N N 380 
VAL HG11 H N N 381 
VAL HG12 H N N 382 
VAL HG13 H N N 383 
VAL HG21 H N N 384 
VAL HG22 H N N 385 
VAL HG23 H N N 386 
VAL HXT  H N N 387 
# 
loop_
_chem_comp_bond.comp_id 
_chem_comp_bond.atom_id_1 
_chem_comp_bond.atom_id_2 
_chem_comp_bond.value_order 
_chem_comp_bond.pdbx_aromatic_flag 
_chem_comp_bond.pdbx_stereo_config 
_chem_comp_bond.pdbx_ordinal 
ALA N   CA   sing N N 1   
ALA N   H    sing N N 2   
ALA N   H2   sing N N 3   
ALA CA  C    sing N N 4   
ALA CA  CB   sing N N 5   
ALA CA  HA   sing N N 6   
ALA C   O    doub N N 7   
ALA C   OXT  sing N N 8   
ALA CB  HB1  sing N N 9   
ALA CB  HB2  sing N N 10  
ALA CB  HB3  sing N N 11  
ALA OXT HXT  sing N N 12  
ARG N   CA   sing N N 13  
ARG N   H    sing N N 14  
ARG N   H2   sing N N 15  
ARG CA  C    sing N N 16  
ARG CA  CB   sing N N 17  
ARG CA  HA   sing N N 18  
ARG C   O    doub N N 19  
ARG C   OXT  sing N N 20  
ARG CB  CG   sing N N 21  
ARG CB  HB2  sing N N 22  
ARG CB  HB3  sing N N 23  
ARG CG  CD   sing N N 24  
ARG CG  HG2  sing N N 25  
ARG CG  HG3  sing N N 26  
ARG CD  NE   sing N N 27  
ARG CD  HD2  sing N N 28  
ARG CD  HD3  sing N N 29  
ARG NE  CZ   sing N N 30  
ARG NE  HE   sing N N 31  
ARG CZ  NH1  sing N N 32  
ARG CZ  NH2  doub N N 33  
ARG NH1 HH11 sing N N 34  
ARG NH1 HH12 sing N N 35  
ARG NH2 HH21 sing N N 36  
ARG NH2 HH22 sing N N 37  
ARG OXT HXT  sing N N 38  
ASP N   CA   sing N N 39  
ASP N   H    sing N N 40  
ASP N   H2   sing N N 41  
ASP CA  C    sing N N 42  
ASP CA  CB   sing N N 43  
ASP CA  HA   sing N N 44  
ASP C   O    doub N N 45  
ASP C   OXT  sing N N 46  
ASP CB  CG   sing N N 47  
ASP CB  HB2  sing N N 48  
ASP CB  HB3  sing N N 49  
ASP CG  OD1  doub N N 50  
ASP CG  OD2  sing N N 51  
ASP OD2 HD2  sing N N 52  
ASP OXT HXT  sing N N 53  
CYS N   CA   sing N N 54  
CYS N   H    sing N N 55  
CYS N   H2   sing N N 56  
CYS CA  C    sing N N 57  
CYS CA  CB   sing N N 58  
CYS CA  HA   sing N N 59  
CYS C   O    doub N N 60  
CYS C   OXT  sing N N 61  
CYS CB  SG   sing N N 62  
CYS CB  HB2  sing N N 63  
CYS CB  HB3  sing N N 64  
CYS SG  HG   sing N N 65  
CYS OXT HXT  sing N N 66  
GLN N   CA   sing N N 67  
GLN N   H    sing N N 68  
GLN N   H2   sing N N 69  
GLN CA  C    sing N N 70  
GLN CA  CB   sing N N 71  
GLN CA  HA   sing N N 72  
GLN C   O    doub N N 73  
GLN C   OXT  sing N N 74  
GLN CB  CG   sing N N 75  
GLN CB  HB2  sing N N 76  
GLN CB  HB3  sing N N 77  
GLN CG  CD   sing N N 78  
GLN CG  HG2  sing N N 79  
GLN CG  HG3  sing N N 80  
GLN CD  OE1  doub N N 81  
GLN CD  NE2  sing N N 82  
GLN NE2 HE21 sing N N 83  
GLN NE2 HE22 sing N N 84  
GLN OXT HXT  sing N N 85  
GLU N   CA   sing N N 86  
GLU N   H    sing N N 87  
GLU N   H2   sing N N 88  
GLU CA  C    sing N N 89  
GLU CA  CB   sing N N 90  
GLU CA  HA   sing N N 91  
GLU C   O    doub N N 92  
GLU C   OXT  sing N N 93  
GLU CB  CG   sing N N 94  
GLU CB  HB2  sing N N 95  
GLU CB  HB3  sing N N 96  
GLU CG  CD   sing N N 97  
GLU CG  HG2  sing N N 98  
GLU CG  HG3  sing N N 99  
GLU CD  OE1  doub N N 100 
GLU CD  OE2  sing N N 101 
GLU OE2 HE2  sing N N 102 
GLU OXT HXT  sing N N 103 
GLY N   CA   sing N N 104 
GLY N   H    sing N N 105 
GLY N   H2   sing N N 106 
GLY CA  C    sing N N 107 
GLY CA  HA2  sing N N 108 
GLY CA  HA3  sing N N 109 
GLY C   O    doub N N 110 
GLY C   OXT  sing N N 111 
GLY OXT HXT  sing N N 112 
GOL C1  O1   sing N N 113 
GOL C1  C2   sing N N 114 
GOL C1  H11  sing N N 115 
GOL C1  H12  sing N N 116 
GOL O1  HO1  sing N N 117 
GOL C2  O2   sing N N 118 
GOL C2  C3   sing N N 119 
GOL C2  H2   sing N N 120 
GOL O2  HO2  sing N N 121 
GOL C3  O3   sing N N 122 
GOL C3  H31  sing N N 123 
GOL C3  H32  sing N N 124 
GOL O3  HO3  sing N N 125 
HIS N   CA   sing N N 126 
HIS N   H    sing N N 127 
HIS N   H2   sing N N 128 
HIS CA  C    sing N N 129 
HIS CA  CB   sing N N 130 
HIS CA  HA   sing N N 131 
HIS C   O    doub N N 132 
HIS C   OXT  sing N N 133 
HIS CB  CG   sing N N 134 
HIS CB  HB2  sing N N 135 
HIS CB  HB3  sing N N 136 
HIS CG  ND1  sing Y N 137 
HIS CG  CD2  doub Y N 138 
HIS ND1 CE1  doub Y N 139 
HIS ND1 HD1  sing N N 140 
HIS CD2 NE2  sing Y N 141 
HIS CD2 HD2  sing N N 142 
HIS CE1 NE2  sing Y N 143 
HIS CE1 HE1  sing N N 144 
HIS NE2 HE2  sing N N 145 
HIS OXT HXT  sing N N 146 
HOH O   H1   sing N N 147 
HOH O   H2   sing N N 148 
ILE N   CA   sing N N 149 
ILE N   H    sing N N 150 
ILE N   H2   sing N N 151 
ILE CA  C    sing N N 152 
ILE CA  CB   sing N N 153 
ILE CA  HA   sing N N 154 
ILE C   O    doub N N 155 
ILE C   OXT  sing N N 156 
ILE CB  CG1  sing N N 157 
ILE CB  CG2  sing N N 158 
ILE CB  HB   sing N N 159 
ILE CG1 CD1  sing N N 160 
ILE CG1 HG12 sing N N 161 
ILE CG1 HG13 sing N N 162 
ILE CG2 HG21 sing N N 163 
ILE CG2 HG22 sing N N 164 
ILE CG2 HG23 sing N N 165 
ILE CD1 HD11 sing N N 166 
ILE CD1 HD12 sing N N 167 
ILE CD1 HD13 sing N N 168 
ILE OXT HXT  sing N N 169 
LEU N   CA   sing N N 170 
LEU N   H    sing N N 171 
LEU N   H2   sing N N 172 
LEU CA  C    sing N N 173 
LEU CA  CB   sing N N 174 
LEU CA  HA   sing N N 175 
LEU C   O    doub N N 176 
LEU C   OXT  sing N N 177 
LEU CB  CG   sing N N 178 
LEU CB  HB2  sing N N 179 
LEU CB  HB3  sing N N 180 
LEU CG  CD1  sing N N 181 
LEU CG  CD2  sing N N 182 
LEU CG  HG   sing N N 183 
LEU CD1 HD11 sing N N 184 
LEU CD1 HD12 sing N N 185 
LEU CD1 HD13 sing N N 186 
LEU CD2 HD21 sing N N 187 
LEU CD2 HD22 sing N N 188 
LEU CD2 HD23 sing N N 189 
LEU OXT HXT  sing N N 190 
LYS N   CA   sing N N 191 
LYS N   H    sing N N 192 
LYS N   H2   sing N N 193 
LYS CA  C    sing N N 194 
LYS CA  CB   sing N N 195 
LYS CA  HA   sing N N 196 
LYS C   O    doub N N 197 
LYS C   OXT  sing N N 198 
LYS CB  CG   sing N N 199 
LYS CB  HB2  sing N N 200 
LYS CB  HB3  sing N N 201 
LYS CG  CD   sing N N 202 
LYS CG  HG2  sing N N 203 
LYS CG  HG3  sing N N 204 
LYS CD  CE   sing N N 205 
LYS CD  HD2  sing N N 206 
LYS CD  HD3  sing N N 207 
LYS CE  NZ   sing N N 208 
LYS CE  HE2  sing N N 209 
LYS CE  HE3  sing N N 210 
LYS NZ  HZ1  sing N N 211 
LYS NZ  HZ2  sing N N 212 
LYS NZ  HZ3  sing N N 213 
LYS OXT HXT  sing N N 214 
MET N   CA   sing N N 215 
MET N   H    sing N N 216 
MET N   H2   sing N N 217 
MET CA  C    sing N N 218 
MET CA  CB   sing N N 219 
MET CA  HA   sing N N 220 
MET C   O    doub N N 221 
MET C   OXT  sing N N 222 
MET CB  CG   sing N N 223 
MET CB  HB2  sing N N 224 
MET CB  HB3  sing N N 225 
MET CG  SD   sing N N 226 
MET CG  HG2  sing N N 227 
MET CG  HG3  sing N N 228 
MET SD  CE   sing N N 229 
MET CE  HE1  sing N N 230 
MET CE  HE2  sing N N 231 
MET CE  HE3  sing N N 232 
MET OXT HXT  sing N N 233 
PHE N   CA   sing N N 234 
PHE N   H    sing N N 235 
PHE N   H2   sing N N 236 
PHE CA  C    sing N N 237 
PHE CA  CB   sing N N 238 
PHE CA  HA   sing N N 239 
PHE C   O    doub N N 240 
PHE C   OXT  sing N N 241 
PHE CB  CG   sing N N 242 
PHE CB  HB2  sing N N 243 
PHE CB  HB3  sing N N 244 
PHE CG  CD1  doub Y N 245 
PHE CG  CD2  sing Y N 246 
PHE CD1 CE1  sing Y N 247 
PHE CD1 HD1  sing N N 248 
PHE CD2 CE2  doub Y N 249 
PHE CD2 HD2  sing N N 250 
PHE CE1 CZ   doub Y N 251 
PHE CE1 HE1  sing N N 252 
PHE CE2 CZ   sing Y N 253 
PHE CE2 HE2  sing N N 254 
PHE CZ  HZ   sing N N 255 
PHE OXT HXT  sing N N 256 
PRO N   CA   sing N N 257 
PRO N   CD   sing N N 258 
PRO N   H    sing N N 259 
PRO CA  C    sing N N 260 
PRO CA  CB   sing N N 261 
PRO CA  HA   sing N N 262 
PRO C   O    doub N N 263 
PRO C   OXT  sing N N 264 
PRO CB  CG   sing N N 265 
PRO CB  HB2  sing N N 266 
PRO CB  HB3  sing N N 267 
PRO CG  CD   sing N N 268 
PRO CG  HG2  sing N N 269 
PRO CG  HG3  sing N N 270 
PRO CD  HD2  sing N N 271 
PRO CD  HD3  sing N N 272 
PRO OXT HXT  sing N N 273 
SER N   CA   sing N N 274 
SER N   H    sing N N 275 
SER N   H2   sing N N 276 
SER CA  C    sing N N 277 
SER CA  CB   sing N N 278 
SER CA  HA   sing N N 279 
SER C   O    doub N N 280 
SER C   OXT  sing N N 281 
SER CB  OG   sing N N 282 
SER CB  HB2  sing N N 283 
SER CB  HB3  sing N N 284 
SER OG  HG   sing N N 285 
SER OXT HXT  sing N N 286 
THR N   CA   sing N N 287 
THR N   H    sing N N 288 
THR N   H2   sing N N 289 
THR CA  C    sing N N 290 
THR CA  CB   sing N N 291 
THR CA  HA   sing N N 292 
THR C   O    doub N N 293 
THR C   OXT  sing N N 294 
THR CB  OG1  sing N N 295 
THR CB  CG2  sing N N 296 
THR CB  HB   sing N N 297 
THR OG1 HG1  sing N N 298 
THR CG2 HG21 sing N N 299 
THR CG2 HG22 sing N N 300 
THR CG2 HG23 sing N N 301 
THR OXT HXT  sing N N 302 
TRP N   CA   sing N N 303 
TRP N   H    sing N N 304 
TRP N   H2   sing N N 305 
TRP CA  C    sing N N 306 
TRP CA  CB   sing N N 307 
TRP CA  HA   sing N N 308 
TRP C   O    doub N N 309 
TRP C   OXT  sing N N 310 
TRP CB  CG   sing N N 311 
TRP CB  HB2  sing N N 312 
TRP CB  HB3  sing N N 313 
TRP CG  CD1  doub Y N 314 
TRP CG  CD2  sing Y N 315 
TRP CD1 NE1  sing Y N 316 
TRP CD1 HD1  sing N N 317 
TRP CD2 CE2  doub Y N 318 
TRP CD2 CE3  sing Y N 319 
TRP NE1 CE2  sing Y N 320 
TRP NE1 HE1  sing N N 321 
TRP CE2 CZ2  sing Y N 322 
TRP CE3 CZ3  doub Y N 323 
TRP CE3 HE3  sing N N 324 
TRP CZ2 CH2  doub Y N 325 
TRP CZ2 HZ2  sing N N 326 
TRP CZ3 CH2  sing Y N 327 
TRP CZ3 HZ3  sing N N 328 
TRP CH2 HH2  sing N N 329 
TRP OXT HXT  sing N N 330 
TYR N   CA   sing N N 331 
TYR N   H    sing N N 332 
TYR N   H2   sing N N 333 
TYR CA  C    sing N N 334 
TYR CA  CB   sing N N 335 
TYR CA  HA   sing N N 336 
TYR C   O    doub N N 337 
TYR C   OXT  sing N N 338 
TYR CB  CG   sing N N 339 
TYR CB  HB2  sing N N 340 
TYR CB  HB3  sing N N 341 
TYR CG  CD1  doub Y N 342 
TYR CG  CD2  sing Y N 343 
TYR CD1 CE1  sing Y N 344 
TYR CD1 HD1  sing N N 345 
TYR CD2 CE2  doub Y N 346 
TYR CD2 HD2  sing N N 347 
TYR CE1 CZ   doub Y N 348 
TYR CE1 HE1  sing N N 349 
TYR CE2 CZ   sing Y N 350 
TYR CE2 HE2  sing N N 351 
TYR CZ  OH   sing N N 352 
TYR OH  HH   sing N N 353 
TYR OXT HXT  sing N N 354 
VAL N   CA   sing N N 355 
VAL N   H    sing N N 356 
VAL N   H2   sing N N 357 
VAL CA  C    sing N N 358 
VAL CA  CB   sing N N 359 
VAL CA  HA   sing N N 360 
VAL C   O    doub N N 361 
VAL C   OXT  sing N N 362 
VAL CB  CG1  sing N N 363 
VAL CB  CG2  sing N N 364 
VAL CB  HB   sing N N 365 
VAL CG1 HG11 sing N N 366 
VAL CG1 HG12 sing N N 367 
VAL CG1 HG13 sing N N 368 
VAL CG2 HG21 sing N N 369 
VAL CG2 HG22 sing N N 370 
VAL CG2 HG23 sing N N 371 
VAL OXT HXT  sing N N 372 
# 
loop_
_pdbx_entity_nonpoly.entity_id 
_pdbx_entity_nonpoly.name 
_pdbx_entity_nonpoly.comp_id 
2 GLYCEROL GOL 
3 water    HOH 
# 
_pdbx_initial_refinement_model.id               1 
_pdbx_initial_refinement_model.entity_id_list   ? 
_pdbx_initial_refinement_model.type             'experimental model' 
_pdbx_initial_refinement_model.source_name      PDB 
_pdbx_initial_refinement_model.accession_code   3F51 
_pdbx_initial_refinement_model.details          'PDB entry 3F51' 
# 
